data_5E3B
# 
_entry.id   5E3B 
# 
_audit_conform.dict_name       mmcif_pdbx.dic 
_audit_conform.dict_version    5.383 
_audit_conform.dict_location   http://mmcif.pdb.org/dictionaries/ascii/mmcif_pdbx.dic 
# 
loop_
_database_2.database_id 
_database_2.database_code 
_database_2.pdbx_database_accession 
_database_2.pdbx_DOI 
PDB   5E3B         pdb_00005e3b 10.2210/pdb5e3b/pdb 
WWPDB D_1000214160 ?            ?                   
# 
loop_
_pdbx_audit_revision_history.ordinal 
_pdbx_audit_revision_history.data_content_type 
_pdbx_audit_revision_history.major_revision 
_pdbx_audit_revision_history.minor_revision 
_pdbx_audit_revision_history.revision_date 
1 'Structure model' 1 0 2016-09-28 
2 'Structure model' 1 1 2016-11-09 
3 'Structure model' 1 2 2024-01-10 
# 
_pdbx_audit_revision_details.ordinal             1 
_pdbx_audit_revision_details.revision_ordinal    1 
_pdbx_audit_revision_details.data_content_type   'Structure model' 
_pdbx_audit_revision_details.provider            repository 
_pdbx_audit_revision_details.type                'Initial release' 
_pdbx_audit_revision_details.description         ? 
_pdbx_audit_revision_details.details             ? 
# 
loop_
_pdbx_audit_revision_group.ordinal 
_pdbx_audit_revision_group.revision_ordinal 
_pdbx_audit_revision_group.data_content_type 
_pdbx_audit_revision_group.group 
1 2 'Structure model' 'Database references'    
2 3 'Structure model' 'Data collection'        
3 3 'Structure model' 'Database references'    
4 3 'Structure model' 'Derived calculations'   
5 3 'Structure model' 'Refinement description' 
# 
loop_
_pdbx_audit_revision_category.ordinal 
_pdbx_audit_revision_category.revision_ordinal 
_pdbx_audit_revision_category.data_content_type 
_pdbx_audit_revision_category.category 
1 3 'Structure model' chem_comp_atom                
2 3 'Structure model' chem_comp_bond                
3 3 'Structure model' database_2                    
4 3 'Structure model' pdbx_initial_refinement_model 
5 3 'Structure model' pdbx_struct_conn_angle        
6 3 'Structure model' struct_conn                   
# 
loop_
_pdbx_audit_revision_item.ordinal 
_pdbx_audit_revision_item.revision_ordinal 
_pdbx_audit_revision_item.data_content_type 
_pdbx_audit_revision_item.item 
1  3 'Structure model' '_database_2.pdbx_DOI'                        
2  3 'Structure model' '_database_2.pdbx_database_accession'         
3  3 'Structure model' '_pdbx_struct_conn_angle.ptnr1_auth_comp_id'  
4  3 'Structure model' '_pdbx_struct_conn_angle.ptnr1_auth_seq_id'   
5  3 'Structure model' '_pdbx_struct_conn_angle.ptnr1_label_alt_id'  
6  3 'Structure model' '_pdbx_struct_conn_angle.ptnr1_label_asym_id' 
7  3 'Structure model' '_pdbx_struct_conn_angle.ptnr1_label_atom_id' 
8  3 'Structure model' '_pdbx_struct_conn_angle.ptnr1_label_comp_id' 
9  3 'Structure model' '_pdbx_struct_conn_angle.ptnr1_label_seq_id'  
10 3 'Structure model' '_pdbx_struct_conn_angle.ptnr2_auth_seq_id'   
11 3 'Structure model' '_pdbx_struct_conn_angle.ptnr2_label_asym_id' 
12 3 'Structure model' '_pdbx_struct_conn_angle.ptnr2_symmetry'      
13 3 'Structure model' '_pdbx_struct_conn_angle.ptnr3_auth_comp_id'  
14 3 'Structure model' '_pdbx_struct_conn_angle.ptnr3_auth_seq_id'   
15 3 'Structure model' '_pdbx_struct_conn_angle.ptnr3_label_alt_id'  
16 3 'Structure model' '_pdbx_struct_conn_angle.ptnr3_label_asym_id' 
17 3 'Structure model' '_pdbx_struct_conn_angle.ptnr3_label_atom_id' 
18 3 'Structure model' '_pdbx_struct_conn_angle.ptnr3_label_comp_id' 
19 3 'Structure model' '_pdbx_struct_conn_angle.ptnr3_label_seq_id'  
20 3 'Structure model' '_pdbx_struct_conn_angle.value'               
21 3 'Structure model' '_struct_conn.pdbx_dist_value'                
22 3 'Structure model' '_struct_conn.pdbx_ptnr1_label_alt_id'        
23 3 'Structure model' '_struct_conn.ptnr1_auth_comp_id'             
24 3 'Structure model' '_struct_conn.ptnr1_auth_seq_id'              
25 3 'Structure model' '_struct_conn.ptnr1_label_asym_id'            
26 3 'Structure model' '_struct_conn.ptnr1_label_atom_id'            
27 3 'Structure model' '_struct_conn.ptnr1_label_comp_id'            
28 3 'Structure model' '_struct_conn.ptnr1_label_seq_id'             
29 3 'Structure model' '_struct_conn.ptnr2_auth_comp_id'             
30 3 'Structure model' '_struct_conn.ptnr2_auth_seq_id'              
31 3 'Structure model' '_struct_conn.ptnr2_label_asym_id'            
32 3 'Structure model' '_struct_conn.ptnr2_label_atom_id'            
33 3 'Structure model' '_struct_conn.ptnr2_label_comp_id'            
34 3 'Structure model' '_struct_conn.ptnr2_symmetry'                 
# 
_pdbx_database_status.status_code                     REL 
_pdbx_database_status.status_code_sf                  REL 
_pdbx_database_status.status_code_mr                  ? 
_pdbx_database_status.entry_id                        5E3B 
_pdbx_database_status.recvd_initial_deposition_date   2015-10-02 
_pdbx_database_status.SG_entry                        N 
_pdbx_database_status.deposit_site                    RCSB 
_pdbx_database_status.process_site                    PDBE 
_pdbx_database_status.status_code_cs                  ? 
_pdbx_database_status.methods_development_category    ? 
_pdbx_database_status.pdb_format_compatible           Y 
_pdbx_database_status.status_code_nmr_data            ? 
# 
loop_
_audit_author.name 
_audit_author.pdbx_ordinal 
'Lalic, J.'              1  
'Posavec Marjanovic, M.' 2  
'Perina, D.'             3  
'Sabljic, I.'            4  
'Zaja, R.'               5  
'Plese, B.'              6  
'Imesek, M.'             7  
'Bucca, G.'              8  
'Ahel, M.'               9  
'Cetkovic, H.'           10 
'Luic, M.'               11 
'Mikoc, A.'              12 
'Ahel, I.'               13 
# 
_citation.abstract                  ? 
_citation.abstract_id_CAS           ? 
_citation.book_id_ISBN              ? 
_citation.book_publisher            ? 
_citation.book_publisher_city       ? 
_citation.book_title                ? 
_citation.coordinate_linkage        ? 
_citation.country                   US 
_citation.database_id_Medline       ? 
_citation.details                   ? 
_citation.id                        primary 
_citation.journal_abbrev            J.Biol.Chem. 
_citation.journal_id_ASTM           JBCHA3 
_citation.journal_id_CSD            0071 
_citation.journal_id_ISSN           1083-351X 
_citation.journal_full              ? 
_citation.journal_issue             ? 
_citation.journal_volume            291 
_citation.language                  ? 
_citation.page_first                23175 
_citation.page_last                 23187 
_citation.title                     
'Disruption of Macrodomain Protein SCO6735 Increases Antibiotic Production in Streptomyces coelicolor.' 
_citation.year                      2016 
_citation.database_id_CSD           ? 
_citation.pdbx_database_id_DOI      10.1074/jbc.M116.721894 
_citation.pdbx_database_id_PubMed   27634042 
_citation.unpublished_flag          ? 
# 
loop_
_citation_author.citation_id 
_citation_author.name 
_citation_author.ordinal 
_citation_author.identifier_ORCID 
primary 'Lalic, J.'              1  ? 
primary 'Posavec Marjanovic, M.' 2  ? 
primary 'Palazzo, L.'            3  ? 
primary 'Perina, D.'             4  ? 
primary 'Sabljic, I.'            5  ? 
primary 'Zaja, R.'               6  ? 
primary 'Colby, T.'              7  ? 
primary 'Plese, B.'              8  ? 
primary 'Halasz, M.'             9  ? 
primary 'Jankevicius, G.'        10 ? 
primary 'Bucca, G.'              11 ? 
primary 'Ahel, M.'               12 ? 
primary 'Matic, I.'              13 ? 
primary 'Cetkovic, H.'           14 ? 
primary 'Luic, M.'               15 ? 
primary 'Mikoc, A.'              16 ? 
primary 'Ahel, I.'               17 ? 
# 
loop_
_entity.id 
_entity.type 
_entity.src_method 
_entity.pdbx_description 
_entity.formula_weight 
_entity.pdbx_number_of_molecules 
_entity.pdbx_ec 
_entity.pdbx_mutation 
_entity.pdbx_fragment 
_entity.details 
1 polymer     man 'Macrodomain protein' 19565.182 1   ? ? ? ? 
2 non-polymer syn 'SODIUM ION'          22.990    2   ? ? ? ? 
3 non-polymer syn 1,2-ETHANEDIOL        62.068    1   ? ? ? ? 
4 water       nat water                 18.015    161 ? ? ? ? 
# 
_entity_poly.entity_id                      1 
_entity_poly.type                           'polypeptide(L)' 
_entity_poly.nstd_linkage                   no 
_entity_poly.nstd_monomer                   no 
_entity_poly.pdbx_seq_one_letter_code       
;MGSSHHHHHHSSGLVPRGSHMSEISYVRGDATAPSVKGVKMIAHVCNDLGGWGKGFVLAVSRRWPQPEAAYRAWHRDRAA
NDFGLGAVQFVQVEPYVWVANMIGQHGMKTGSKGAPVRYEAIGTALGRVADRAAELEASVHLPRIGCGLAGGTWSRVEPL
ISDRLTRRGIPVTVYDHGDTA
;
_entity_poly.pdbx_seq_one_letter_code_can   
;MGSSHHHHHHSSGLVPRGSHMSEISYVRGDATAPSVKGVKMIAHVCNDLGGWGKGFVLAVSRRWPQPEAAYRAWHRDRAA
NDFGLGAVQFVQVEPYVWVANMIGQHGMKTGSKGAPVRYEAIGTALGRVADRAAELEASVHLPRIGCGLAGGTWSRVEPL
ISDRLTRRGIPVTVYDHGDTA
;
_entity_poly.pdbx_strand_id                 A 
_entity_poly.pdbx_target_identifier         ? 
# 
loop_
_pdbx_entity_nonpoly.entity_id 
_pdbx_entity_nonpoly.name 
_pdbx_entity_nonpoly.comp_id 
2 'SODIUM ION'   NA  
3 1,2-ETHANEDIOL EDO 
4 water          HOH 
# 
loop_
_entity_poly_seq.entity_id 
_entity_poly_seq.num 
_entity_poly_seq.mon_id 
_entity_poly_seq.hetero 
1 1   MET n 
1 2   GLY n 
1 3   SER n 
1 4   SER n 
1 5   HIS n 
1 6   HIS n 
1 7   HIS n 
1 8   HIS n 
1 9   HIS n 
1 10  HIS n 
1 11  SER n 
1 12  SER n 
1 13  GLY n 
1 14  LEU n 
1 15  VAL n 
1 16  PRO n 
1 17  ARG n 
1 18  GLY n 
1 19  SER n 
1 20  HIS n 
1 21  MET n 
1 22  SER n 
1 23  GLU n 
1 24  ILE n 
1 25  SER n 
1 26  TYR n 
1 27  VAL n 
1 28  ARG n 
1 29  GLY n 
1 30  ASP n 
1 31  ALA n 
1 32  THR n 
1 33  ALA n 
1 34  PRO n 
1 35  SER n 
1 36  VAL n 
1 37  LYS n 
1 38  GLY n 
1 39  VAL n 
1 40  LYS n 
1 41  MET n 
1 42  ILE n 
1 43  ALA n 
1 44  HIS n 
1 45  VAL n 
1 46  CYS n 
1 47  ASN n 
1 48  ASP n 
1 49  LEU n 
1 50  GLY n 
1 51  GLY n 
1 52  TRP n 
1 53  GLY n 
1 54  LYS n 
1 55  GLY n 
1 56  PHE n 
1 57  VAL n 
1 58  LEU n 
1 59  ALA n 
1 60  VAL n 
1 61  SER n 
1 62  ARG n 
1 63  ARG n 
1 64  TRP n 
1 65  PRO n 
1 66  GLN n 
1 67  PRO n 
1 68  GLU n 
1 69  ALA n 
1 70  ALA n 
1 71  TYR n 
1 72  ARG n 
1 73  ALA n 
1 74  TRP n 
1 75  HIS n 
1 76  ARG n 
1 77  ASP n 
1 78  ARG n 
1 79  ALA n 
1 80  ALA n 
1 81  ASN n 
1 82  ASP n 
1 83  PHE n 
1 84  GLY n 
1 85  LEU n 
1 86  GLY n 
1 87  ALA n 
1 88  VAL n 
1 89  GLN n 
1 90  PHE n 
1 91  VAL n 
1 92  GLN n 
1 93  VAL n 
1 94  GLU n 
1 95  PRO n 
1 96  TYR n 
1 97  VAL n 
1 98  TRP n 
1 99  VAL n 
1 100 ALA n 
1 101 ASN n 
1 102 MET n 
1 103 ILE n 
1 104 GLY n 
1 105 GLN n 
1 106 HIS n 
1 107 GLY n 
1 108 MET n 
1 109 LYS n 
1 110 THR n 
1 111 GLY n 
1 112 SER n 
1 113 LYS n 
1 114 GLY n 
1 115 ALA n 
1 116 PRO n 
1 117 VAL n 
1 118 ARG n 
1 119 TYR n 
1 120 GLU n 
1 121 ALA n 
1 122 ILE n 
1 123 GLY n 
1 124 THR n 
1 125 ALA n 
1 126 LEU n 
1 127 GLY n 
1 128 ARG n 
1 129 VAL n 
1 130 ALA n 
1 131 ASP n 
1 132 ARG n 
1 133 ALA n 
1 134 ALA n 
1 135 GLU n 
1 136 LEU n 
1 137 GLU n 
1 138 ALA n 
1 139 SER n 
1 140 VAL n 
1 141 HIS n 
1 142 LEU n 
1 143 PRO n 
1 144 ARG n 
1 145 ILE n 
1 146 GLY n 
1 147 CYS n 
1 148 GLY n 
1 149 LEU n 
1 150 ALA n 
1 151 GLY n 
1 152 GLY n 
1 153 THR n 
1 154 TRP n 
1 155 SER n 
1 156 ARG n 
1 157 VAL n 
1 158 GLU n 
1 159 PRO n 
1 160 LEU n 
1 161 ILE n 
1 162 SER n 
1 163 ASP n 
1 164 ARG n 
1 165 LEU n 
1 166 THR n 
1 167 ARG n 
1 168 ARG n 
1 169 GLY n 
1 170 ILE n 
1 171 PRO n 
1 172 VAL n 
1 173 THR n 
1 174 VAL n 
1 175 TYR n 
1 176 ASP n 
1 177 HIS n 
1 178 GLY n 
1 179 ASP n 
1 180 THR n 
1 181 ALA n 
# 
_entity_src_gen.entity_id                          1 
_entity_src_gen.pdbx_src_id                        1 
_entity_src_gen.pdbx_alt_source_flag               sample 
_entity_src_gen.pdbx_seq_type                      'Biological sequence' 
_entity_src_gen.pdbx_beg_seq_num                   1 
_entity_src_gen.pdbx_end_seq_num                   181 
_entity_src_gen.gene_src_common_name               ? 
_entity_src_gen.gene_src_genus                     ? 
_entity_src_gen.pdbx_gene_src_gene                 SCO6735 
_entity_src_gen.gene_src_species                   ? 
_entity_src_gen.gene_src_strain                    'ATCC BAA-471 / A3(2) / M145' 
_entity_src_gen.gene_src_tissue                    ? 
_entity_src_gen.gene_src_tissue_fraction           ? 
_entity_src_gen.gene_src_details                   ? 
_entity_src_gen.pdbx_gene_src_fragment             ? 
_entity_src_gen.pdbx_gene_src_scientific_name      'Streptomyces coelicolor (strain ATCC BAA-471 / A3(2) / M145)' 
_entity_src_gen.pdbx_gene_src_ncbi_taxonomy_id     100226 
_entity_src_gen.pdbx_gene_src_variant              ? 
_entity_src_gen.pdbx_gene_src_cell_line            ? 
_entity_src_gen.pdbx_gene_src_atcc                 ? 
_entity_src_gen.pdbx_gene_src_organ                ? 
_entity_src_gen.pdbx_gene_src_organelle            ? 
_entity_src_gen.pdbx_gene_src_cell                 ? 
_entity_src_gen.pdbx_gene_src_cellular_location    ? 
_entity_src_gen.host_org_common_name               ? 
_entity_src_gen.pdbx_host_org_scientific_name      'Escherichia coli' 
_entity_src_gen.pdbx_host_org_ncbi_taxonomy_id     562 
_entity_src_gen.host_org_genus                     ? 
_entity_src_gen.pdbx_host_org_gene                 ? 
_entity_src_gen.pdbx_host_org_organ                ? 
_entity_src_gen.host_org_species                   ? 
_entity_src_gen.pdbx_host_org_tissue               ? 
_entity_src_gen.pdbx_host_org_tissue_fraction      ? 
_entity_src_gen.pdbx_host_org_strain               ? 
_entity_src_gen.pdbx_host_org_variant              ? 
_entity_src_gen.pdbx_host_org_cell_line            ? 
_entity_src_gen.pdbx_host_org_atcc                 ? 
_entity_src_gen.pdbx_host_org_culture_collection   ? 
_entity_src_gen.pdbx_host_org_cell                 ? 
_entity_src_gen.pdbx_host_org_organelle            ? 
_entity_src_gen.pdbx_host_org_cellular_location    ? 
_entity_src_gen.pdbx_host_org_vector_type          ? 
_entity_src_gen.pdbx_host_org_vector               ? 
_entity_src_gen.host_org_details                   ? 
_entity_src_gen.expression_system_id               ? 
_entity_src_gen.plasmid_name                       ? 
_entity_src_gen.plasmid_details                    ? 
_entity_src_gen.pdbx_description                   ? 
# 
loop_
_chem_comp.id 
_chem_comp.type 
_chem_comp.mon_nstd_flag 
_chem_comp.name 
_chem_comp.pdbx_synonyms 
_chem_comp.formula 
_chem_comp.formula_weight 
ALA 'L-peptide linking' y ALANINE         ?                 'C3 H7 N O2'     89.093  
ARG 'L-peptide linking' y ARGININE        ?                 'C6 H15 N4 O2 1' 175.209 
ASN 'L-peptide linking' y ASPARAGINE      ?                 'C4 H8 N2 O3'    132.118 
ASP 'L-peptide linking' y 'ASPARTIC ACID' ?                 'C4 H7 N O4'     133.103 
CYS 'L-peptide linking' y CYSTEINE        ?                 'C3 H7 N O2 S'   121.158 
EDO non-polymer         . 1,2-ETHANEDIOL  'ETHYLENE GLYCOL' 'C2 H6 O2'       62.068  
GLN 'L-peptide linking' y GLUTAMINE       ?                 'C5 H10 N2 O3'   146.144 
GLU 'L-peptide linking' y 'GLUTAMIC ACID' ?                 'C5 H9 N O4'     147.129 
GLY 'peptide linking'   y GLYCINE         ?                 'C2 H5 N O2'     75.067  
HIS 'L-peptide linking' y HISTIDINE       ?                 'C6 H10 N3 O2 1' 156.162 
HOH non-polymer         . WATER           ?                 'H2 O'           18.015  
ILE 'L-peptide linking' y ISOLEUCINE      ?                 'C6 H13 N O2'    131.173 
LEU 'L-peptide linking' y LEUCINE         ?                 'C6 H13 N O2'    131.173 
LYS 'L-peptide linking' y LYSINE          ?                 'C6 H15 N2 O2 1' 147.195 
MET 'L-peptide linking' y METHIONINE      ?                 'C5 H11 N O2 S'  149.211 
NA  non-polymer         . 'SODIUM ION'    ?                 'Na 1'           22.990  
PHE 'L-peptide linking' y PHENYLALANINE   ?                 'C9 H11 N O2'    165.189 
PRO 'L-peptide linking' y PROLINE         ?                 'C5 H9 N O2'     115.130 
SER 'L-peptide linking' y SERINE          ?                 'C3 H7 N O3'     105.093 
THR 'L-peptide linking' y THREONINE       ?                 'C4 H9 N O3'     119.119 
TRP 'L-peptide linking' y TRYPTOPHAN      ?                 'C11 H12 N2 O2'  204.225 
TYR 'L-peptide linking' y TYROSINE        ?                 'C9 H11 N O3'    181.189 
VAL 'L-peptide linking' y VALINE          ?                 'C5 H11 N O2'    117.146 
# 
loop_
_pdbx_poly_seq_scheme.asym_id 
_pdbx_poly_seq_scheme.entity_id 
_pdbx_poly_seq_scheme.seq_id 
_pdbx_poly_seq_scheme.mon_id 
_pdbx_poly_seq_scheme.ndb_seq_num 
_pdbx_poly_seq_scheme.pdb_seq_num 
_pdbx_poly_seq_scheme.auth_seq_num 
_pdbx_poly_seq_scheme.pdb_mon_id 
_pdbx_poly_seq_scheme.auth_mon_id 
_pdbx_poly_seq_scheme.pdb_strand_id 
_pdbx_poly_seq_scheme.pdb_ins_code 
_pdbx_poly_seq_scheme.hetero 
A 1 1   MET 1   -19 ?   ?   ?   A . n 
A 1 2   GLY 2   -18 ?   ?   ?   A . n 
A 1 3   SER 3   -17 ?   ?   ?   A . n 
A 1 4   SER 4   -16 ?   ?   ?   A . n 
A 1 5   HIS 5   -15 ?   ?   ?   A . n 
A 1 6   HIS 6   -14 ?   ?   ?   A . n 
A 1 7   HIS 7   -13 ?   ?   ?   A . n 
A 1 8   HIS 8   -12 ?   ?   ?   A . n 
A 1 9   HIS 9   -11 ?   ?   ?   A . n 
A 1 10  HIS 10  -10 ?   ?   ?   A . n 
A 1 11  SER 11  -9  ?   ?   ?   A . n 
A 1 12  SER 12  -8  ?   ?   ?   A . n 
A 1 13  GLY 13  -7  ?   ?   ?   A . n 
A 1 14  LEU 14  -6  ?   ?   ?   A . n 
A 1 15  VAL 15  -5  ?   ?   ?   A . n 
A 1 16  PRO 16  -4  ?   ?   ?   A . n 
A 1 17  ARG 17  -3  ?   ?   ?   A . n 
A 1 18  GLY 18  -2  ?   ?   ?   A . n 
A 1 19  SER 19  -1  ?   ?   ?   A . n 
A 1 20  HIS 20  0   ?   ?   ?   A . n 
A 1 21  MET 21  1   ?   ?   ?   A . n 
A 1 22  SER 22  2   ?   ?   ?   A . n 
A 1 23  GLU 23  3   3   GLU GLU A . n 
A 1 24  ILE 24  4   4   ILE ILE A . n 
A 1 25  SER 25  5   5   SER SER A . n 
A 1 26  TYR 26  6   6   TYR TYR A . n 
A 1 27  VAL 27  7   7   VAL VAL A . n 
A 1 28  ARG 28  8   8   ARG ARG A . n 
A 1 29  GLY 29  9   9   GLY GLY A . n 
A 1 30  ASP 30  10  10  ASP ASP A . n 
A 1 31  ALA 31  11  11  ALA ALA A . n 
A 1 32  THR 32  12  12  THR THR A . n 
A 1 33  ALA 33  13  13  ALA ALA A . n 
A 1 34  PRO 34  14  14  PRO PRO A . n 
A 1 35  SER 35  15  15  SER SER A . n 
A 1 36  VAL 36  16  16  VAL VAL A . n 
A 1 37  LYS 37  17  17  LYS LYS A . n 
A 1 38  GLY 38  18  18  GLY GLY A . n 
A 1 39  VAL 39  19  19  VAL VAL A . n 
A 1 40  LYS 40  20  20  LYS LYS A . n 
A 1 41  MET 41  21  21  MET MET A . n 
A 1 42  ILE 42  22  22  ILE ILE A . n 
A 1 43  ALA 43  23  23  ALA ALA A . n 
A 1 44  HIS 44  24  24  HIS HIS A . n 
A 1 45  VAL 45  25  25  VAL VAL A . n 
A 1 46  CYS 46  26  26  CYS CYS A . n 
A 1 47  ASN 47  27  27  ASN ASN A . n 
A 1 48  ASP 48  28  28  ASP ASP A . n 
A 1 49  LEU 49  29  29  LEU LEU A . n 
A 1 50  GLY 50  30  30  GLY GLY A . n 
A 1 51  GLY 51  31  31  GLY GLY A . n 
A 1 52  TRP 52  32  32  TRP TRP A . n 
A 1 53  GLY 53  33  33  GLY GLY A . n 
A 1 54  LYS 54  34  34  LYS LYS A . n 
A 1 55  GLY 55  35  35  GLY GLY A . n 
A 1 56  PHE 56  36  36  PHE PHE A . n 
A 1 57  VAL 57  37  37  VAL VAL A . n 
A 1 58  LEU 58  38  38  LEU LEU A . n 
A 1 59  ALA 59  39  39  ALA ALA A . n 
A 1 60  VAL 60  40  40  VAL VAL A . n 
A 1 61  SER 61  41  41  SER SER A . n 
A 1 62  ARG 62  42  42  ARG ARG A . n 
A 1 63  ARG 63  43  43  ARG ARG A . n 
A 1 64  TRP 64  44  44  TRP TRP A . n 
A 1 65  PRO 65  45  45  PRO PRO A . n 
A 1 66  GLN 66  46  46  GLN GLN A . n 
A 1 67  PRO 67  47  47  PRO PRO A . n 
A 1 68  GLU 68  48  48  GLU GLU A . n 
A 1 69  ALA 69  49  49  ALA ALA A . n 
A 1 70  ALA 70  50  50  ALA ALA A . n 
A 1 71  TYR 71  51  51  TYR TYR A . n 
A 1 72  ARG 72  52  52  ARG ARG A . n 
A 1 73  ALA 73  53  53  ALA ALA A . n 
A 1 74  TRP 74  54  54  TRP TRP A . n 
A 1 75  HIS 75  55  55  HIS HIS A . n 
A 1 76  ARG 76  56  56  ARG ARG A . n 
A 1 77  ASP 77  57  57  ASP ASP A . n 
A 1 78  ARG 78  58  58  ARG ARG A . n 
A 1 79  ALA 79  59  59  ALA ALA A . n 
A 1 80  ALA 80  60  60  ALA ALA A . n 
A 1 81  ASN 81  61  61  ASN ASN A . n 
A 1 82  ASP 82  62  62  ASP ASP A . n 
A 1 83  PHE 83  63  63  PHE PHE A . n 
A 1 84  GLY 84  64  64  GLY GLY A . n 
A 1 85  LEU 85  65  65  LEU LEU A . n 
A 1 86  GLY 86  66  66  GLY GLY A . n 
A 1 87  ALA 87  67  67  ALA ALA A . n 
A 1 88  VAL 88  68  68  VAL VAL A . n 
A 1 89  GLN 89  69  69  GLN GLN A . n 
A 1 90  PHE 90  70  70  PHE PHE A . n 
A 1 91  VAL 91  71  71  VAL VAL A . n 
A 1 92  GLN 92  72  72  GLN GLN A . n 
A 1 93  VAL 93  73  73  VAL VAL A . n 
A 1 94  GLU 94  74  74  GLU GLU A . n 
A 1 95  PRO 95  75  75  PRO PRO A . n 
A 1 96  TYR 96  76  76  TYR TYR A . n 
A 1 97  VAL 97  77  77  VAL VAL A . n 
A 1 98  TRP 98  78  78  TRP TRP A . n 
A 1 99  VAL 99  79  79  VAL VAL A . n 
A 1 100 ALA 100 80  80  ALA ALA A . n 
A 1 101 ASN 101 81  81  ASN ASN A . n 
A 1 102 MET 102 82  82  MET MET A . n 
A 1 103 ILE 103 83  83  ILE ILE A . n 
A 1 104 GLY 104 84  84  GLY GLY A . n 
A 1 105 GLN 105 85  85  GLN GLN A . n 
A 1 106 HIS 106 86  86  HIS HIS A . n 
A 1 107 GLY 107 87  87  GLY GLY A . n 
A 1 108 MET 108 88  88  MET MET A . n 
A 1 109 LYS 109 89  89  LYS LYS A . n 
A 1 110 THR 110 90  ?   ?   ?   A . n 
A 1 111 GLY 111 91  ?   ?   ?   A . n 
A 1 112 SER 112 92  ?   ?   ?   A . n 
A 1 113 LYS 113 93  ?   ?   ?   A . n 
A 1 114 GLY 114 94  ?   ?   ?   A . n 
A 1 115 ALA 115 95  ?   ?   ?   A . n 
A 1 116 PRO 116 96  96  PRO PRO A . n 
A 1 117 VAL 117 97  97  VAL VAL A . n 
A 1 118 ARG 118 98  98  ARG ARG A . n 
A 1 119 TYR 119 99  99  TYR TYR A . n 
A 1 120 GLU 120 100 100 GLU GLU A . n 
A 1 121 ALA 121 101 101 ALA ALA A . n 
A 1 122 ILE 122 102 102 ILE ILE A . n 
A 1 123 GLY 123 103 103 GLY GLY A . n 
A 1 124 THR 124 104 104 THR THR A . n 
A 1 125 ALA 125 105 105 ALA ALA A . n 
A 1 126 LEU 126 106 106 LEU LEU A . n 
A 1 127 GLY 127 107 107 GLY GLY A . n 
A 1 128 ARG 128 108 108 ARG ARG A . n 
A 1 129 VAL 129 109 109 VAL VAL A . n 
A 1 130 ALA 130 110 110 ALA ALA A . n 
A 1 131 ASP 131 111 111 ASP ASP A . n 
A 1 132 ARG 132 112 112 ARG ARG A . n 
A 1 133 ALA 133 113 113 ALA ALA A . n 
A 1 134 ALA 134 114 114 ALA ALA A . n 
A 1 135 GLU 135 115 115 GLU GLU A . n 
A 1 136 LEU 136 116 116 LEU LEU A . n 
A 1 137 GLU 137 117 117 GLU GLU A . n 
A 1 138 ALA 138 118 118 ALA ALA A . n 
A 1 139 SER 139 119 119 SER SER A . n 
A 1 140 VAL 140 120 120 VAL VAL A . n 
A 1 141 HIS 141 121 121 HIS HIS A . n 
A 1 142 LEU 142 122 122 LEU LEU A . n 
A 1 143 PRO 143 123 123 PRO PRO A . n 
A 1 144 ARG 144 124 124 ARG ARG A . n 
A 1 145 ILE 145 125 125 ILE ILE A . n 
A 1 146 GLY 146 126 ?   ?   ?   A . n 
A 1 147 CYS 147 127 ?   ?   ?   A . n 
A 1 148 GLY 148 128 128 GLY GLY A . n 
A 1 149 LEU 149 129 129 LEU LEU A . n 
A 1 150 ALA 150 130 130 ALA ALA A . n 
A 1 151 GLY 151 131 131 GLY GLY A . n 
A 1 152 GLY 152 132 132 GLY GLY A . n 
A 1 153 THR 153 133 133 THR THR A . n 
A 1 154 TRP 154 134 134 TRP TRP A . n 
A 1 155 SER 155 135 135 SER SER A . n 
A 1 156 ARG 156 136 136 ARG ARG A . n 
A 1 157 VAL 157 137 137 VAL VAL A . n 
A 1 158 GLU 158 138 138 GLU GLU A . n 
A 1 159 PRO 159 139 139 PRO PRO A . n 
A 1 160 LEU 160 140 140 LEU LEU A . n 
A 1 161 ILE 161 141 141 ILE ILE A . n 
A 1 162 SER 162 142 142 SER SER A . n 
A 1 163 ASP 163 143 143 ASP ASP A . n 
A 1 164 ARG 164 144 144 ARG ARG A . n 
A 1 165 LEU 165 145 145 LEU LEU A . n 
A 1 166 THR 166 146 146 THR THR A . n 
A 1 167 ARG 167 147 147 ARG ARG A . n 
A 1 168 ARG 168 148 148 ARG ARG A . n 
A 1 169 GLY 169 149 149 GLY GLY A . n 
A 1 170 ILE 170 150 150 ILE ILE A . n 
A 1 171 PRO 171 151 151 PRO PRO A . n 
A 1 172 VAL 172 152 152 VAL VAL A . n 
A 1 173 THR 173 153 153 THR THR A . n 
A 1 174 VAL 174 154 154 VAL VAL A . n 
A 1 175 TYR 175 155 155 TYR TYR A . n 
A 1 176 ASP 176 156 156 ASP ASP A . n 
A 1 177 HIS 177 157 157 HIS HIS A . n 
A 1 178 GLY 178 158 158 GLY GLY A . n 
A 1 179 ASP 179 159 ?   ?   ?   A . n 
A 1 180 THR 180 160 ?   ?   ?   A . n 
A 1 181 ALA 181 161 ?   ?   ?   A . n 
# 
loop_
_pdbx_nonpoly_scheme.asym_id 
_pdbx_nonpoly_scheme.entity_id 
_pdbx_nonpoly_scheme.mon_id 
_pdbx_nonpoly_scheme.ndb_seq_num 
_pdbx_nonpoly_scheme.pdb_seq_num 
_pdbx_nonpoly_scheme.auth_seq_num 
_pdbx_nonpoly_scheme.pdb_mon_id 
_pdbx_nonpoly_scheme.auth_mon_id 
_pdbx_nonpoly_scheme.pdb_strand_id 
_pdbx_nonpoly_scheme.pdb_ins_code 
B 2 NA  1   1000 1000 NA  NA  A . 
C 2 NA  1   1001 1001 NA  NA  A . 
D 3 EDO 1   1002 1002 EDO EDO A . 
E 4 HOH 1   1101 1125 HOH HOH A . 
E 4 HOH 2   1102 1062 HOH HOH A . 
E 4 HOH 3   1103 1047 HOH HOH A . 
E 4 HOH 4   1104 1052 HOH HOH A . 
E 4 HOH 5   1105 1025 HOH HOH A . 
E 4 HOH 6   1106 1101 HOH HOH A . 
E 4 HOH 7   1107 1084 HOH HOH A . 
E 4 HOH 8   1108 1072 HOH HOH A . 
E 4 HOH 9   1109 1156 HOH HOH A . 
E 4 HOH 10  1110 1115 HOH HOH A . 
E 4 HOH 11  1111 1077 HOH HOH A . 
E 4 HOH 12  1112 1074 HOH HOH A . 
E 4 HOH 13  1113 1085 HOH HOH A . 
E 4 HOH 14  1114 1091 HOH HOH A . 
E 4 HOH 15  1115 1068 HOH HOH A . 
E 4 HOH 16  1116 1122 HOH HOH A . 
E 4 HOH 17  1117 1027 HOH HOH A . 
E 4 HOH 18  1118 1014 HOH HOH A . 
E 4 HOH 19  1119 1037 HOH HOH A . 
E 4 HOH 20  1120 1022 HOH HOH A . 
E 4 HOH 21  1121 1141 HOH HOH A . 
E 4 HOH 22  1122 1142 HOH HOH A . 
E 4 HOH 23  1123 1146 HOH HOH A . 
E 4 HOH 24  1124 1086 HOH HOH A . 
E 4 HOH 25  1125 1017 HOH HOH A . 
E 4 HOH 26  1126 1071 HOH HOH A . 
E 4 HOH 27  1127 1044 HOH HOH A . 
E 4 HOH 28  1128 1015 HOH HOH A . 
E 4 HOH 29  1129 1007 HOH HOH A . 
E 4 HOH 30  1130 1032 HOH HOH A . 
E 4 HOH 31  1131 1013 HOH HOH A . 
E 4 HOH 32  1132 1120 HOH HOH A . 
E 4 HOH 33  1133 1038 HOH HOH A . 
E 4 HOH 34  1134 1042 HOH HOH A . 
E 4 HOH 35  1135 1067 HOH HOH A . 
E 4 HOH 36  1136 1165 HOH HOH A . 
E 4 HOH 37  1137 1148 HOH HOH A . 
E 4 HOH 38  1138 1117 HOH HOH A . 
E 4 HOH 39  1139 1035 HOH HOH A . 
E 4 HOH 40  1140 1006 HOH HOH A . 
E 4 HOH 41  1141 1105 HOH HOH A . 
E 4 HOH 42  1142 1137 HOH HOH A . 
E 4 HOH 43  1143 1011 HOH HOH A . 
E 4 HOH 44  1144 1152 HOH HOH A . 
E 4 HOH 45  1145 1018 HOH HOH A . 
E 4 HOH 46  1146 1028 HOH HOH A . 
E 4 HOH 47  1147 1110 HOH HOH A . 
E 4 HOH 48  1148 1082 HOH HOH A . 
E 4 HOH 49  1149 1016 HOH HOH A . 
E 4 HOH 50  1150 1054 HOH HOH A . 
E 4 HOH 51  1151 1102 HOH HOH A . 
E 4 HOH 52  1152 1008 HOH HOH A . 
E 4 HOH 53  1153 1050 HOH HOH A . 
E 4 HOH 54  1154 1112 HOH HOH A . 
E 4 HOH 55  1155 1046 HOH HOH A . 
E 4 HOH 56  1156 1010 HOH HOH A . 
E 4 HOH 57  1157 1023 HOH HOH A . 
E 4 HOH 58  1158 1031 HOH HOH A . 
E 4 HOH 59  1159 1109 HOH HOH A . 
E 4 HOH 60  1160 1041 HOH HOH A . 
E 4 HOH 61  1161 1026 HOH HOH A . 
E 4 HOH 62  1162 1078 HOH HOH A . 
E 4 HOH 63  1163 1154 HOH HOH A . 
E 4 HOH 64  1164 1024 HOH HOH A . 
E 4 HOH 65  1165 1030 HOH HOH A . 
E 4 HOH 66  1166 1114 HOH HOH A . 
E 4 HOH 67  1167 1034 HOH HOH A . 
E 4 HOH 68  1168 1076 HOH HOH A . 
E 4 HOH 69  1169 1075 HOH HOH A . 
E 4 HOH 70  1170 1070 HOH HOH A . 
E 4 HOH 71  1171 1157 HOH HOH A . 
E 4 HOH 72  1172 1033 HOH HOH A . 
E 4 HOH 73  1173 1138 HOH HOH A . 
E 4 HOH 74  1174 1069 HOH HOH A . 
E 4 HOH 75  1175 1151 HOH HOH A . 
E 4 HOH 76  1176 1079 HOH HOH A . 
E 4 HOH 77  1177 1135 HOH HOH A . 
E 4 HOH 78  1178 1159 HOH HOH A . 
E 4 HOH 79  1179 1163 HOH HOH A . 
E 4 HOH 80  1180 1129 HOH HOH A . 
E 4 HOH 81  1181 1012 HOH HOH A . 
E 4 HOH 82  1182 1061 HOH HOH A . 
E 4 HOH 83  1183 1095 HOH HOH A . 
E 4 HOH 84  1184 1090 HOH HOH A . 
E 4 HOH 85  1185 1136 HOH HOH A . 
E 4 HOH 86  1186 1081 HOH HOH A . 
E 4 HOH 87  1187 1063 HOH HOH A . 
E 4 HOH 88  1188 1088 HOH HOH A . 
E 4 HOH 89  1189 1100 HOH HOH A . 
E 4 HOH 90  1190 1057 HOH HOH A . 
E 4 HOH 91  1191 1155 HOH HOH A . 
E 4 HOH 92  1192 1009 HOH HOH A . 
E 4 HOH 93  1193 1124 HOH HOH A . 
E 4 HOH 94  1194 1073 HOH HOH A . 
E 4 HOH 95  1195 1056 HOH HOH A . 
E 4 HOH 96  1196 1058 HOH HOH A . 
E 4 HOH 97  1197 1113 HOH HOH A . 
E 4 HOH 98  1198 1127 HOH HOH A . 
E 4 HOH 99  1199 1087 HOH HOH A . 
E 4 HOH 100 1200 1158 HOH HOH A . 
E 4 HOH 101 1201 1055 HOH HOH A . 
E 4 HOH 102 1202 1134 HOH HOH A . 
E 4 HOH 103 1203 1040 HOH HOH A . 
E 4 HOH 104 1204 1164 HOH HOH A . 
E 4 HOH 105 1205 1003 HOH HOH A . 
E 4 HOH 106 1206 1139 HOH HOH A . 
E 4 HOH 107 1207 1160 HOH HOH A . 
E 4 HOH 108 1208 1130 HOH HOH A . 
E 4 HOH 109 1209 1064 HOH HOH A . 
E 4 HOH 110 1210 1053 HOH HOH A . 
E 4 HOH 111 1211 1093 HOH HOH A . 
E 4 HOH 112 1212 1019 HOH HOH A . 
E 4 HOH 113 1213 1005 HOH HOH A . 
E 4 HOH 114 1214 1066 HOH HOH A . 
E 4 HOH 115 1215 1145 HOH HOH A . 
E 4 HOH 116 1216 1108 HOH HOH A . 
E 4 HOH 117 1217 1048 HOH HOH A . 
E 4 HOH 118 1218 1150 HOH HOH A . 
E 4 HOH 119 1219 1149 HOH HOH A . 
E 4 HOH 120 1220 1128 HOH HOH A . 
E 4 HOH 121 1221 1118 HOH HOH A . 
E 4 HOH 122 1222 1133 HOH HOH A . 
E 4 HOH 123 1223 1104 HOH HOH A . 
E 4 HOH 124 1224 1092 HOH HOH A . 
E 4 HOH 125 1225 1111 HOH HOH A . 
E 4 HOH 126 1226 1036 HOH HOH A . 
E 4 HOH 127 1227 1051 HOH HOH A . 
E 4 HOH 128 1228 1065 HOH HOH A . 
E 4 HOH 129 1229 1106 HOH HOH A . 
E 4 HOH 130 1230 1119 HOH HOH A . 
E 4 HOH 131 1231 1107 HOH HOH A . 
E 4 HOH 132 1232 1116 HOH HOH A . 
E 4 HOH 133 1233 1021 HOH HOH A . 
E 4 HOH 134 1234 1039 HOH HOH A . 
E 4 HOH 135 1235 1043 HOH HOH A . 
E 4 HOH 136 1236 1132 HOH HOH A . 
E 4 HOH 137 1237 1080 HOH HOH A . 
E 4 HOH 138 1238 1097 HOH HOH A . 
E 4 HOH 139 1239 1161 HOH HOH A . 
E 4 HOH 140 1240 1140 HOH HOH A . 
E 4 HOH 141 1241 1144 HOH HOH A . 
E 4 HOH 142 1242 1098 HOH HOH A . 
E 4 HOH 143 1243 1123 HOH HOH A . 
E 4 HOH 144 1244 1143 HOH HOH A . 
E 4 HOH 145 1245 1103 HOH HOH A . 
E 4 HOH 146 1246 1045 HOH HOH A . 
E 4 HOH 147 1247 1162 HOH HOH A . 
E 4 HOH 148 1248 1060 HOH HOH A . 
E 4 HOH 149 1249 1096 HOH HOH A . 
E 4 HOH 150 1250 1131 HOH HOH A . 
E 4 HOH 151 1251 1089 HOH HOH A . 
E 4 HOH 152 1252 1094 HOH HOH A . 
E 4 HOH 153 1253 1029 HOH HOH A . 
E 4 HOH 154 1254 1126 HOH HOH A . 
E 4 HOH 155 1255 1049 HOH HOH A . 
E 4 HOH 156 1256 1153 HOH HOH A . 
E 4 HOH 157 1257 1059 HOH HOH A . 
E 4 HOH 158 1258 1083 HOH HOH A . 
E 4 HOH 159 1259 1004 HOH HOH A . 
E 4 HOH 160 1260 1121 HOH HOH A . 
E 4 HOH 161 1261 1147 HOH HOH A . 
# 
loop_
_pdbx_unobs_or_zero_occ_atoms.id 
_pdbx_unobs_or_zero_occ_atoms.PDB_model_num 
_pdbx_unobs_or_zero_occ_atoms.polymer_flag 
_pdbx_unobs_or_zero_occ_atoms.occupancy_flag 
_pdbx_unobs_or_zero_occ_atoms.auth_asym_id 
_pdbx_unobs_or_zero_occ_atoms.auth_comp_id 
_pdbx_unobs_or_zero_occ_atoms.auth_seq_id 
_pdbx_unobs_or_zero_occ_atoms.PDB_ins_code 
_pdbx_unobs_or_zero_occ_atoms.auth_atom_id 
_pdbx_unobs_or_zero_occ_atoms.label_alt_id 
_pdbx_unobs_or_zero_occ_atoms.label_asym_id 
_pdbx_unobs_or_zero_occ_atoms.label_comp_id 
_pdbx_unobs_or_zero_occ_atoms.label_seq_id 
_pdbx_unobs_or_zero_occ_atoms.label_atom_id 
1  1 Y 1 A GLU 3   ? CG  ? A GLU 23  CG  
2  1 Y 1 A GLU 3   ? CD  ? A GLU 23  CD  
3  1 Y 1 A GLU 3   ? OE1 ? A GLU 23  OE1 
4  1 Y 1 A GLU 3   ? OE2 ? A GLU 23  OE2 
5  1 Y 1 A LYS 17  ? CD  ? A LYS 37  CD  
6  1 Y 1 A LYS 17  ? CE  ? A LYS 37  CE  
7  1 Y 1 A LYS 17  ? NZ  ? A LYS 37  NZ  
8  1 Y 1 A LYS 34  ? CE  ? A LYS 54  CE  
9  1 Y 1 A LYS 34  ? NZ  ? A LYS 54  NZ  
10 1 Y 1 A LYS 89  ? CG  ? A LYS 109 CG  
11 1 Y 1 A LYS 89  ? CD  ? A LYS 109 CD  
12 1 Y 1 A LYS 89  ? CE  ? A LYS 109 CE  
13 1 Y 1 A LYS 89  ? NZ  ? A LYS 109 NZ  
14 1 Y 1 A GLU 100 ? CD  ? A GLU 120 CD  
15 1 Y 1 A GLU 100 ? OE1 ? A GLU 120 OE1 
16 1 Y 1 A GLU 100 ? OE2 ? A GLU 120 OE2 
# 
loop_
_software.citation_id 
_software.classification 
_software.compiler_name 
_software.compiler_version 
_software.contact_author 
_software.contact_author_email 
_software.date 
_software.description 
_software.dependencies 
_software.hardware 
_software.language 
_software.location 
_software.mods 
_software.name 
_software.os 
_software.os_version 
_software.type 
_software.version 
_software.pdbx_ordinal 
? 'data scaling'    ? ? ? ? ? ? ? ? ? ? ? Aimless     ? ? ? 0.5.12   1 
? phasing           ? ? ? ? ? ? ? ? ? ? ? MOLREP      ? ? ? .        2 
? refinement        ? ? ? ? ? ? ? ? ? ? ? REFMAC      ? ? ? 5.8.0124 3 
? 'data extraction' ? ? ? ? ? ? ? ? ? ? ? PDB_EXTRACT ? ? ? 3.15     4 
? 'data reduction'  ? ? ? ? ? ? ? ? ? ? ? XDS         ? ? ? .        5 
# 
_cell.angle_alpha                  90.000 
_cell.angle_alpha_esd              ? 
_cell.angle_beta                   90.000 
_cell.angle_beta_esd               ? 
_cell.angle_gamma                  90.000 
_cell.angle_gamma_esd              ? 
_cell.entry_id                     5E3B 
_cell.details                      ? 
_cell.formula_units_Z              ? 
_cell.length_a                     103.819 
_cell.length_a_esd                 ? 
_cell.length_b                     103.819 
_cell.length_b_esd                 ? 
_cell.length_c                     33.254 
_cell.length_c_esd                 ? 
_cell.volume                       ? 
_cell.volume_esd                   ? 
_cell.Z_PDB                        8 
_cell.reciprocal_angle_alpha       ? 
_cell.reciprocal_angle_beta        ? 
_cell.reciprocal_angle_gamma       ? 
_cell.reciprocal_angle_alpha_esd   ? 
_cell.reciprocal_angle_beta_esd    ? 
_cell.reciprocal_angle_gamma_esd   ? 
_cell.reciprocal_length_a          ? 
_cell.reciprocal_length_b          ? 
_cell.reciprocal_length_c          ? 
_cell.reciprocal_length_a_esd      ? 
_cell.reciprocal_length_b_esd      ? 
_cell.reciprocal_length_c_esd      ? 
_cell.pdbx_unique_axis             ? 
# 
_symmetry.entry_id                         5E3B 
_symmetry.cell_setting                     ? 
_symmetry.Int_Tables_number                96 
_symmetry.space_group_name_Hall            ? 
_symmetry.space_group_name_H-M             'P 43 21 2' 
_symmetry.pdbx_full_space_group_name_H-M   ? 
# 
_exptl.absorpt_coefficient_mu     ? 
_exptl.absorpt_correction_T_max   ? 
_exptl.absorpt_correction_T_min   ? 
_exptl.absorpt_correction_type    ? 
_exptl.absorpt_process_details    ? 
_exptl.entry_id                   5E3B 
_exptl.crystals_number            1 
_exptl.details                    ? 
_exptl.method                     'X-RAY DIFFRACTION' 
_exptl.method_details             ? 
# 
_exptl_crystal.colour                      ? 
_exptl_crystal.density_diffrn              ? 
_exptl_crystal.density_Matthews            2.58 
_exptl_crystal.density_method              ? 
_exptl_crystal.density_percent_sol         52.25 
_exptl_crystal.description                 ? 
_exptl_crystal.F_000                       ? 
_exptl_crystal.id                          1 
_exptl_crystal.preparation                 ? 
_exptl_crystal.size_max                    ? 
_exptl_crystal.size_mid                    ? 
_exptl_crystal.size_min                    ? 
_exptl_crystal.size_rad                    ? 
_exptl_crystal.colour_lustre               ? 
_exptl_crystal.colour_modifier             ? 
_exptl_crystal.colour_primary              ? 
_exptl_crystal.density_meas                ? 
_exptl_crystal.density_meas_esd            ? 
_exptl_crystal.density_meas_gt             ? 
_exptl_crystal.density_meas_lt             ? 
_exptl_crystal.density_meas_temp           ? 
_exptl_crystal.density_meas_temp_esd       ? 
_exptl_crystal.density_meas_temp_gt        ? 
_exptl_crystal.density_meas_temp_lt        ? 
_exptl_crystal.pdbx_crystal_image_url      ? 
_exptl_crystal.pdbx_crystal_image_format   ? 
_exptl_crystal.pdbx_mosaicity              ? 
_exptl_crystal.pdbx_mosaicity_esd          ? 
# 
_exptl_crystal_grow.apparatus       ? 
_exptl_crystal_grow.atmosphere      ? 
_exptl_crystal_grow.crystal_id      1 
_exptl_crystal_grow.details         ? 
_exptl_crystal_grow.method          'VAPOR DIFFUSION, HANGING DROP' 
_exptl_crystal_grow.method_ref      ? 
_exptl_crystal_grow.pH              7 
_exptl_crystal_grow.pressure        ? 
_exptl_crystal_grow.pressure_esd    ? 
_exptl_crystal_grow.seeding         ? 
_exptl_crystal_grow.seeding_ref     ? 
_exptl_crystal_grow.temp            293 
_exptl_crystal_grow.temp_details    ? 
_exptl_crystal_grow.temp_esd        ? 
_exptl_crystal_grow.time            ? 
_exptl_crystal_grow.pdbx_details    '0.1 M Tris-HCl, 0.29 M sodium chloride, 1.0 M sodium citrate' 
_exptl_crystal_grow.pdbx_pH_range   ? 
# 
_diffrn.ambient_environment    ? 
_diffrn.ambient_temp           100 
_diffrn.ambient_temp_details   ? 
_diffrn.ambient_temp_esd       ? 
_diffrn.crystal_id             1 
_diffrn.crystal_support        ? 
_diffrn.crystal_treatment      ? 
_diffrn.details                ? 
_diffrn.id                     1 
_diffrn.ambient_pressure       ? 
_diffrn.ambient_pressure_esd   ? 
_diffrn.ambient_pressure_gt    ? 
_diffrn.ambient_pressure_lt    ? 
_diffrn.ambient_temp_gt        ? 
_diffrn.ambient_temp_lt        ? 
# 
_diffrn_detector.details                      ? 
_diffrn_detector.detector                     PIXEL 
_diffrn_detector.diffrn_id                    1 
_diffrn_detector.type                         'DECTRIS PILATUS 2M' 
_diffrn_detector.area_resol_mean              ? 
_diffrn_detector.dtime                        ? 
_diffrn_detector.pdbx_frames_total            ? 
_diffrn_detector.pdbx_collection_time_total   ? 
_diffrn_detector.pdbx_collection_date         2015-05-12 
# 
_diffrn_radiation.collimation                      ? 
_diffrn_radiation.diffrn_id                        1 
_diffrn_radiation.filter_edge                      ? 
_diffrn_radiation.inhomogeneity                    ? 
_diffrn_radiation.monochromator                    ? 
_diffrn_radiation.polarisn_norm                    ? 
_diffrn_radiation.polarisn_ratio                   ? 
_diffrn_radiation.probe                            ? 
_diffrn_radiation.type                             ? 
_diffrn_radiation.xray_symbol                      ? 
_diffrn_radiation.wavelength_id                    1 
_diffrn_radiation.pdbx_monochromatic_or_laue_m_l   M 
_diffrn_radiation.pdbx_wavelength_list             ? 
_diffrn_radiation.pdbx_wavelength                  ? 
_diffrn_radiation.pdbx_diffrn_protocol             'SINGLE WAVELENGTH' 
_diffrn_radiation.pdbx_analyzer                    ? 
_diffrn_radiation.pdbx_scattering_type             x-ray 
# 
_diffrn_radiation_wavelength.id           1 
_diffrn_radiation_wavelength.wavelength   0.976 
_diffrn_radiation_wavelength.wt           1.0 
# 
_diffrn_source.current                     ? 
_diffrn_source.details                     ? 
_diffrn_source.diffrn_id                   1 
_diffrn_source.power                       ? 
_diffrn_source.size                        ? 
_diffrn_source.source                      SYNCHROTRON 
_diffrn_source.target                      ? 
_diffrn_source.type                        'ELETTRA BEAMLINE 5.2R' 
_diffrn_source.voltage                     ? 
_diffrn_source.take-off_angle              ? 
_diffrn_source.pdbx_wavelength_list        0.976 
_diffrn_source.pdbx_wavelength             ? 
_diffrn_source.pdbx_synchrotron_beamline   5.2R 
_diffrn_source.pdbx_synchrotron_site       ELETTRA 
# 
_reflns.B_iso_Wilson_estimate            ? 
_reflns.entry_id                         5E3B 
_reflns.data_reduction_details           ? 
_reflns.data_reduction_method            ? 
_reflns.d_resolution_high                1.600 
_reflns.d_resolution_low                 46.430 
_reflns.details                          ? 
_reflns.limit_h_max                      ? 
_reflns.limit_h_min                      ? 
_reflns.limit_k_max                      ? 
_reflns.limit_k_min                      ? 
_reflns.limit_l_max                      ? 
_reflns.limit_l_min                      ? 
_reflns.number_all                       ? 
_reflns.number_obs                       24097 
_reflns.observed_criterion               ? 
_reflns.observed_criterion_F_max         ? 
_reflns.observed_criterion_F_min         ? 
_reflns.observed_criterion_I_max         ? 
_reflns.observed_criterion_I_min         ? 
_reflns.observed_criterion_sigma_F       ? 
_reflns.observed_criterion_sigma_I       ? 
_reflns.percent_possible_obs             97.900 
_reflns.R_free_details                   ? 
_reflns.Rmerge_F_all                     ? 
_reflns.Rmerge_F_obs                     ? 
_reflns.Friedel_coverage                 ? 
_reflns.number_gt                        ? 
_reflns.threshold_expression             ? 
_reflns.pdbx_redundancy                  8.600 
_reflns.pdbx_Rmerge_I_obs                0.120 
_reflns.pdbx_Rmerge_I_all                ? 
_reflns.pdbx_Rsym_value                  ? 
_reflns.pdbx_netI_over_av_sigmaI         ? 
_reflns.pdbx_netI_over_sigmaI            11.500 
_reflns.pdbx_res_netI_over_av_sigmaI_2   ? 
_reflns.pdbx_res_netI_over_sigmaI_2      ? 
_reflns.pdbx_chi_squared                 ? 
_reflns.pdbx_scaling_rejects             ? 
_reflns.pdbx_d_res_high_opt              ? 
_reflns.pdbx_d_res_low_opt               ? 
_reflns.pdbx_d_res_opt_method            ? 
_reflns.phase_calculation_details        ? 
_reflns.pdbx_Rrim_I_all                  ? 
_reflns.pdbx_Rpim_I_all                  0.043 
_reflns.pdbx_d_opt                       ? 
_reflns.pdbx_number_measured_all         206585 
_reflns.pdbx_diffrn_id                   1 
_reflns.pdbx_ordinal                     1 
_reflns.pdbx_CC_half                     0.997 
_reflns.pdbx_R_split                     ? 
# 
loop_
_reflns_shell.d_res_high 
_reflns_shell.d_res_low 
_reflns_shell.meanI_over_sigI_all 
_reflns_shell.meanI_over_sigI_obs 
_reflns_shell.number_measured_all 
_reflns_shell.number_measured_obs 
_reflns_shell.number_possible 
_reflns_shell.number_unique_all 
_reflns_shell.number_unique_obs 
_reflns_shell.percent_possible_all 
_reflns_shell.percent_possible_obs 
_reflns_shell.Rmerge_F_all 
_reflns_shell.Rmerge_F_obs 
_reflns_shell.Rmerge_I_all 
_reflns_shell.Rmerge_I_obs 
_reflns_shell.meanI_over_sigI_gt 
_reflns_shell.meanI_over_uI_all 
_reflns_shell.meanI_over_uI_gt 
_reflns_shell.number_measured_gt 
_reflns_shell.number_unique_gt 
_reflns_shell.percent_possible_gt 
_reflns_shell.Rmerge_F_gt 
_reflns_shell.Rmerge_I_gt 
_reflns_shell.pdbx_redundancy 
_reflns_shell.pdbx_Rsym_value 
_reflns_shell.pdbx_chi_squared 
_reflns_shell.pdbx_netI_over_sigmaI_all 
_reflns_shell.pdbx_netI_over_sigmaI_obs 
_reflns_shell.pdbx_Rrim_I_all 
_reflns_shell.pdbx_Rpim_I_all 
_reflns_shell.pdbx_rejects 
_reflns_shell.pdbx_ordinal 
_reflns_shell.pdbx_diffrn_id 
_reflns_shell.pdbx_CC_half 
_reflns_shell.pdbx_R_split 
1.600 1.630  ? 1.800  8611 ? ? 1057 ? 89.500 ? ? ? ? 1.180 ? ? ? ? ? ? ? ? 8.100 ? ? ? ? ? 0.433 0 1 1 0.670 ? 
8.770 46.430 ? 25.000 1434 ? ? 201  ? 99.400 ? ? ? ? 0.069 ? ? ? ? ? ? ? ? 7.100 ? ? ? ? ? 0.027 0 2 1 0.996 ? 
# 
_refine.aniso_B[1][1]                            0.4100 
_refine.aniso_B[1][2]                            -0.0000 
_refine.aniso_B[1][3]                            -0.0000 
_refine.aniso_B[2][2]                            0.4100 
_refine.aniso_B[2][3]                            -0.0000 
_refine.aniso_B[3][3]                            -0.8200 
_refine.B_iso_max                                65.740 
_refine.B_iso_mean                               19.9000 
_refine.B_iso_min                                9.250 
_refine.correlation_coeff_Fo_to_Fc               0.9600 
_refine.correlation_coeff_Fo_to_Fc_free          0.9450 
_refine.details                                  
'HYDROGENS HAVE BEEN ADDED IN THE RIDING POSITIONS U VALUES      : REFINED INDIVIDUALLY' 
_refine.diff_density_max                         ? 
_refine.diff_density_max_esd                     ? 
_refine.diff_density_min                         ? 
_refine.diff_density_min_esd                     ? 
_refine.diff_density_rms                         ? 
_refine.diff_density_rms_esd                     ? 
_refine.entry_id                                 5E3B 
_refine.pdbx_refine_id                           'X-RAY DIFFRACTION' 
_refine.ls_abs_structure_details                 ? 
_refine.ls_abs_structure_Flack                   ? 
_refine.ls_abs_structure_Flack_esd               ? 
_refine.ls_abs_structure_Rogers                  ? 
_refine.ls_abs_structure_Rogers_esd              ? 
_refine.ls_d_res_high                            1.6000 
_refine.ls_d_res_low                             46.430 
_refine.ls_extinction_coef                       ? 
_refine.ls_extinction_coef_esd                   ? 
_refine.ls_extinction_expression                 ? 
_refine.ls_extinction_method                     ? 
_refine.ls_goodness_of_fit_all                   ? 
_refine.ls_goodness_of_fit_all_esd               ? 
_refine.ls_goodness_of_fit_obs                   ? 
_refine.ls_goodness_of_fit_obs_esd               ? 
_refine.ls_hydrogen_treatment                    ? 
_refine.ls_matrix_type                           ? 
_refine.ls_number_constraints                    ? 
_refine.ls_number_parameters                     ? 
_refine.ls_number_reflns_all                     ? 
_refine.ls_number_reflns_obs                     22860 
_refine.ls_number_reflns_R_free                  1196 
_refine.ls_number_reflns_R_work                  ? 
_refine.ls_number_restraints                     ? 
_refine.ls_percent_reflns_obs                    97.7600 
_refine.ls_percent_reflns_R_free                 5.0000 
_refine.ls_R_factor_all                          ? 
_refine.ls_R_factor_obs                          0.1861 
_refine.ls_R_factor_R_free                       0.2233 
_refine.ls_R_factor_R_free_error                 ? 
_refine.ls_R_factor_R_free_error_details         ? 
_refine.ls_R_factor_R_work                       0.1842 
_refine.ls_R_Fsqd_factor_obs                     ? 
_refine.ls_R_I_factor_obs                        ? 
_refine.ls_redundancy_reflns_all                 ? 
_refine.ls_redundancy_reflns_obs                 ? 
_refine.ls_restrained_S_all                      ? 
_refine.ls_restrained_S_obs                      ? 
_refine.ls_shift_over_esd_max                    ? 
_refine.ls_shift_over_esd_mean                   ? 
_refine.ls_structure_factor_coef                 ? 
_refine.ls_weighting_details                     ? 
_refine.ls_weighting_scheme                      ? 
_refine.ls_wR_factor_all                         ? 
_refine.ls_wR_factor_obs                         ? 
_refine.ls_wR_factor_R_free                      0.2117 
_refine.ls_wR_factor_R_work                      0.1754 
_refine.occupancy_max                            ? 
_refine.occupancy_min                            ? 
_refine.solvent_model_details                    MASK 
_refine.solvent_model_param_bsol                 ? 
_refine.solvent_model_param_ksol                 ? 
_refine.ls_R_factor_gt                           ? 
_refine.ls_goodness_of_fit_gt                    ? 
_refine.ls_goodness_of_fit_ref                   ? 
_refine.ls_shift_over_su_max                     ? 
_refine.ls_shift_over_su_max_lt                  ? 
_refine.ls_shift_over_su_mean                    ? 
_refine.ls_shift_over_su_mean_lt                 ? 
_refine.pdbx_ls_sigma_I                          ? 
_refine.pdbx_ls_sigma_F                          0.000 
_refine.pdbx_ls_sigma_Fsqd                       ? 
_refine.pdbx_data_cutoff_high_absF               ? 
_refine.pdbx_data_cutoff_high_rms_absF           ? 
_refine.pdbx_data_cutoff_low_absF                ? 
_refine.pdbx_isotropic_thermal_model             ? 
_refine.pdbx_ls_cross_valid_method               THROUGHOUT 
_refine.pdbx_method_to_determine_struct          'MOLECULAR REPLACEMENT' 
_refine.pdbx_starting_model                      2FG1 
_refine.pdbx_stereochemistry_target_values       'MAXIMUM LIKELIHOOD' 
_refine.pdbx_R_Free_selection_details            RANDOM 
_refine.pdbx_stereochem_target_val_spec_case     ? 
_refine.pdbx_overall_ESU_R                       0.0830 
_refine.pdbx_overall_ESU_R_Free                  0.0880 
_refine.pdbx_solvent_vdw_probe_radii             1.2000 
_refine.pdbx_solvent_ion_probe_radii             0.8000 
_refine.pdbx_solvent_shrinkage_radii             0.8000 
_refine.pdbx_real_space_R                        ? 
_refine.pdbx_density_correlation                 ? 
_refine.pdbx_pd_number_of_powder_patterns        ? 
_refine.pdbx_pd_number_of_points                 ? 
_refine.pdbx_pd_meas_number_of_points            ? 
_refine.pdbx_pd_proc_ls_prof_R_factor            ? 
_refine.pdbx_pd_proc_ls_prof_wR_factor           ? 
_refine.pdbx_pd_Marquardt_correlation_coeff      ? 
_refine.pdbx_pd_Fsqrd_R_factor                   ? 
_refine.pdbx_pd_ls_matrix_band_width             ? 
_refine.pdbx_overall_phase_error                 ? 
_refine.pdbx_overall_SU_R_free_Cruickshank_DPI   ? 
_refine.pdbx_overall_SU_R_free_Blow_DPI          ? 
_refine.pdbx_overall_SU_R_Blow_DPI               ? 
_refine.pdbx_TLS_residual_ADP_flag               ? 
_refine.pdbx_diffrn_id                           1 
_refine.overall_SU_B                             1.7660 
_refine.overall_SU_ML                            0.0610 
_refine.overall_SU_R_Cruickshank_DPI             0.0834 
_refine.overall_SU_R_free                        0.0885 
_refine.overall_FOM_free_R_set                   ? 
_refine.overall_FOM_work_R_set                   0.8435 
_refine.pdbx_average_fsc_overall                 ? 
_refine.pdbx_average_fsc_work                    ? 
_refine.pdbx_average_fsc_free                    ? 
# 
_refine_hist.cycle_id                         final 
_refine_hist.pdbx_refine_id                   'X-RAY DIFFRACTION' 
_refine_hist.d_res_high                       1.6000 
_refine_hist.d_res_low                        46.430 
_refine_hist.pdbx_number_atoms_ligand         6 
_refine_hist.number_atoms_solvent             161 
_refine_hist.number_atoms_total               1295 
_refine_hist.pdbx_number_residues_total       148 
_refine_hist.pdbx_B_iso_mean_ligand           22.53 
_refine_hist.pdbx_B_iso_mean_solvent          31.52 
_refine_hist.pdbx_number_atoms_protein        1128 
_refine_hist.pdbx_number_atoms_nucleic_acid   0 
# 
loop_
_refine_ls_restr.pdbx_refine_id 
_refine_ls_restr.criterion 
_refine_ls_restr.dev_ideal 
_refine_ls_restr.dev_ideal_target 
_refine_ls_restr.number 
_refine_ls_restr.rejects 
_refine_ls_restr.type 
_refine_ls_restr.weight 
_refine_ls_restr.pdbx_restraint_function 
'X-RAY DIFFRACTION' ? 0.023  0.019  1205 ? r_bond_refined_d       ? ? 
'X-RAY DIFFRACTION' ? 0.002  0.020  1139 ? r_bond_other_d         ? ? 
'X-RAY DIFFRACTION' ? 2.252  1.925  1646 ? r_angle_refined_deg    ? ? 
'X-RAY DIFFRACTION' ? 1.175  3.000  2594 ? r_angle_other_deg      ? ? 
'X-RAY DIFFRACTION' ? 6.081  5.000  159  ? r_dihedral_angle_1_deg ? ? 
'X-RAY DIFFRACTION' ? 23.125 21.273 55   ? r_dihedral_angle_2_deg ? ? 
'X-RAY DIFFRACTION' ? 12.684 15.000 176  ? r_dihedral_angle_3_deg ? ? 
'X-RAY DIFFRACTION' ? 17.252 15.000 15   ? r_dihedral_angle_4_deg ? ? 
'X-RAY DIFFRACTION' ? 0.142  0.200  176  ? r_chiral_restr         ? ? 
'X-RAY DIFFRACTION' ? 0.012  0.021  1403 ? r_gen_planes_refined   ? ? 
'X-RAY DIFFRACTION' ? 0.004  0.020  306  ? r_gen_planes_other     ? ? 
'X-RAY DIFFRACTION' ? 2.406  1.803  609  ? r_mcbond_it            ? ? 
'X-RAY DIFFRACTION' ? 2.405  1.801  608  ? r_mcbond_other         ? ? 
'X-RAY DIFFRACTION' ? 3.289  2.689  762  ? r_mcangle_it           ? ? 
# 
_refine_ls_shell.pdbx_refine_id                   'X-RAY DIFFRACTION' 
_refine_ls_shell.d_res_high                       1.6000 
_refine_ls_shell.d_res_low                        1.6420 
_refine_ls_shell.number_reflns_all                1598 
_refine_ls_shell.number_reflns_obs                ? 
_refine_ls_shell.number_reflns_R_free             59 
_refine_ls_shell.number_reflns_R_work             1539 
_refine_ls_shell.percent_reflns_obs               89.4700 
_refine_ls_shell.percent_reflns_R_free            ? 
_refine_ls_shell.R_factor_all                     ? 
_refine_ls_shell.R_factor_obs                     ? 
_refine_ls_shell.R_factor_R_free                  0.3500 
_refine_ls_shell.R_factor_R_free_error            ? 
_refine_ls_shell.R_factor_R_work                  0.2630 
_refine_ls_shell.redundancy_reflns_all            ? 
_refine_ls_shell.redundancy_reflns_obs            ? 
_refine_ls_shell.wR_factor_all                    ? 
_refine_ls_shell.wR_factor_obs                    ? 
_refine_ls_shell.wR_factor_R_free                 ? 
_refine_ls_shell.wR_factor_R_work                 ? 
_refine_ls_shell.pdbx_total_number_of_bins_used   20 
_refine_ls_shell.pdbx_phase_error                 ? 
_refine_ls_shell.pdbx_fsc_work                    ? 
_refine_ls_shell.pdbx_fsc_free                    ? 
# 
_struct.entry_id                     5E3B 
_struct.title                        'Structure of macrodomain protein from Streptomyces coelicolor' 
_struct.pdbx_model_details           ? 
_struct.pdbx_formula_weight          ? 
_struct.pdbx_formula_weight_method   ? 
_struct.pdbx_model_type_details      ? 
_struct.pdbx_CASP_flag               ? 
# 
_struct_keywords.entry_id        5E3B 
_struct_keywords.text            'Macrodomain protein, hydrolase' 
_struct_keywords.pdbx_keywords   HYDROLASE 
# 
loop_
_struct_asym.id 
_struct_asym.pdbx_blank_PDB_chainid_flag 
_struct_asym.pdbx_modified 
_struct_asym.entity_id 
_struct_asym.details 
A N N 1 ? 
B N N 2 ? 
C N N 2 ? 
D N N 3 ? 
E N N 4 ? 
# 
_struct_ref.id                         1 
_struct_ref.db_name                    UNP 
_struct_ref.db_code                    Q9X7P1_STRCO 
_struct_ref.pdbx_db_accession          Q9X7P1 
_struct_ref.pdbx_db_isoform            ? 
_struct_ref.entity_id                  1 
_struct_ref.pdbx_seq_one_letter_code   
;MSEISYVRGDATAPSVKGVKMIAHVCNDLGGWGKGFVLAVSRRWPQPEAAYRAWHRDRAANDFGLGAVQFVQVEPYVWVA
NMIGQHGMKTGSKGAPVRYEAIGTALGRVADRAAELEASVHLPRIGCGLAGGTWSRVEPLISDRLTRRGIPVTVYDHGDT
A
;
_struct_ref.pdbx_align_begin           1 
# 
_struct_ref_seq.align_id                      1 
_struct_ref_seq.ref_id                        1 
_struct_ref_seq.pdbx_PDB_id_code              5E3B 
_struct_ref_seq.pdbx_strand_id                A 
_struct_ref_seq.seq_align_beg                 21 
_struct_ref_seq.pdbx_seq_align_beg_ins_code   ? 
_struct_ref_seq.seq_align_end                 181 
_struct_ref_seq.pdbx_seq_align_end_ins_code   ? 
_struct_ref_seq.pdbx_db_accession             Q9X7P1 
_struct_ref_seq.db_align_beg                  1 
_struct_ref_seq.pdbx_db_align_beg_ins_code    ? 
_struct_ref_seq.db_align_end                  161 
_struct_ref_seq.pdbx_db_align_end_ins_code    ? 
_struct_ref_seq.pdbx_auth_seq_align_beg       1 
_struct_ref_seq.pdbx_auth_seq_align_end       161 
# 
loop_
_struct_ref_seq_dif.align_id 
_struct_ref_seq_dif.pdbx_pdb_id_code 
_struct_ref_seq_dif.mon_id 
_struct_ref_seq_dif.pdbx_pdb_strand_id 
_struct_ref_seq_dif.seq_num 
_struct_ref_seq_dif.pdbx_pdb_ins_code 
_struct_ref_seq_dif.pdbx_seq_db_name 
_struct_ref_seq_dif.pdbx_seq_db_accession_code 
_struct_ref_seq_dif.db_mon_id 
_struct_ref_seq_dif.pdbx_seq_db_seq_num 
_struct_ref_seq_dif.details 
_struct_ref_seq_dif.pdbx_auth_seq_num 
_struct_ref_seq_dif.pdbx_ordinal 
1 5E3B MET A 1  ? UNP Q9X7P1 ? ? 'initiating methionine' -19 1  
1 5E3B GLY A 2  ? UNP Q9X7P1 ? ? 'expression tag'        -18 2  
1 5E3B SER A 3  ? UNP Q9X7P1 ? ? 'expression tag'        -17 3  
1 5E3B SER A 4  ? UNP Q9X7P1 ? ? 'expression tag'        -16 4  
1 5E3B HIS A 5  ? UNP Q9X7P1 ? ? 'expression tag'        -15 5  
1 5E3B HIS A 6  ? UNP Q9X7P1 ? ? 'expression tag'        -14 6  
1 5E3B HIS A 7  ? UNP Q9X7P1 ? ? 'expression tag'        -13 7  
1 5E3B HIS A 8  ? UNP Q9X7P1 ? ? 'expression tag'        -12 8  
1 5E3B HIS A 9  ? UNP Q9X7P1 ? ? 'expression tag'        -11 9  
1 5E3B HIS A 10 ? UNP Q9X7P1 ? ? 'expression tag'        -10 10 
1 5E3B SER A 11 ? UNP Q9X7P1 ? ? 'expression tag'        -9  11 
1 5E3B SER A 12 ? UNP Q9X7P1 ? ? 'expression tag'        -8  12 
1 5E3B GLY A 13 ? UNP Q9X7P1 ? ? 'expression tag'        -7  13 
1 5E3B LEU A 14 ? UNP Q9X7P1 ? ? 'expression tag'        -6  14 
1 5E3B VAL A 15 ? UNP Q9X7P1 ? ? 'expression tag'        -5  15 
1 5E3B PRO A 16 ? UNP Q9X7P1 ? ? 'expression tag'        -4  16 
1 5E3B ARG A 17 ? UNP Q9X7P1 ? ? 'expression tag'        -3  17 
1 5E3B GLY A 18 ? UNP Q9X7P1 ? ? 'expression tag'        -2  18 
1 5E3B SER A 19 ? UNP Q9X7P1 ? ? 'expression tag'        -1  19 
1 5E3B HIS A 20 ? UNP Q9X7P1 ? ? 'expression tag'        0   20 
# 
_pdbx_struct_assembly.id                   1 
_pdbx_struct_assembly.details              author_and_software_defined_assembly 
_pdbx_struct_assembly.method_details       PISA 
_pdbx_struct_assembly.oligomeric_details   monomeric 
_pdbx_struct_assembly.oligomeric_count     1 
# 
loop_
_pdbx_struct_assembly_prop.biol_id 
_pdbx_struct_assembly_prop.type 
_pdbx_struct_assembly_prop.value 
_pdbx_struct_assembly_prop.details 
1 'ABSA (A^2)' 390  ? 
1 MORE         -13  ? 
1 'SSA (A^2)'  7570 ? 
# 
_pdbx_struct_assembly_gen.assembly_id       1 
_pdbx_struct_assembly_gen.oper_expression   1 
_pdbx_struct_assembly_gen.asym_id_list      A,B,C,D,E 
# 
_pdbx_struct_oper_list.id                   1 
_pdbx_struct_oper_list.type                 'identity operation' 
_pdbx_struct_oper_list.name                 1_555 
_pdbx_struct_oper_list.symmetry_operation   x,y,z 
_pdbx_struct_oper_list.matrix[1][1]         1.0000000000 
_pdbx_struct_oper_list.matrix[1][2]         0.0000000000 
_pdbx_struct_oper_list.matrix[1][3]         0.0000000000 
_pdbx_struct_oper_list.vector[1]            0.0000000000 
_pdbx_struct_oper_list.matrix[2][1]         0.0000000000 
_pdbx_struct_oper_list.matrix[2][2]         1.0000000000 
_pdbx_struct_oper_list.matrix[2][3]         0.0000000000 
_pdbx_struct_oper_list.vector[2]            0.0000000000 
_pdbx_struct_oper_list.matrix[3][1]         0.0000000000 
_pdbx_struct_oper_list.matrix[3][2]         0.0000000000 
_pdbx_struct_oper_list.matrix[3][3]         1.0000000000 
_pdbx_struct_oper_list.vector[3]            0.0000000000 
# 
loop_
_struct_conf.conf_type_id 
_struct_conf.id 
_struct_conf.pdbx_PDB_helix_id 
_struct_conf.beg_label_comp_id 
_struct_conf.beg_label_asym_id 
_struct_conf.beg_label_seq_id 
_struct_conf.pdbx_beg_PDB_ins_code 
_struct_conf.end_label_comp_id 
_struct_conf.end_label_asym_id 
_struct_conf.end_label_seq_id 
_struct_conf.pdbx_end_PDB_ins_code 
_struct_conf.beg_auth_comp_id 
_struct_conf.beg_auth_asym_id 
_struct_conf.beg_auth_seq_id 
_struct_conf.end_auth_comp_id 
_struct_conf.end_auth_asym_id 
_struct_conf.end_auth_seq_id 
_struct_conf.pdbx_PDB_helix_class 
_struct_conf.details 
_struct_conf.pdbx_PDB_helix_length 
HELX_P HELX_P1 AA1 GLY A 55  ? TRP A 64  ? GLY A 35  TRP A 44  1 ? 10 
HELX_P HELX_P2 AA2 PRO A 65  ? ASP A 77  ? PRO A 45  ASP A 57  1 ? 13 
HELX_P HELX_P3 AA3 ARG A 78  ? ASN A 81  ? ARG A 58  ASN A 61  5 ? 4  
HELX_P HELX_P4 AA4 ARG A 118 ? GLU A 137 ? ARG A 98  GLU A 117 1 ? 20 
HELX_P HELX_P5 AA5 THR A 153 ? LEU A 165 ? THR A 133 LEU A 145 1 ? 13 
HELX_P HELX_P6 AA6 THR A 166 ? GLY A 169 ? THR A 146 GLY A 149 5 ? 4  
# 
_struct_conf_type.id          HELX_P 
_struct_conf_type.criteria    ? 
_struct_conf_type.reference   ? 
# 
loop_
_struct_conn.id 
_struct_conn.conn_type_id 
_struct_conn.pdbx_leaving_atom_flag 
_struct_conn.pdbx_PDB_id 
_struct_conn.ptnr1_label_asym_id 
_struct_conn.ptnr1_label_comp_id 
_struct_conn.ptnr1_label_seq_id 
_struct_conn.ptnr1_label_atom_id 
_struct_conn.pdbx_ptnr1_label_alt_id 
_struct_conn.pdbx_ptnr1_PDB_ins_code 
_struct_conn.pdbx_ptnr1_standard_comp_id 
_struct_conn.ptnr1_symmetry 
_struct_conn.ptnr2_label_asym_id 
_struct_conn.ptnr2_label_comp_id 
_struct_conn.ptnr2_label_seq_id 
_struct_conn.ptnr2_label_atom_id 
_struct_conn.pdbx_ptnr2_label_alt_id 
_struct_conn.pdbx_ptnr2_PDB_ins_code 
_struct_conn.ptnr1_auth_asym_id 
_struct_conn.ptnr1_auth_comp_id 
_struct_conn.ptnr1_auth_seq_id 
_struct_conn.ptnr2_auth_asym_id 
_struct_conn.ptnr2_auth_comp_id 
_struct_conn.ptnr2_auth_seq_id 
_struct_conn.ptnr2_symmetry 
_struct_conn.pdbx_ptnr3_label_atom_id 
_struct_conn.pdbx_ptnr3_label_seq_id 
_struct_conn.pdbx_ptnr3_label_comp_id 
_struct_conn.pdbx_ptnr3_label_asym_id 
_struct_conn.pdbx_ptnr3_label_alt_id 
_struct_conn.pdbx_ptnr3_PDB_ins_code 
_struct_conn.details 
_struct_conn.pdbx_dist_value 
_struct_conn.pdbx_value_order 
_struct_conn.pdbx_role 
metalc1 metalc ? ? A GLU 158 OE1 ? ? ? 1_555 C NA  . NA ? ? A GLU 138  A NA  1001 7_555 ? ? ? ? ? ? ? 2.648 ? ? 
metalc2 metalc ? ? A VAL 174 O   ? ? ? 1_555 B NA  . NA ? ? A VAL 154  A NA  1000 1_555 ? ? ? ? ? ? ? 3.012 ? ? 
metalc3 metalc ? ? A ASP 176 OD2 A ? ? 1_555 C NA  . NA ? ? A ASP 156  A NA  1001 1_555 ? ? ? ? ? ? ? 2.593 ? ? 
metalc4 metalc ? ? A ASP 176 OD2 B ? ? 1_555 C NA  . NA ? ? A ASP 156  A NA  1001 1_555 ? ? ? ? ? ? ? 2.292 ? ? 
metalc5 metalc ? ? B NA  .   NA  ? ? ? 1_555 E HOH . O  ? ? A NA  1000 A HOH 1155 1_555 ? ? ? ? ? ? ? 2.904 ? ? 
metalc6 metalc ? ? C NA  .   NA  ? ? ? 1_555 E HOH . O  ? ? A NA  1001 A HOH 1155 1_555 ? ? ? ? ? ? ? 2.944 ? ? 
# 
_struct_conn_type.id          metalc 
_struct_conn_type.criteria    ? 
_struct_conn_type.reference   ? 
# 
loop_
_pdbx_struct_conn_angle.id 
_pdbx_struct_conn_angle.ptnr1_label_atom_id 
_pdbx_struct_conn_angle.ptnr1_label_alt_id 
_pdbx_struct_conn_angle.ptnr1_label_asym_id 
_pdbx_struct_conn_angle.ptnr1_label_comp_id 
_pdbx_struct_conn_angle.ptnr1_label_seq_id 
_pdbx_struct_conn_angle.ptnr1_auth_atom_id 
_pdbx_struct_conn_angle.ptnr1_auth_asym_id 
_pdbx_struct_conn_angle.ptnr1_auth_comp_id 
_pdbx_struct_conn_angle.ptnr1_auth_seq_id 
_pdbx_struct_conn_angle.ptnr1_PDB_ins_code 
_pdbx_struct_conn_angle.ptnr1_symmetry 
_pdbx_struct_conn_angle.ptnr2_label_atom_id 
_pdbx_struct_conn_angle.ptnr2_label_alt_id 
_pdbx_struct_conn_angle.ptnr2_label_asym_id 
_pdbx_struct_conn_angle.ptnr2_label_comp_id 
_pdbx_struct_conn_angle.ptnr2_label_seq_id 
_pdbx_struct_conn_angle.ptnr2_auth_atom_id 
_pdbx_struct_conn_angle.ptnr2_auth_asym_id 
_pdbx_struct_conn_angle.ptnr2_auth_comp_id 
_pdbx_struct_conn_angle.ptnr2_auth_seq_id 
_pdbx_struct_conn_angle.ptnr2_PDB_ins_code 
_pdbx_struct_conn_angle.ptnr2_symmetry 
_pdbx_struct_conn_angle.ptnr3_label_atom_id 
_pdbx_struct_conn_angle.ptnr3_label_alt_id 
_pdbx_struct_conn_angle.ptnr3_label_asym_id 
_pdbx_struct_conn_angle.ptnr3_label_comp_id 
_pdbx_struct_conn_angle.ptnr3_label_seq_id 
_pdbx_struct_conn_angle.ptnr3_auth_atom_id 
_pdbx_struct_conn_angle.ptnr3_auth_asym_id 
_pdbx_struct_conn_angle.ptnr3_auth_comp_id 
_pdbx_struct_conn_angle.ptnr3_auth_seq_id 
_pdbx_struct_conn_angle.ptnr3_PDB_ins_code 
_pdbx_struct_conn_angle.ptnr3_symmetry 
_pdbx_struct_conn_angle.value 
_pdbx_struct_conn_angle.value_esd 
1 OE1 ? A GLU 158 ? A GLU 138 ? 1_555 NA ? C NA . ? A NA 1001 ? 7_555 OD2 A A ASP 176 ? A ASP 156  ? 1_555 126.1 ? 
2 OE1 ? A GLU 158 ? A GLU 138 ? 1_555 NA ? C NA . ? A NA 1001 ? 7_555 OD2 B A ASP 176 ? A ASP 156  ? 1_555 127.7 ? 
3 OD2 A A ASP 176 ? A ASP 156 ? 1_555 NA ? C NA . ? A NA 1001 ? 7_555 OD2 B A ASP 176 ? A ASP 156  ? 1_555 8.6   ? 
4 OE1 ? A GLU 158 ? A GLU 138 ? 1_555 NA ? C NA . ? A NA 1001 ? 7_555 O   ? E HOH .   ? A HOH 1155 ? 1_555 127.9 ? 
5 OD2 A A ASP 176 ? A ASP 156 ? 1_555 NA ? C NA . ? A NA 1001 ? 7_555 O   ? E HOH .   ? A HOH 1155 ? 1_555 28.4  ? 
6 OD2 B A ASP 176 ? A ASP 156 ? 1_555 NA ? C NA . ? A NA 1001 ? 7_555 O   ? E HOH .   ? A HOH 1155 ? 1_555 19.8  ? 
7 O   ? A VAL 174 ? A VAL 154 ? 1_555 NA ? B NA . ? A NA 1000 ? 1_555 O   ? E HOH .   ? A HOH 1155 ? 1_555 120.0 ? 
# 
_struct_sheet.id               AA1 
_struct_sheet.type             ? 
_struct_sheet.number_strands   6 
_struct_sheet.details          ? 
# 
loop_
_struct_sheet_order.sheet_id 
_struct_sheet_order.range_id_1 
_struct_sheet_order.range_id_2 
_struct_sheet_order.offset 
_struct_sheet_order.sense 
AA1 1 2 ? parallel      
AA1 2 3 ? parallel      
AA1 3 4 ? parallel      
AA1 4 5 ? parallel      
AA1 5 6 ? anti-parallel 
# 
loop_
_struct_sheet_range.sheet_id 
_struct_sheet_range.id 
_struct_sheet_range.beg_label_comp_id 
_struct_sheet_range.beg_label_asym_id 
_struct_sheet_range.beg_label_seq_id 
_struct_sheet_range.pdbx_beg_PDB_ins_code 
_struct_sheet_range.end_label_comp_id 
_struct_sheet_range.end_label_asym_id 
_struct_sheet_range.end_label_seq_id 
_struct_sheet_range.pdbx_end_PDB_ins_code 
_struct_sheet_range.beg_auth_comp_id 
_struct_sheet_range.beg_auth_asym_id 
_struct_sheet_range.beg_auth_seq_id 
_struct_sheet_range.end_auth_comp_id 
_struct_sheet_range.end_auth_asym_id 
_struct_sheet_range.end_auth_seq_id 
AA1 1 SER A 25  ? ARG A 28  ? SER A 5   ARG A 8   
AA1 2 VAL A 172 ? ASP A 176 ? VAL A 152 ASP A 156 
AA1 3 SER A 139 ? PRO A 143 ? SER A 119 PRO A 123 
AA1 4 LYS A 40  ? ASN A 47  ? LYS A 20  ASN A 27  
AA1 5 VAL A 97  ? GLN A 105 ? VAL A 77  GLN A 85  
AA1 6 VAL A 88  ? GLU A 94  ? VAL A 68  GLU A 74  
# 
loop_
_pdbx_struct_sheet_hbond.sheet_id 
_pdbx_struct_sheet_hbond.range_id_1 
_pdbx_struct_sheet_hbond.range_id_2 
_pdbx_struct_sheet_hbond.range_1_label_atom_id 
_pdbx_struct_sheet_hbond.range_1_label_comp_id 
_pdbx_struct_sheet_hbond.range_1_label_asym_id 
_pdbx_struct_sheet_hbond.range_1_label_seq_id 
_pdbx_struct_sheet_hbond.range_1_PDB_ins_code 
_pdbx_struct_sheet_hbond.range_1_auth_atom_id 
_pdbx_struct_sheet_hbond.range_1_auth_comp_id 
_pdbx_struct_sheet_hbond.range_1_auth_asym_id 
_pdbx_struct_sheet_hbond.range_1_auth_seq_id 
_pdbx_struct_sheet_hbond.range_2_label_atom_id 
_pdbx_struct_sheet_hbond.range_2_label_comp_id 
_pdbx_struct_sheet_hbond.range_2_label_asym_id 
_pdbx_struct_sheet_hbond.range_2_label_seq_id 
_pdbx_struct_sheet_hbond.range_2_PDB_ins_code 
_pdbx_struct_sheet_hbond.range_2_auth_atom_id 
_pdbx_struct_sheet_hbond.range_2_auth_comp_id 
_pdbx_struct_sheet_hbond.range_2_auth_asym_id 
_pdbx_struct_sheet_hbond.range_2_auth_seq_id 
AA1 1 2 N SER A 25  ? N SER A 5   O VAL A 174 ? O VAL A 154 
AA1 2 3 O TYR A 175 ? O TYR A 155 N LEU A 142 ? N LEU A 122 
AA1 3 4 O SER A 139 ? O SER A 119 N MET A 41  ? N MET A 21  
AA1 4 5 N CYS A 46  ? N CYS A 26  O MET A 102 ? O MET A 82  
AA1 5 6 O VAL A 97  ? O VAL A 77  N VAL A 93  ? N VAL A 73  
# 
loop_
_struct_site.id 
_struct_site.pdbx_evidence_code 
_struct_site.pdbx_auth_asym_id 
_struct_site.pdbx_auth_comp_id 
_struct_site.pdbx_auth_seq_id 
_struct_site.pdbx_auth_ins_code 
_struct_site.pdbx_num_residues 
_struct_site.details 
AC1 Software A NA  1000 ? 6 'binding site for residue NA A 1000'  
AC2 Software A NA  1001 ? 5 'binding site for residue NA A 1001'  
AC3 Software A EDO 1002 ? 8 'binding site for residue EDO A 1002' 
# 
loop_
_struct_site_gen.id 
_struct_site_gen.site_id 
_struct_site_gen.pdbx_num_res 
_struct_site_gen.label_comp_id 
_struct_site_gen.label_asym_id 
_struct_site_gen.label_seq_id 
_struct_site_gen.pdbx_auth_ins_code 
_struct_site_gen.auth_comp_id 
_struct_site_gen.auth_asym_id 
_struct_site_gen.auth_seq_id 
_struct_site_gen.label_atom_id 
_struct_site_gen.label_alt_id 
_struct_site_gen.symmetry 
_struct_site_gen.details 
1  AC1 6 TYR A 26  ? TYR A 6    . ? 1_555 ? 
2  AC1 6 VAL A 27  ? VAL A 7    . ? 1_555 ? 
3  AC1 6 ARG A 144 ? ARG A 124  . ? 1_555 ? 
4  AC1 6 VAL A 174 ? VAL A 154  . ? 1_555 ? 
5  AC1 6 ASP A 176 ? ASP A 156  . ? 1_555 ? 
6  AC1 6 HOH E .   ? HOH A 1155 . ? 1_555 ? 
7  AC2 5 TYR A 26  ? TYR A 6    . ? 7_555 ? 
8  AC2 5 ARG A 144 ? ARG A 124  . ? 7_555 ? 
9  AC2 5 GLU A 158 ? GLU A 138  . ? 7_555 ? 
10 AC2 5 ASP A 176 ? ASP A 156  . ? 1_555 ? 
11 AC2 5 HOH E .   ? HOH A 1155 . ? 1_555 ? 
12 AC3 8 GLY A 51  ? GLY A 31   . ? 1_555 ? 
13 AC3 8 TRP A 52  ? TRP A 32   . ? 1_555 ? 
14 AC3 8 GLY A 53  ? GLY A 33   . ? 1_555 ? 
15 AC3 8 LYS A 54  ? LYS A 34   . ? 1_555 ? 
16 AC3 8 VAL A 57  ? VAL A 37   . ? 1_555 ? 
17 AC3 8 GLN A 92  ? GLN A 72   . ? 3_554 ? 
18 AC3 8 PRO A 95  ? PRO A 75   . ? 3_554 ? 
19 AC3 8 HOH E .   ? HOH A 1129 . ? 1_555 ? 
# 
loop_
_pdbx_validate_symm_contact.id 
_pdbx_validate_symm_contact.PDB_model_num 
_pdbx_validate_symm_contact.auth_atom_id_1 
_pdbx_validate_symm_contact.auth_asym_id_1 
_pdbx_validate_symm_contact.auth_comp_id_1 
_pdbx_validate_symm_contact.auth_seq_id_1 
_pdbx_validate_symm_contact.PDB_ins_code_1 
_pdbx_validate_symm_contact.label_alt_id_1 
_pdbx_validate_symm_contact.site_symmetry_1 
_pdbx_validate_symm_contact.auth_atom_id_2 
_pdbx_validate_symm_contact.auth_asym_id_2 
_pdbx_validate_symm_contact.auth_comp_id_2 
_pdbx_validate_symm_contact.auth_seq_id_2 
_pdbx_validate_symm_contact.PDB_ins_code_2 
_pdbx_validate_symm_contact.label_alt_id_2 
_pdbx_validate_symm_contact.site_symmetry_2 
_pdbx_validate_symm_contact.dist 
1 1 OH  A TYR 6 ? ? 1_555 NH2 A ARG 147 ? A 7_556 1.74 
2 1 NH1 A ARG 8 ? ? 1_555 NH1 A ARG 147 ? A 1_554 2.11 
# 
_pdbx_validate_rmsd_bond.id                        1 
_pdbx_validate_rmsd_bond.PDB_model_num             1 
_pdbx_validate_rmsd_bond.auth_atom_id_1            CD 
_pdbx_validate_rmsd_bond.auth_asym_id_1            A 
_pdbx_validate_rmsd_bond.auth_comp_id_1            GLU 
_pdbx_validate_rmsd_bond.auth_seq_id_1             138 
_pdbx_validate_rmsd_bond.PDB_ins_code_1            ? 
_pdbx_validate_rmsd_bond.label_alt_id_1            ? 
_pdbx_validate_rmsd_bond.auth_atom_id_2            OE1 
_pdbx_validate_rmsd_bond.auth_asym_id_2            A 
_pdbx_validate_rmsd_bond.auth_comp_id_2            GLU 
_pdbx_validate_rmsd_bond.auth_seq_id_2             138 
_pdbx_validate_rmsd_bond.PDB_ins_code_2            ? 
_pdbx_validate_rmsd_bond.label_alt_id_2            ? 
_pdbx_validate_rmsd_bond.bond_value                1.183 
_pdbx_validate_rmsd_bond.bond_target_value         1.252 
_pdbx_validate_rmsd_bond.bond_deviation            -0.069 
_pdbx_validate_rmsd_bond.bond_standard_deviation   0.011 
_pdbx_validate_rmsd_bond.linker_flag               N 
# 
loop_
_pdbx_validate_rmsd_angle.id 
_pdbx_validate_rmsd_angle.PDB_model_num 
_pdbx_validate_rmsd_angle.auth_atom_id_1 
_pdbx_validate_rmsd_angle.auth_asym_id_1 
_pdbx_validate_rmsd_angle.auth_comp_id_1 
_pdbx_validate_rmsd_angle.auth_seq_id_1 
_pdbx_validate_rmsd_angle.PDB_ins_code_1 
_pdbx_validate_rmsd_angle.label_alt_id_1 
_pdbx_validate_rmsd_angle.auth_atom_id_2 
_pdbx_validate_rmsd_angle.auth_asym_id_2 
_pdbx_validate_rmsd_angle.auth_comp_id_2 
_pdbx_validate_rmsd_angle.auth_seq_id_2 
_pdbx_validate_rmsd_angle.PDB_ins_code_2 
_pdbx_validate_rmsd_angle.label_alt_id_2 
_pdbx_validate_rmsd_angle.auth_atom_id_3 
_pdbx_validate_rmsd_angle.auth_asym_id_3 
_pdbx_validate_rmsd_angle.auth_comp_id_3 
_pdbx_validate_rmsd_angle.auth_seq_id_3 
_pdbx_validate_rmsd_angle.PDB_ins_code_3 
_pdbx_validate_rmsd_angle.label_alt_id_3 
_pdbx_validate_rmsd_angle.angle_value 
_pdbx_validate_rmsd_angle.angle_target_value 
_pdbx_validate_rmsd_angle.angle_deviation 
_pdbx_validate_rmsd_angle.angle_standard_deviation 
_pdbx_validate_rmsd_angle.linker_flag 
1 1 CB A ASP 10  ? A CG A ASP 10  ? A OD1 A ASP 10  ? A 125.34 118.30 7.04  0.90 N 
2 1 NE A ARG 43  ? ? CZ A ARG 43  ? ? NH2 A ARG 43  ? ? 116.65 120.30 -3.65 0.50 N 
3 1 NE A ARG 52  ? ? CZ A ARG 52  ? ? NH2 A ARG 52  ? ? 115.80 120.30 -4.50 0.50 N 
4 1 NE A ARG 56  ? ? CZ A ARG 56  ? ? NH1 A ARG 56  ? ? 114.77 120.30 -5.53 0.50 N 
5 1 NE A ARG 56  ? ? CZ A ARG 56  ? ? NH2 A ARG 56  ? ? 128.49 120.30 8.19  0.50 N 
6 1 NE A ARG 58  ? ? CZ A ARG 58  ? ? NH1 A ARG 58  ? ? 123.69 120.30 3.39  0.50 N 
7 1 NE A ARG 112 ? ? CZ A ARG 112 ? ? NH1 A ARG 112 ? ? 123.49 120.30 3.19  0.50 N 
8 1 NE A ARG 144 ? ? CZ A ARG 144 ? ? NH1 A ARG 144 ? ? 115.37 120.30 -4.93 0.50 N 
9 1 NE A ARG 144 ? ? CZ A ARG 144 ? ? NH2 A ARG 144 ? ? 124.26 120.30 3.96  0.50 N 
# 
_pdbx_validate_torsion.id              1 
_pdbx_validate_torsion.PDB_model_num   1 
_pdbx_validate_torsion.auth_comp_id    LEU 
_pdbx_validate_torsion.auth_asym_id    A 
_pdbx_validate_torsion.auth_seq_id     145 
_pdbx_validate_torsion.PDB_ins_code    ? 
_pdbx_validate_torsion.label_alt_id    ? 
_pdbx_validate_torsion.phi             -108.47 
_pdbx_validate_torsion.psi             -67.75 
# 
_pdbx_struct_special_symmetry.id              1 
_pdbx_struct_special_symmetry.PDB_model_num   1 
_pdbx_struct_special_symmetry.auth_asym_id    A 
_pdbx_struct_special_symmetry.auth_comp_id    HOH 
_pdbx_struct_special_symmetry.auth_seq_id     1252 
_pdbx_struct_special_symmetry.PDB_ins_code    ? 
_pdbx_struct_special_symmetry.label_asym_id   E 
_pdbx_struct_special_symmetry.label_comp_id   HOH 
_pdbx_struct_special_symmetry.label_seq_id    . 
# 
_pdbx_phasing_MR.entry_id                     5E3B 
_pdbx_phasing_MR.method_rotation              ? 
_pdbx_phasing_MR.method_translation           ? 
_pdbx_phasing_MR.model_details                ? 
_pdbx_phasing_MR.R_factor                     ? 
_pdbx_phasing_MR.R_rigid_body                 0.547 
_pdbx_phasing_MR.correlation_coeff_Fo_to_Fc   ? 
_pdbx_phasing_MR.correlation_coeff_Io_to_Ic   ? 
_pdbx_phasing_MR.d_res_high_rotation          36.710 
_pdbx_phasing_MR.d_res_low_rotation           1.870 
_pdbx_phasing_MR.d_res_high_translation       ? 
_pdbx_phasing_MR.d_res_low_translation        ? 
_pdbx_phasing_MR.packing                      ? 
_pdbx_phasing_MR.reflns_percent_rotation      ? 
_pdbx_phasing_MR.reflns_percent_translation   ? 
_pdbx_phasing_MR.sigma_F_rotation             ? 
_pdbx_phasing_MR.sigma_F_translation          ? 
_pdbx_phasing_MR.sigma_I_rotation             ? 
_pdbx_phasing_MR.sigma_I_translation          ? 
# 
_phasing.method   MR 
# 
_pdbx_distant_solvent_atoms.id                                1 
_pdbx_distant_solvent_atoms.PDB_model_num                     1 
_pdbx_distant_solvent_atoms.auth_atom_id                      O 
_pdbx_distant_solvent_atoms.label_alt_id                      ? 
_pdbx_distant_solvent_atoms.auth_asym_id                      A 
_pdbx_distant_solvent_atoms.auth_comp_id                      HOH 
_pdbx_distant_solvent_atoms.auth_seq_id                       1261 
_pdbx_distant_solvent_atoms.PDB_ins_code                      ? 
_pdbx_distant_solvent_atoms.neighbor_macromolecule_distance   5.98 
_pdbx_distant_solvent_atoms.neighbor_ligand_distance          . 
# 
loop_
_pdbx_unobs_or_zero_occ_residues.id 
_pdbx_unobs_or_zero_occ_residues.PDB_model_num 
_pdbx_unobs_or_zero_occ_residues.polymer_flag 
_pdbx_unobs_or_zero_occ_residues.occupancy_flag 
_pdbx_unobs_or_zero_occ_residues.auth_asym_id 
_pdbx_unobs_or_zero_occ_residues.auth_comp_id 
_pdbx_unobs_or_zero_occ_residues.auth_seq_id 
_pdbx_unobs_or_zero_occ_residues.PDB_ins_code 
_pdbx_unobs_or_zero_occ_residues.label_asym_id 
_pdbx_unobs_or_zero_occ_residues.label_comp_id 
_pdbx_unobs_or_zero_occ_residues.label_seq_id 
1  1 Y 1 A MET -19 ? A MET 1   
2  1 Y 1 A GLY -18 ? A GLY 2   
3  1 Y 1 A SER -17 ? A SER 3   
4  1 Y 1 A SER -16 ? A SER 4   
5  1 Y 1 A HIS -15 ? A HIS 5   
6  1 Y 1 A HIS -14 ? A HIS 6   
7  1 Y 1 A HIS -13 ? A HIS 7   
8  1 Y 1 A HIS -12 ? A HIS 8   
9  1 Y 1 A HIS -11 ? A HIS 9   
10 1 Y 1 A HIS -10 ? A HIS 10  
11 1 Y 1 A SER -9  ? A SER 11  
12 1 Y 1 A SER -8  ? A SER 12  
13 1 Y 1 A GLY -7  ? A GLY 13  
14 1 Y 1 A LEU -6  ? A LEU 14  
15 1 Y 1 A VAL -5  ? A VAL 15  
16 1 Y 1 A PRO -4  ? A PRO 16  
17 1 Y 1 A ARG -3  ? A ARG 17  
18 1 Y 1 A GLY -2  ? A GLY 18  
19 1 Y 1 A SER -1  ? A SER 19  
20 1 Y 1 A HIS 0   ? A HIS 20  
21 1 Y 1 A MET 1   ? A MET 21  
22 1 Y 1 A SER 2   ? A SER 22  
23 1 Y 1 A THR 90  ? A THR 110 
24 1 Y 1 A GLY 91  ? A GLY 111 
25 1 Y 1 A SER 92  ? A SER 112 
26 1 Y 1 A LYS 93  ? A LYS 113 
27 1 Y 1 A GLY 94  ? A GLY 114 
28 1 Y 1 A ALA 95  ? A ALA 115 
29 1 Y 1 A GLY 126 ? A GLY 146 
30 1 Y 1 A CYS 127 ? A CYS 147 
31 1 Y 1 A ASP 159 ? A ASP 179 
32 1 Y 1 A THR 160 ? A THR 180 
33 1 Y 1 A ALA 161 ? A ALA 181 
# 
loop_
_chem_comp_atom.comp_id 
_chem_comp_atom.atom_id 
_chem_comp_atom.type_symbol 
_chem_comp_atom.pdbx_aromatic_flag 
_chem_comp_atom.pdbx_stereo_config 
_chem_comp_atom.pdbx_ordinal 
ALA N    N  N N 1   
ALA CA   C  N S 2   
ALA C    C  N N 3   
ALA O    O  N N 4   
ALA CB   C  N N 5   
ALA OXT  O  N N 6   
ALA H    H  N N 7   
ALA H2   H  N N 8   
ALA HA   H  N N 9   
ALA HB1  H  N N 10  
ALA HB2  H  N N 11  
ALA HB3  H  N N 12  
ALA HXT  H  N N 13  
ARG N    N  N N 14  
ARG CA   C  N S 15  
ARG C    C  N N 16  
ARG O    O  N N 17  
ARG CB   C  N N 18  
ARG CG   C  N N 19  
ARG CD   C  N N 20  
ARG NE   N  N N 21  
ARG CZ   C  N N 22  
ARG NH1  N  N N 23  
ARG NH2  N  N N 24  
ARG OXT  O  N N 25  
ARG H    H  N N 26  
ARG H2   H  N N 27  
ARG HA   H  N N 28  
ARG HB2  H  N N 29  
ARG HB3  H  N N 30  
ARG HG2  H  N N 31  
ARG HG3  H  N N 32  
ARG HD2  H  N N 33  
ARG HD3  H  N N 34  
ARG HE   H  N N 35  
ARG HH11 H  N N 36  
ARG HH12 H  N N 37  
ARG HH21 H  N N 38  
ARG HH22 H  N N 39  
ARG HXT  H  N N 40  
ASN N    N  N N 41  
ASN CA   C  N S 42  
ASN C    C  N N 43  
ASN O    O  N N 44  
ASN CB   C  N N 45  
ASN CG   C  N N 46  
ASN OD1  O  N N 47  
ASN ND2  N  N N 48  
ASN OXT  O  N N 49  
ASN H    H  N N 50  
ASN H2   H  N N 51  
ASN HA   H  N N 52  
ASN HB2  H  N N 53  
ASN HB3  H  N N 54  
ASN HD21 H  N N 55  
ASN HD22 H  N N 56  
ASN HXT  H  N N 57  
ASP N    N  N N 58  
ASP CA   C  N S 59  
ASP C    C  N N 60  
ASP O    O  N N 61  
ASP CB   C  N N 62  
ASP CG   C  N N 63  
ASP OD1  O  N N 64  
ASP OD2  O  N N 65  
ASP OXT  O  N N 66  
ASP H    H  N N 67  
ASP H2   H  N N 68  
ASP HA   H  N N 69  
ASP HB2  H  N N 70  
ASP HB3  H  N N 71  
ASP HD2  H  N N 72  
ASP HXT  H  N N 73  
CYS N    N  N N 74  
CYS CA   C  N R 75  
CYS C    C  N N 76  
CYS O    O  N N 77  
CYS CB   C  N N 78  
CYS SG   S  N N 79  
CYS OXT  O  N N 80  
CYS H    H  N N 81  
CYS H2   H  N N 82  
CYS HA   H  N N 83  
CYS HB2  H  N N 84  
CYS HB3  H  N N 85  
CYS HG   H  N N 86  
CYS HXT  H  N N 87  
EDO C1   C  N N 88  
EDO O1   O  N N 89  
EDO C2   C  N N 90  
EDO O2   O  N N 91  
EDO H11  H  N N 92  
EDO H12  H  N N 93  
EDO HO1  H  N N 94  
EDO H21  H  N N 95  
EDO H22  H  N N 96  
EDO HO2  H  N N 97  
GLN N    N  N N 98  
GLN CA   C  N S 99  
GLN C    C  N N 100 
GLN O    O  N N 101 
GLN CB   C  N N 102 
GLN CG   C  N N 103 
GLN CD   C  N N 104 
GLN OE1  O  N N 105 
GLN NE2  N  N N 106 
GLN OXT  O  N N 107 
GLN H    H  N N 108 
GLN H2   H  N N 109 
GLN HA   H  N N 110 
GLN HB2  H  N N 111 
GLN HB3  H  N N 112 
GLN HG2  H  N N 113 
GLN HG3  H  N N 114 
GLN HE21 H  N N 115 
GLN HE22 H  N N 116 
GLN HXT  H  N N 117 
GLU N    N  N N 118 
GLU CA   C  N S 119 
GLU C    C  N N 120 
GLU O    O  N N 121 
GLU CB   C  N N 122 
GLU CG   C  N N 123 
GLU CD   C  N N 124 
GLU OE1  O  N N 125 
GLU OE2  O  N N 126 
GLU OXT  O  N N 127 
GLU H    H  N N 128 
GLU H2   H  N N 129 
GLU HA   H  N N 130 
GLU HB2  H  N N 131 
GLU HB3  H  N N 132 
GLU HG2  H  N N 133 
GLU HG3  H  N N 134 
GLU HE2  H  N N 135 
GLU HXT  H  N N 136 
GLY N    N  N N 137 
GLY CA   C  N N 138 
GLY C    C  N N 139 
GLY O    O  N N 140 
GLY OXT  O  N N 141 
GLY H    H  N N 142 
GLY H2   H  N N 143 
GLY HA2  H  N N 144 
GLY HA3  H  N N 145 
GLY HXT  H  N N 146 
HIS N    N  N N 147 
HIS CA   C  N S 148 
HIS C    C  N N 149 
HIS O    O  N N 150 
HIS CB   C  N N 151 
HIS CG   C  Y N 152 
HIS ND1  N  Y N 153 
HIS CD2  C  Y N 154 
HIS CE1  C  Y N 155 
HIS NE2  N  Y N 156 
HIS OXT  O  N N 157 
HIS H    H  N N 158 
HIS H2   H  N N 159 
HIS HA   H  N N 160 
HIS HB2  H  N N 161 
HIS HB3  H  N N 162 
HIS HD1  H  N N 163 
HIS HD2  H  N N 164 
HIS HE1  H  N N 165 
HIS HE2  H  N N 166 
HIS HXT  H  N N 167 
HOH O    O  N N 168 
HOH H1   H  N N 169 
HOH H2   H  N N 170 
ILE N    N  N N 171 
ILE CA   C  N S 172 
ILE C    C  N N 173 
ILE O    O  N N 174 
ILE CB   C  N S 175 
ILE CG1  C  N N 176 
ILE CG2  C  N N 177 
ILE CD1  C  N N 178 
ILE OXT  O  N N 179 
ILE H    H  N N 180 
ILE H2   H  N N 181 
ILE HA   H  N N 182 
ILE HB   H  N N 183 
ILE HG12 H  N N 184 
ILE HG13 H  N N 185 
ILE HG21 H  N N 186 
ILE HG22 H  N N 187 
ILE HG23 H  N N 188 
ILE HD11 H  N N 189 
ILE HD12 H  N N 190 
ILE HD13 H  N N 191 
ILE HXT  H  N N 192 
LEU N    N  N N 193 
LEU CA   C  N S 194 
LEU C    C  N N 195 
LEU O    O  N N 196 
LEU CB   C  N N 197 
LEU CG   C  N N 198 
LEU CD1  C  N N 199 
LEU CD2  C  N N 200 
LEU OXT  O  N N 201 
LEU H    H  N N 202 
LEU H2   H  N N 203 
LEU HA   H  N N 204 
LEU HB2  H  N N 205 
LEU HB3  H  N N 206 
LEU HG   H  N N 207 
LEU HD11 H  N N 208 
LEU HD12 H  N N 209 
LEU HD13 H  N N 210 
LEU HD21 H  N N 211 
LEU HD22 H  N N 212 
LEU HD23 H  N N 213 
LEU HXT  H  N N 214 
LYS N    N  N N 215 
LYS CA   C  N S 216 
LYS C    C  N N 217 
LYS O    O  N N 218 
LYS CB   C  N N 219 
LYS CG   C  N N 220 
LYS CD   C  N N 221 
LYS CE   C  N N 222 
LYS NZ   N  N N 223 
LYS OXT  O  N N 224 
LYS H    H  N N 225 
LYS H2   H  N N 226 
LYS HA   H  N N 227 
LYS HB2  H  N N 228 
LYS HB3  H  N N 229 
LYS HG2  H  N N 230 
LYS HG3  H  N N 231 
LYS HD2  H  N N 232 
LYS HD3  H  N N 233 
LYS HE2  H  N N 234 
LYS HE3  H  N N 235 
LYS HZ1  H  N N 236 
LYS HZ2  H  N N 237 
LYS HZ3  H  N N 238 
LYS HXT  H  N N 239 
MET N    N  N N 240 
MET CA   C  N S 241 
MET C    C  N N 242 
MET O    O  N N 243 
MET CB   C  N N 244 
MET CG   C  N N 245 
MET SD   S  N N 246 
MET CE   C  N N 247 
MET OXT  O  N N 248 
MET H    H  N N 249 
MET H2   H  N N 250 
MET HA   H  N N 251 
MET HB2  H  N N 252 
MET HB3  H  N N 253 
MET HG2  H  N N 254 
MET HG3  H  N N 255 
MET HE1  H  N N 256 
MET HE2  H  N N 257 
MET HE3  H  N N 258 
MET HXT  H  N N 259 
NA  NA   NA N N 260 
PHE N    N  N N 261 
PHE CA   C  N S 262 
PHE C    C  N N 263 
PHE O    O  N N 264 
PHE CB   C  N N 265 
PHE CG   C  Y N 266 
PHE CD1  C  Y N 267 
PHE CD2  C  Y N 268 
PHE CE1  C  Y N 269 
PHE CE2  C  Y N 270 
PHE CZ   C  Y N 271 
PHE OXT  O  N N 272 
PHE H    H  N N 273 
PHE H2   H  N N 274 
PHE HA   H  N N 275 
PHE HB2  H  N N 276 
PHE HB3  H  N N 277 
PHE HD1  H  N N 278 
PHE HD2  H  N N 279 
PHE HE1  H  N N 280 
PHE HE2  H  N N 281 
PHE HZ   H  N N 282 
PHE HXT  H  N N 283 
PRO N    N  N N 284 
PRO CA   C  N S 285 
PRO C    C  N N 286 
PRO O    O  N N 287 
PRO CB   C  N N 288 
PRO CG   C  N N 289 
PRO CD   C  N N 290 
PRO OXT  O  N N 291 
PRO H    H  N N 292 
PRO HA   H  N N 293 
PRO HB2  H  N N 294 
PRO HB3  H  N N 295 
PRO HG2  H  N N 296 
PRO HG3  H  N N 297 
PRO HD2  H  N N 298 
PRO HD3  H  N N 299 
PRO HXT  H  N N 300 
SER N    N  N N 301 
SER CA   C  N S 302 
SER C    C  N N 303 
SER O    O  N N 304 
SER CB   C  N N 305 
SER OG   O  N N 306 
SER OXT  O  N N 307 
SER H    H  N N 308 
SER H2   H  N N 309 
SER HA   H  N N 310 
SER HB2  H  N N 311 
SER HB3  H  N N 312 
SER HG   H  N N 313 
SER HXT  H  N N 314 
THR N    N  N N 315 
THR CA   C  N S 316 
THR C    C  N N 317 
THR O    O  N N 318 
THR CB   C  N R 319 
THR OG1  O  N N 320 
THR CG2  C  N N 321 
THR OXT  O  N N 322 
THR H    H  N N 323 
THR H2   H  N N 324 
THR HA   H  N N 325 
THR HB   H  N N 326 
THR HG1  H  N N 327 
THR HG21 H  N N 328 
THR HG22 H  N N 329 
THR HG23 H  N N 330 
THR HXT  H  N N 331 
TRP N    N  N N 332 
TRP CA   C  N S 333 
TRP C    C  N N 334 
TRP O    O  N N 335 
TRP CB   C  N N 336 
TRP CG   C  Y N 337 
TRP CD1  C  Y N 338 
TRP CD2  C  Y N 339 
TRP NE1  N  Y N 340 
TRP CE2  C  Y N 341 
TRP CE3  C  Y N 342 
TRP CZ2  C  Y N 343 
TRP CZ3  C  Y N 344 
TRP CH2  C  Y N 345 
TRP OXT  O  N N 346 
TRP H    H  N N 347 
TRP H2   H  N N 348 
TRP HA   H  N N 349 
TRP HB2  H  N N 350 
TRP HB3  H  N N 351 
TRP HD1  H  N N 352 
TRP HE1  H  N N 353 
TRP HE3  H  N N 354 
TRP HZ2  H  N N 355 
TRP HZ3  H  N N 356 
TRP HH2  H  N N 357 
TRP HXT  H  N N 358 
TYR N    N  N N 359 
TYR CA   C  N S 360 
TYR C    C  N N 361 
TYR O    O  N N 362 
TYR CB   C  N N 363 
TYR CG   C  Y N 364 
TYR CD1  C  Y N 365 
TYR CD2  C  Y N 366 
TYR CE1  C  Y N 367 
TYR CE2  C  Y N 368 
TYR CZ   C  Y N 369 
TYR OH   O  N N 370 
TYR OXT  O  N N 371 
TYR H    H  N N 372 
TYR H2   H  N N 373 
TYR HA   H  N N 374 
TYR HB2  H  N N 375 
TYR HB3  H  N N 376 
TYR HD1  H  N N 377 
TYR HD2  H  N N 378 
TYR HE1  H  N N 379 
TYR HE2  H  N N 380 
TYR HH   H  N N 381 
TYR HXT  H  N N 382 
VAL N    N  N N 383 
VAL CA   C  N S 384 
VAL C    C  N N 385 
VAL O    O  N N 386 
VAL CB   C  N N 387 
VAL CG1  C  N N 388 
VAL CG2  C  N N 389 
VAL OXT  O  N N 390 
VAL H    H  N N 391 
VAL H2   H  N N 392 
VAL HA   H  N N 393 
VAL HB   H  N N 394 
VAL HG11 H  N N 395 
VAL HG12 H  N N 396 
VAL HG13 H  N N 397 
VAL HG21 H  N N 398 
VAL HG22 H  N N 399 
VAL HG23 H  N N 400 
VAL HXT  H  N N 401 
# 
loop_
_chem_comp_bond.comp_id 
_chem_comp_bond.atom_id_1 
_chem_comp_bond.atom_id_2 
_chem_comp_bond.value_order 
_chem_comp_bond.pdbx_aromatic_flag 
_chem_comp_bond.pdbx_stereo_config 
_chem_comp_bond.pdbx_ordinal 
ALA N   CA   sing N N 1   
ALA N   H    sing N N 2   
ALA N   H2   sing N N 3   
ALA CA  C    sing N N 4   
ALA CA  CB   sing N N 5   
ALA CA  HA   sing N N 6   
ALA C   O    doub N N 7   
ALA C   OXT  sing N N 8   
ALA CB  HB1  sing N N 9   
ALA CB  HB2  sing N N 10  
ALA CB  HB3  sing N N 11  
ALA OXT HXT  sing N N 12  
ARG N   CA   sing N N 13  
ARG N   H    sing N N 14  
ARG N   H2   sing N N 15  
ARG CA  C    sing N N 16  
ARG CA  CB   sing N N 17  
ARG CA  HA   sing N N 18  
ARG C   O    doub N N 19  
ARG C   OXT  sing N N 20  
ARG CB  CG   sing N N 21  
ARG CB  HB2  sing N N 22  
ARG CB  HB3  sing N N 23  
ARG CG  CD   sing N N 24  
ARG CG  HG2  sing N N 25  
ARG CG  HG3  sing N N 26  
ARG CD  NE   sing N N 27  
ARG CD  HD2  sing N N 28  
ARG CD  HD3  sing N N 29  
ARG NE  CZ   sing N N 30  
ARG NE  HE   sing N N 31  
ARG CZ  NH1  sing N N 32  
ARG CZ  NH2  doub N N 33  
ARG NH1 HH11 sing N N 34  
ARG NH1 HH12 sing N N 35  
ARG NH2 HH21 sing N N 36  
ARG NH2 HH22 sing N N 37  
ARG OXT HXT  sing N N 38  
ASN N   CA   sing N N 39  
ASN N   H    sing N N 40  
ASN N   H2   sing N N 41  
ASN CA  C    sing N N 42  
ASN CA  CB   sing N N 43  
ASN CA  HA   sing N N 44  
ASN C   O    doub N N 45  
ASN C   OXT  sing N N 46  
ASN CB  CG   sing N N 47  
ASN CB  HB2  sing N N 48  
ASN CB  HB3  sing N N 49  
ASN CG  OD1  doub N N 50  
ASN CG  ND2  sing N N 51  
ASN ND2 HD21 sing N N 52  
ASN ND2 HD22 sing N N 53  
ASN OXT HXT  sing N N 54  
ASP N   CA   sing N N 55  
ASP N   H    sing N N 56  
ASP N   H2   sing N N 57  
ASP CA  C    sing N N 58  
ASP CA  CB   sing N N 59  
ASP CA  HA   sing N N 60  
ASP C   O    doub N N 61  
ASP C   OXT  sing N N 62  
ASP CB  CG   sing N N 63  
ASP CB  HB2  sing N N 64  
ASP CB  HB3  sing N N 65  
ASP CG  OD1  doub N N 66  
ASP CG  OD2  sing N N 67  
ASP OD2 HD2  sing N N 68  
ASP OXT HXT  sing N N 69  
CYS N   CA   sing N N 70  
CYS N   H    sing N N 71  
CYS N   H2   sing N N 72  
CYS CA  C    sing N N 73  
CYS CA  CB   sing N N 74  
CYS CA  HA   sing N N 75  
CYS C   O    doub N N 76  
CYS C   OXT  sing N N 77  
CYS CB  SG   sing N N 78  
CYS CB  HB2  sing N N 79  
CYS CB  HB3  sing N N 80  
CYS SG  HG   sing N N 81  
CYS OXT HXT  sing N N 82  
EDO C1  O1   sing N N 83  
EDO C1  C2   sing N N 84  
EDO C1  H11  sing N N 85  
EDO C1  H12  sing N N 86  
EDO O1  HO1  sing N N 87  
EDO C2  O2   sing N N 88  
EDO C2  H21  sing N N 89  
EDO C2  H22  sing N N 90  
EDO O2  HO2  sing N N 91  
GLN N   CA   sing N N 92  
GLN N   H    sing N N 93  
GLN N   H2   sing N N 94  
GLN CA  C    sing N N 95  
GLN CA  CB   sing N N 96  
GLN CA  HA   sing N N 97  
GLN C   O    doub N N 98  
GLN C   OXT  sing N N 99  
GLN CB  CG   sing N N 100 
GLN CB  HB2  sing N N 101 
GLN CB  HB3  sing N N 102 
GLN CG  CD   sing N N 103 
GLN CG  HG2  sing N N 104 
GLN CG  HG3  sing N N 105 
GLN CD  OE1  doub N N 106 
GLN CD  NE2  sing N N 107 
GLN NE2 HE21 sing N N 108 
GLN NE2 HE22 sing N N 109 
GLN OXT HXT  sing N N 110 
GLU N   CA   sing N N 111 
GLU N   H    sing N N 112 
GLU N   H2   sing N N 113 
GLU CA  C    sing N N 114 
GLU CA  CB   sing N N 115 
GLU CA  HA   sing N N 116 
GLU C   O    doub N N 117 
GLU C   OXT  sing N N 118 
GLU CB  CG   sing N N 119 
GLU CB  HB2  sing N N 120 
GLU CB  HB3  sing N N 121 
GLU CG  CD   sing N N 122 
GLU CG  HG2  sing N N 123 
GLU CG  HG3  sing N N 124 
GLU CD  OE1  doub N N 125 
GLU CD  OE2  sing N N 126 
GLU OE2 HE2  sing N N 127 
GLU OXT HXT  sing N N 128 
GLY N   CA   sing N N 129 
GLY N   H    sing N N 130 
GLY N   H2   sing N N 131 
GLY CA  C    sing N N 132 
GLY CA  HA2  sing N N 133 
GLY CA  HA3  sing N N 134 
GLY C   O    doub N N 135 
GLY C   OXT  sing N N 136 
GLY OXT HXT  sing N N 137 
HIS N   CA   sing N N 138 
HIS N   H    sing N N 139 
HIS N   H2   sing N N 140 
HIS CA  C    sing N N 141 
HIS CA  CB   sing N N 142 
HIS CA  HA   sing N N 143 
HIS C   O    doub N N 144 
HIS C   OXT  sing N N 145 
HIS CB  CG   sing N N 146 
HIS CB  HB2  sing N N 147 
HIS CB  HB3  sing N N 148 
HIS CG  ND1  sing Y N 149 
HIS CG  CD2  doub Y N 150 
HIS ND1 CE1  doub Y N 151 
HIS ND1 HD1  sing N N 152 
HIS CD2 NE2  sing Y N 153 
HIS CD2 HD2  sing N N 154 
HIS CE1 NE2  sing Y N 155 
HIS CE1 HE1  sing N N 156 
HIS NE2 HE2  sing N N 157 
HIS OXT HXT  sing N N 158 
HOH O   H1   sing N N 159 
HOH O   H2   sing N N 160 
ILE N   CA   sing N N 161 
ILE N   H    sing N N 162 
ILE N   H2   sing N N 163 
ILE CA  C    sing N N 164 
ILE CA  CB   sing N N 165 
ILE CA  HA   sing N N 166 
ILE C   O    doub N N 167 
ILE C   OXT  sing N N 168 
ILE CB  CG1  sing N N 169 
ILE CB  CG2  sing N N 170 
ILE CB  HB   sing N N 171 
ILE CG1 CD1  sing N N 172 
ILE CG1 HG12 sing N N 173 
ILE CG1 HG13 sing N N 174 
ILE CG2 HG21 sing N N 175 
ILE CG2 HG22 sing N N 176 
ILE CG2 HG23 sing N N 177 
ILE CD1 HD11 sing N N 178 
ILE CD1 HD12 sing N N 179 
ILE CD1 HD13 sing N N 180 
ILE OXT HXT  sing N N 181 
LEU N   CA   sing N N 182 
LEU N   H    sing N N 183 
LEU N   H2   sing N N 184 
LEU CA  C    sing N N 185 
LEU CA  CB   sing N N 186 
LEU CA  HA   sing N N 187 
LEU C   O    doub N N 188 
LEU C   OXT  sing N N 189 
LEU CB  CG   sing N N 190 
LEU CB  HB2  sing N N 191 
LEU CB  HB3  sing N N 192 
LEU CG  CD1  sing N N 193 
LEU CG  CD2  sing N N 194 
LEU CG  HG   sing N N 195 
LEU CD1 HD11 sing N N 196 
LEU CD1 HD12 sing N N 197 
LEU CD1 HD13 sing N N 198 
LEU CD2 HD21 sing N N 199 
LEU CD2 HD22 sing N N 200 
LEU CD2 HD23 sing N N 201 
LEU OXT HXT  sing N N 202 
LYS N   CA   sing N N 203 
LYS N   H    sing N N 204 
LYS N   H2   sing N N 205 
LYS CA  C    sing N N 206 
LYS CA  CB   sing N N 207 
LYS CA  HA   sing N N 208 
LYS C   O    doub N N 209 
LYS C   OXT  sing N N 210 
LYS CB  CG   sing N N 211 
LYS CB  HB2  sing N N 212 
LYS CB  HB3  sing N N 213 
LYS CG  CD   sing N N 214 
LYS CG  HG2  sing N N 215 
LYS CG  HG3  sing N N 216 
LYS CD  CE   sing N N 217 
LYS CD  HD2  sing N N 218 
LYS CD  HD3  sing N N 219 
LYS CE  NZ   sing N N 220 
LYS CE  HE2  sing N N 221 
LYS CE  HE3  sing N N 222 
LYS NZ  HZ1  sing N N 223 
LYS NZ  HZ2  sing N N 224 
LYS NZ  HZ3  sing N N 225 
LYS OXT HXT  sing N N 226 
MET N   CA   sing N N 227 
MET N   H    sing N N 228 
MET N   H2   sing N N 229 
MET CA  C    sing N N 230 
MET CA  CB   sing N N 231 
MET CA  HA   sing N N 232 
MET C   O    doub N N 233 
MET C   OXT  sing N N 234 
MET CB  CG   sing N N 235 
MET CB  HB2  sing N N 236 
MET CB  HB3  sing N N 237 
MET CG  SD   sing N N 238 
MET CG  HG2  sing N N 239 
MET CG  HG3  sing N N 240 
MET SD  CE   sing N N 241 
MET CE  HE1  sing N N 242 
MET CE  HE2  sing N N 243 
MET CE  HE3  sing N N 244 
MET OXT HXT  sing N N 245 
PHE N   CA   sing N N 246 
PHE N   H    sing N N 247 
PHE N   H2   sing N N 248 
PHE CA  C    sing N N 249 
PHE CA  CB   sing N N 250 
PHE CA  HA   sing N N 251 
PHE C   O    doub N N 252 
PHE C   OXT  sing N N 253 
PHE CB  CG   sing N N 254 
PHE CB  HB2  sing N N 255 
PHE CB  HB3  sing N N 256 
PHE CG  CD1  doub Y N 257 
PHE CG  CD2  sing Y N 258 
PHE CD1 CE1  sing Y N 259 
PHE CD1 HD1  sing N N 260 
PHE CD2 CE2  doub Y N 261 
PHE CD2 HD2  sing N N 262 
PHE CE1 CZ   doub Y N 263 
PHE CE1 HE1  sing N N 264 
PHE CE2 CZ   sing Y N 265 
PHE CE2 HE2  sing N N 266 
PHE CZ  HZ   sing N N 267 
PHE OXT HXT  sing N N 268 
PRO N   CA   sing N N 269 
PRO N   CD   sing N N 270 
PRO N   H    sing N N 271 
PRO CA  C    sing N N 272 
PRO CA  CB   sing N N 273 
PRO CA  HA   sing N N 274 
PRO C   O    doub N N 275 
PRO C   OXT  sing N N 276 
PRO CB  CG   sing N N 277 
PRO CB  HB2  sing N N 278 
PRO CB  HB3  sing N N 279 
PRO CG  CD   sing N N 280 
PRO CG  HG2  sing N N 281 
PRO CG  HG3  sing N N 282 
PRO CD  HD2  sing N N 283 
PRO CD  HD3  sing N N 284 
PRO OXT HXT  sing N N 285 
SER N   CA   sing N N 286 
SER N   H    sing N N 287 
SER N   H2   sing N N 288 
SER CA  C    sing N N 289 
SER CA  CB   sing N N 290 
SER CA  HA   sing N N 291 
SER C   O    doub N N 292 
SER C   OXT  sing N N 293 
SER CB  OG   sing N N 294 
SER CB  HB2  sing N N 295 
SER CB  HB3  sing N N 296 
SER OG  HG   sing N N 297 
SER OXT HXT  sing N N 298 
THR N   CA   sing N N 299 
THR N   H    sing N N 300 
THR N   H2   sing N N 301 
THR CA  C    sing N N 302 
THR CA  CB   sing N N 303 
THR CA  HA   sing N N 304 
THR C   O    doub N N 305 
THR C   OXT  sing N N 306 
THR CB  OG1  sing N N 307 
THR CB  CG2  sing N N 308 
THR CB  HB   sing N N 309 
THR OG1 HG1  sing N N 310 
THR CG2 HG21 sing N N 311 
THR CG2 HG22 sing N N 312 
THR CG2 HG23 sing N N 313 
THR OXT HXT  sing N N 314 
TRP N   CA   sing N N 315 
TRP N   H    sing N N 316 
TRP N   H2   sing N N 317 
TRP CA  C    sing N N 318 
TRP CA  CB   sing N N 319 
TRP CA  HA   sing N N 320 
TRP C   O    doub N N 321 
TRP C   OXT  sing N N 322 
TRP CB  CG   sing N N 323 
TRP CB  HB2  sing N N 324 
TRP CB  HB3  sing N N 325 
TRP CG  CD1  doub Y N 326 
TRP CG  CD2  sing Y N 327 
TRP CD1 NE1  sing Y N 328 
TRP CD1 HD1  sing N N 329 
TRP CD2 CE2  doub Y N 330 
TRP CD2 CE3  sing Y N 331 
TRP NE1 CE2  sing Y N 332 
TRP NE1 HE1  sing N N 333 
TRP CE2 CZ2  sing Y N 334 
TRP CE3 CZ3  doub Y N 335 
TRP CE3 HE3  sing N N 336 
TRP CZ2 CH2  doub Y N 337 
TRP CZ2 HZ2  sing N N 338 
TRP CZ3 CH2  sing Y N 339 
TRP CZ3 HZ3  sing N N 340 
TRP CH2 HH2  sing N N 341 
TRP OXT HXT  sing N N 342 
TYR N   CA   sing N N 343 
TYR N   H    sing N N 344 
TYR N   H2   sing N N 345 
TYR CA  C    sing N N 346 
TYR CA  CB   sing N N 347 
TYR CA  HA   sing N N 348 
TYR C   O    doub N N 349 
TYR C   OXT  sing N N 350 
TYR CB  CG   sing N N 351 
TYR CB  HB2  sing N N 352 
TYR CB  HB3  sing N N 353 
TYR CG  CD1  doub Y N 354 
TYR CG  CD2  sing Y N 355 
TYR CD1 CE1  sing Y N 356 
TYR CD1 HD1  sing N N 357 
TYR CD2 CE2  doub Y N 358 
TYR CD2 HD2  sing N N 359 
TYR CE1 CZ   doub Y N 360 
TYR CE1 HE1  sing N N 361 
TYR CE2 CZ   sing Y N 362 
TYR CE2 HE2  sing N N 363 
TYR CZ  OH   sing N N 364 
TYR OH  HH   sing N N 365 
TYR OXT HXT  sing N N 366 
VAL N   CA   sing N N 367 
VAL N   H    sing N N 368 
VAL N   H2   sing N N 369 
VAL CA  C    sing N N 370 
VAL CA  CB   sing N N 371 
VAL CA  HA   sing N N 372 
VAL C   O    doub N N 373 
VAL C   OXT  sing N N 374 
VAL CB  CG1  sing N N 375 
VAL CB  CG2  sing N N 376 
VAL CB  HB   sing N N 377 
VAL CG1 HG11 sing N N 378 
VAL CG1 HG12 sing N N 379 
VAL CG1 HG13 sing N N 380 
VAL CG2 HG21 sing N N 381 
VAL CG2 HG22 sing N N 382 
VAL CG2 HG23 sing N N 383 
VAL OXT HXT  sing N N 384 
# 
_pdbx_initial_refinement_model.id               1 
_pdbx_initial_refinement_model.entity_id_list   ? 
_pdbx_initial_refinement_model.type             'experimental model' 
_pdbx_initial_refinement_model.source_name      PDB 
_pdbx_initial_refinement_model.accession_code   2FG1 
_pdbx_initial_refinement_model.details          ? 
# 
_atom_sites.entry_id                    5E3B 
_atom_sites.fract_transf_matrix[1][1]   -0.00728467 
_atom_sites.fract_transf_matrix[1][2]   -0.00591476 
_atom_sites.fract_transf_matrix[1][3]   -0.00217361 
_atom_sites.fract_transf_matrix[2][1]   0.00047616 
_atom_sites.fract_transf_matrix[2][2]   -0.00382958 
_atom_sites.fract_transf_matrix[2][3]   0.00882513 
_atom_sites.fract_transf_matrix[3][1]   -0.01961764 
_atom_sites.fract_transf_matrix[3][2]   0.02050275 
_atom_sites.fract_transf_matrix[3][3]   0.00995544 
_atom_sites.fract_transf_vector[1]      0.120918 
_atom_sites.fract_transf_vector[2]      0.314902 
_atom_sites.fract_transf_vector[3]      0.253381 
# 
loop_
_atom_type.symbol 
C  
N  
NA 
O  
S  
# 
loop_
_atom_site.group_PDB 
_atom_site.id 
_atom_site.type_symbol 
_atom_site.label_atom_id 
_atom_site.label_alt_id 
_atom_site.label_comp_id 
_atom_site.label_asym_id 
_atom_site.label_entity_id 
_atom_site.label_seq_id 
_atom_site.pdbx_PDB_ins_code 
_atom_site.Cartn_x 
_atom_site.Cartn_y 
_atom_site.Cartn_z 
_atom_site.occupancy 
_atom_site.B_iso_or_equiv 
_atom_site.pdbx_formal_charge 
_atom_site.auth_seq_id 
_atom_site.auth_comp_id 
_atom_site.auth_asym_id 
_atom_site.auth_atom_id 
_atom_site.pdbx_PDB_model_num 
ATOM   1    N  N   . GLU A 1 23  ? -1.949  9.266   -15.463 1.00 28.16 ? 3    GLU A N   1 
ATOM   2    C  CA  . GLU A 1 23  ? -2.282  7.991   -16.185 1.00 25.29 ? 3    GLU A CA  1 
ATOM   3    C  C   . GLU A 1 23  ? -1.459  6.898   -15.485 1.00 21.43 ? 3    GLU A C   1 
ATOM   4    O  O   . GLU A 1 23  ? -0.216  7.019   -15.405 1.00 26.04 ? 3    GLU A O   1 
ATOM   5    C  CB  . GLU A 1 23  ? -1.933  8.023   -17.694 1.00 30.54 ? 3    GLU A CB  1 
ATOM   6    N  N   . ILE A 1 24  ? -2.146  5.887   -14.979 1.00 20.48 ? 4    ILE A N   1 
ATOM   7    C  CA  . ILE A 1 24  ? -1.559  4.744   -14.312 1.00 19.73 ? 4    ILE A CA  1 
ATOM   8    C  C   . ILE A 1 24  ? -0.628  4.075   -15.311 1.00 22.04 ? 4    ILE A C   1 
ATOM   9    O  O   . ILE A 1 24  ? -1.044  3.835   -16.506 1.00 21.88 ? 4    ILE A O   1 
ATOM   10   C  CB  . ILE A 1 24  ? -2.561  3.718   -13.932 1.00 19.67 ? 4    ILE A CB  1 
ATOM   11   C  CG1 . ILE A 1 24  ? -3.478  4.248   -12.840 1.00 22.28 ? 4    ILE A CG1 1 
ATOM   12   C  CG2 . ILE A 1 24  ? -1.864  2.422   -13.415 1.00 21.53 ? 4    ILE A CG2 1 
ATOM   13   C  CD1 . ILE A 1 24  ? -4.685  3.389   -12.462 1.00 23.89 ? 4    ILE A CD1 1 
ATOM   14   N  N   . SER A 1 25  ? 0.576   3.749   -14.853 1.00 17.73 ? 5    SER A N   1 
ATOM   15   C  CA  A SER A 1 25  ? 1.536   2.966   -15.639 0.40 17.19 ? 5    SER A CA  1 
ATOM   16   C  CA  B SER A 1 25  ? 1.564   2.955   -15.624 0.60 17.59 ? 5    SER A CA  1 
ATOM   17   C  C   . SER A 1 25  ? 1.496   1.541   -15.143 1.00 18.22 ? 5    SER A C   1 
ATOM   18   O  O   . SER A 1 25  ? 1.437   1.313   -13.942 1.00 17.06 ? 5    SER A O   1 
ATOM   19   C  CB  A SER A 1 25  ? 2.945   3.527   -15.527 0.40 17.68 ? 5    SER A CB  1 
ATOM   20   C  CB  B SER A 1 25  ? 2.983   3.480   -15.455 0.60 19.57 ? 5    SER A CB  1 
ATOM   21   O  OG  A SER A 1 25  ? 2.993   4.912   -15.872 0.40 16.71 ? 5    SER A OG  1 
ATOM   22   O  OG  B SER A 1 25  ? 3.968   2.602   -15.988 0.60 21.09 ? 5    SER A OG  1 
ATOM   23   N  N   . TYR A 1 26  ? 1.595   0.557   -16.057 1.00 16.92 ? 6    TYR A N   1 
ATOM   24   C  CA  . TYR A 1 26  ? 1.555   -0.842  -15.698 1.00 16.28 ? 6    TYR A CA  1 
ATOM   25   C  C   . TYR A 1 26  ? 2.892   -1.396  -16.114 1.00 17.48 ? 6    TYR A C   1 
ATOM   26   O  O   . TYR A 1 26  ? 3.282   -1.189  -17.261 1.00 18.58 ? 6    TYR A O   1 
ATOM   27   C  CB  . TYR A 1 26  ? 0.458   -1.635  -16.460 1.00 17.13 ? 6    TYR A CB  1 
ATOM   28   C  CG  . TYR A 1 26  ? -0.884  -1.069  -16.233 1.00 21.00 ? 6    TYR A CG  1 
ATOM   29   C  CD1 . TYR A 1 26  ? -1.580  -1.322  -15.067 1.00 20.67 ? 6    TYR A CD1 1 
ATOM   30   C  CD2 . TYR A 1 26  ? -1.362  -0.084  -17.113 1.00 23.95 ? 6    TYR A CD2 1 
ATOM   31   C  CE1 . TYR A 1 26  ? -2.793  -0.716  -14.855 1.00 22.36 ? 6    TYR A CE1 1 
ATOM   32   C  CE2 . TYR A 1 26  ? -2.582  0.544   -16.922 1.00 25.77 ? 6    TYR A CE2 1 
ATOM   33   C  CZ  . TYR A 1 26  ? -3.285  0.239   -15.800 1.00 25.51 ? 6    TYR A CZ  1 
ATOM   34   O  OH  . TYR A 1 26  ? -4.477  0.956   -15.717 1.00 30.49 ? 6    TYR A OH  1 
ATOM   35   N  N   . VAL A 1 27  ? 3.627   -1.968  -15.164 1.00 17.32 ? 7    VAL A N   1 
ATOM   36   C  CA  . VAL A 1 27  ? 4.950   -2.505  -15.437 1.00 18.06 ? 7    VAL A CA  1 
ATOM   37   C  C   . VAL A 1 27  ? 5.150   -3.819  -14.746 1.00 16.07 ? 7    VAL A C   1 
ATOM   38   O  O   . VAL A 1 27  ? 4.508   -4.185  -13.763 1.00 18.58 ? 7    VAL A O   1 
ATOM   39   C  CB  . VAL A 1 27  ? 6.073   -1.539  -15.061 1.00 22.51 ? 7    VAL A CB  1 
ATOM   40   C  CG1 . VAL A 1 27  ? 5.959   -0.196  -15.674 1.00 24.02 ? 7    VAL A CG1 1 
ATOM   41   C  CG2 . VAL A 1 27  ? 6.124   -1.491  -13.556 1.00 20.70 ? 7    VAL A CG2 1 
ATOM   42   N  N   . ARG A 1 28  ? 6.036   -4.629  -15.333 1.00 18.79 ? 8    ARG A N   1 
ATOM   43   C  CA  . ARG A 1 28  ? 6.462   -5.832  -14.739 1.00 21.01 ? 8    ARG A CA  1 
ATOM   44   C  C   . ARG A 1 28  ? 7.752   -5.497  -13.966 1.00 21.26 ? 8    ARG A C   1 
ATOM   45   O  O   . ARG A 1 28  ? 8.683   -4.890  -14.514 1.00 24.90 ? 8    ARG A O   1 
ATOM   46   C  CB  . ARG A 1 28  ? 6.684   -6.904  -15.802 1.00 24.21 ? 8    ARG A CB  1 
ATOM   47   C  CG  . ARG A 1 28  ? 7.288   -8.103  -15.197 1.00 24.94 ? 8    ARG A CG  1 
ATOM   48   C  CD  . ARG A 1 28  ? 6.810   -9.366  -15.784 1.00 30.72 ? 8    ARG A CD  1 
ATOM   49   N  NE  . ARG A 1 28  ? 7.651   -10.424 -15.274 1.00 28.14 ? 8    ARG A NE  1 
ATOM   50   C  CZ  . ARG A 1 28  ? 7.779   -11.635 -15.792 1.00 31.52 ? 8    ARG A CZ  1 
ATOM   51   N  NH1 . ARG A 1 28  ? 7.111   -11.985 -16.882 1.00 34.75 ? 8    ARG A NH1 1 
ATOM   52   N  NH2 . ARG A 1 28  ? 8.612   -12.509 -15.226 1.00 29.79 ? 8    ARG A NH2 1 
ATOM   53   N  N   . GLY A 1 29  ? 7.704   -5.784  -12.683 1.00 21.01 ? 9    GLY A N   1 
ATOM   54   C  CA  . GLY A 1 29  ? 8.788   -5.397  -11.786 1.00 25.66 ? 9    GLY A CA  1 
ATOM   55   C  C   . GLY A 1 29  ? 8.480   -5.623  -10.338 1.00 18.78 ? 9    GLY A C   1 
ATOM   56   O  O   . GLY A 1 29  ? 7.428   -6.055  -9.921  1.00 20.99 ? 9    GLY A O   1 
ATOM   57   N  N   . ASP A 1 30  ? 9.536   -5.330  -9.557  1.00 21.68 ? 10   ASP A N   1 
ATOM   58   C  CA  A ASP A 1 30  ? 9.422   -5.414  -8.055  0.50 17.44 ? 10   ASP A CA  1 
ATOM   59   C  CA  B ASP A 1 30  ? 9.619   -5.321  -8.135  0.50 19.35 ? 10   ASP A CA  1 
ATOM   60   C  C   . ASP A 1 30  ? 9.109   -3.949  -7.630  1.00 15.55 ? 10   ASP A C   1 
ATOM   61   O  O   . ASP A 1 30  ? 9.873   -3.006  -7.791  1.00 17.51 ? 10   ASP A O   1 
ATOM   62   C  CB  A ASP A 1 30  ? 10.673  -6.075  -7.348  0.50 14.62 ? 10   ASP A CB  1 
ATOM   63   C  CB  B ASP A 1 30  ? 11.154  -5.431  -7.882  0.50 18.39 ? 10   ASP A CB  1 
ATOM   64   C  CG  A ASP A 1 30  ? 10.680  -5.989  -5.805  0.50 14.67 ? 10   ASP A CG  1 
ATOM   65   C  CG  B ASP A 1 30  ? 11.521  -5.201  -6.496  0.50 18.25 ? 10   ASP A CG  1 
ATOM   66   O  OD1 A ASP A 1 30  ? 9.733   -5.654  -5.113  0.50 12.55 ? 10   ASP A OD1 1 
ATOM   67   O  OD1 B ASP A 1 30  ? 10.607  -4.951  -5.744  0.50 17.37 ? 10   ASP A OD1 1 
ATOM   68   O  OD2 A ASP A 1 30  ? 11.730  -6.305  -5.215  0.50 14.90 ? 10   ASP A OD2 1 
ATOM   69   O  OD2 B ASP A 1 30  ? 12.730  -5.295  -6.198  0.50 19.45 ? 10   ASP A OD2 1 
ATOM   70   N  N   . ALA A 1 31  ? 7.857   -3.832  -7.134  1.00 14.46 ? 11   ALA A N   1 
ATOM   71   C  CA  . ALA A 1 31  ? 7.351   -2.548  -6.590  1.00 15.25 ? 11   ALA A CA  1 
ATOM   72   C  C   . ALA A 1 31  ? 8.198   -1.985  -5.442  1.00 16.93 ? 11   ALA A C   1 
ATOM   73   O  O   . ALA A 1 31  ? 8.070   -0.812  -5.165  1.00 17.59 ? 11   ALA A O   1 
ATOM   74   C  CB  . ALA A 1 31  ? 5.938   -2.679  -6.129  1.00 15.53 ? 11   ALA A CB  1 
ATOM   75   N  N   . THR A 1 32  ? 9.027   -2.792  -4.803  1.00 16.86 ? 12   THR A N   1 
ATOM   76   C  CA  . THR A 1 32  ? 9.945   -2.284  -3.762  1.00 16.88 ? 12   THR A CA  1 
ATOM   77   C  C   . THR A 1 32  ? 11.135  -1.630  -4.278  1.00 19.24 ? 12   THR A C   1 
ATOM   78   O  O   . THR A 1 32  ? 11.929  -1.081  -3.507  1.00 19.58 ? 12   THR A O   1 
ATOM   79   C  CB  . THR A 1 32  ? 10.301  -3.393  -2.729  1.00 15.39 ? 12   THR A CB  1 
ATOM   80   O  OG1 . THR A 1 32  ? 11.198  -4.353  -3.311  1.00 17.24 ? 12   THR A OG1 1 
ATOM   81   C  CG2 . THR A 1 32  ? 9.063   -4.015  -2.175  1.00 19.60 ? 12   THR A CG2 1 
ATOM   82   N  N   . ALA A 1 33  ? 11.323  -1.592  -5.597  1.00 17.40 ? 13   ALA A N   1 
ATOM   83   C  CA  . ALA A 1 33  ? 12.391  -0.870  -6.170  1.00 20.94 ? 13   ALA A CA  1 
ATOM   84   C  C   . ALA A 1 33  ? 11.999  0.057   -7.286  1.00 22.07 ? 13   ALA A C   1 
ATOM   85   O  O   . ALA A 1 33  ? 12.479  -0.098  -8.388  1.00 21.97 ? 13   ALA A O   1 
ATOM   86   C  CB  . ALA A 1 33  ? 13.451  -1.853  -6.649  1.00 24.35 ? 13   ALA A CB  1 
ATOM   87   N  N   . PRO A 1 34  ? 11.159  1.044   -7.020  1.00 23.18 ? 14   PRO A N   1 
ATOM   88   C  CA  . PRO A 1 34  ? 10.783  2.000   -8.099  1.00 26.60 ? 14   PRO A CA  1 
ATOM   89   C  C   . PRO A 1 34  ? 11.990  2.775   -8.561  1.00 31.41 ? 14   PRO A C   1 
ATOM   90   O  O   . PRO A 1 34  ? 12.836  3.109   -7.715  1.00 32.27 ? 14   PRO A O   1 
ATOM   91   C  CB  . PRO A 1 34  ? 9.768   2.947   -7.420  1.00 25.18 ? 14   PRO A CB  1 
ATOM   92   C  CG  . PRO A 1 34  ? 9.573   2.464   -6.050  1.00 25.08 ? 14   PRO A CG  1 
ATOM   93   C  CD  . PRO A 1 34  ? 10.579  1.420   -5.723  1.00 22.42 ? 14   PRO A CD  1 
ATOM   94   N  N   . SER A 1 35  ? 12.042  3.082   -9.852  1.00 34.80 ? 15   SER A N   1 
ATOM   95   C  CA  . SER A 1 35  ? 13.237  3.698   -10.447 1.00 39.62 ? 15   SER A CA  1 
ATOM   96   C  C   . SER A 1 35  ? 12.922  5.068   -10.995 1.00 42.19 ? 15   SER A C   1 
ATOM   97   O  O   . SER A 1 35  ? 13.251  5.408   -12.128 1.00 58.31 ? 15   SER A O   1 
ATOM   98   C  CB  . SER A 1 35  ? 13.766  2.819   -11.560 1.00 42.94 ? 15   SER A CB  1 
ATOM   99   O  OG  . SER A 1 35  ? 12.748  2.648   -12.532 1.00 48.33 ? 15   SER A OG  1 
ATOM   100  N  N   . VAL A 1 36  ? 12.272  5.866   -10.191 1.00 40.95 ? 16   VAL A N   1 
ATOM   101  C  CA  . VAL A 1 36  ? 11.811  7.120   -10.655 1.00 38.78 ? 16   VAL A CA  1 
ATOM   102  C  C   . VAL A 1 36  ? 12.436  8.146   -9.723  1.00 37.34 ? 16   VAL A C   1 
ATOM   103  O  O   . VAL A 1 36  ? 12.882  7.821   -8.602  1.00 37.76 ? 16   VAL A O   1 
ATOM   104  C  CB  . VAL A 1 36  ? 10.269  7.135   -10.712 1.00 41.67 ? 16   VAL A CB  1 
ATOM   105  C  CG1 . VAL A 1 36  ? 9.668   7.117   -9.301  1.00 32.80 ? 16   VAL A CG1 1 
ATOM   106  C  CG2 . VAL A 1 36  ? 9.756   8.341   -11.509 1.00 45.88 ? 16   VAL A CG2 1 
ATOM   107  N  N   . LYS A 1 37  ? 12.495  9.376   -10.190 1.00 31.42 ? 17   LYS A N   1 
ATOM   108  C  CA  . LYS A 1 37  ? 13.013  10.456  -9.399  1.00 34.23 ? 17   LYS A CA  1 
ATOM   109  C  C   . LYS A 1 37  ? 11.911  10.915  -8.404  1.00 30.89 ? 17   LYS A C   1 
ATOM   110  O  O   . LYS A 1 37  ? 10.734  10.771  -8.672  1.00 31.24 ? 17   LYS A O   1 
ATOM   111  C  CB  . LYS A 1 37  ? 13.502  11.621  -10.328 1.00 40.02 ? 17   LYS A CB  1 
ATOM   112  C  CG  . LYS A 1 37  ? 12.681  12.912  -10.307 1.00 40.85 ? 17   LYS A CG  1 
ATOM   113  N  N   . GLY A 1 38  ? 12.330  11.521  -7.303  1.00 25.70 ? 18   GLY A N   1 
ATOM   114  C  CA  . GLY A 1 38  ? 11.448  12.203  -6.414  1.00 23.70 ? 18   GLY A CA  1 
ATOM   115  C  C   . GLY A 1 38  ? 11.044  11.197  -5.333  1.00 19.18 ? 18   GLY A C   1 
ATOM   116  O  O   . GLY A 1 38  ? 11.534  10.076  -5.329  1.00 23.74 ? 18   GLY A O   1 
ATOM   117  N  N   . VAL A 1 39  ? 10.214  11.642  -4.437  1.00 19.73 ? 19   VAL A N   1 
ATOM   118  C  CA  . VAL A 1 39  ? 9.804   10.829  -3.284  1.00 17.58 ? 19   VAL A CA  1 
ATOM   119  C  C   . VAL A 1 39  ? 8.955   9.735   -3.877  1.00 16.08 ? 19   VAL A C   1 
ATOM   120  O  O   . VAL A 1 39  ? 8.101   9.995   -4.747  1.00 16.11 ? 19   VAL A O   1 
ATOM   121  C  CB  . VAL A 1 39  ? 9.017   11.654  -2.260  1.00 18.46 ? 19   VAL A CB  1 
ATOM   122  C  CG1 . VAL A 1 39  ? 8.542   10.779  -1.131  1.00 18.08 ? 19   VAL A CG1 1 
ATOM   123  C  CG2 . VAL A 1 39  ? 9.910   12.802  -1.732  1.00 24.24 ? 19   VAL A CG2 1 
ATOM   124  N  N   . LYS A 1 40  ? 9.167   8.556   -3.362  1.00 13.30 ? 20   LYS A N   1 
ATOM   125  C  CA  . LYS A 1 40  ? 8.421   7.330   -3.759  1.00 13.52 ? 20   LYS A CA  1 
ATOM   126  C  C   . LYS A 1 40  ? 7.692   6.764   -2.551  1.00 14.19 ? 20   LYS A C   1 
ATOM   127  O  O   . LYS A 1 40  ? 8.278   6.637   -1.446  1.00 12.93 ? 20   LYS A O   1 
ATOM   128  C  CB  . LYS A 1 40  ? 9.405   6.308   -4.283  1.00 16.16 ? 20   LYS A CB  1 
ATOM   129  C  CG  . LYS A 1 40  ? 9.984   6.785   -5.618  1.00 19.36 ? 20   LYS A CG  1 
ATOM   130  C  CD  . LYS A 1 40  ? 11.279  6.094   -5.985  1.00 23.29 ? 20   LYS A CD  1 
ATOM   131  C  CE  . LYS A 1 40  ? 12.530  6.646   -5.294  1.00 25.87 ? 20   LYS A CE  1 
ATOM   132  N  NZ  . LYS A 1 40  ? 13.116  7.915   -5.816  1.00 27.06 ? 20   LYS A NZ  1 
ATOM   133  N  N   . MET A 1 41  ? 6.441   6.306   -2.791  1.00 11.50 ? 21   MET A N   1 
ATOM   134  C  CA  A MET A 1 41  ? 5.594   5.743   -1.754  0.38 11.57 ? 21   MET A CA  1 
ATOM   135  C  CA  B MET A 1 41  ? 5.656   5.682   -1.747  0.62 11.71 ? 21   MET A CA  1 
ATOM   136  C  C   . MET A 1 41  ? 5.137   4.390   -2.287  1.00 12.01 ? 21   MET A C   1 
ATOM   137  O  O   . MET A 1 41  ? 4.450   4.368   -3.286  1.00 13.55 ? 21   MET A O   1 
ATOM   138  C  CB  A MET A 1 41  ? 4.433   6.718   -1.492  0.38 11.83 ? 21   MET A CB  1 
ATOM   139  C  CB  B MET A 1 41  ? 4.522   6.548   -1.273  0.62 12.68 ? 21   MET A CB  1 
ATOM   140  C  CG  A MET A 1 41  ? 3.299   6.229   -0.641  0.38 11.50 ? 21   MET A CG  1 
ATOM   141  C  CG  B MET A 1 41  ? 3.789   5.925   -0.154  0.62 13.29 ? 21   MET A CG  1 
ATOM   142  S  SD  A MET A 1 41  ? 3.750   6.222   1.083   0.38 11.44 ? 21   MET A SD  1 
ATOM   143  S  SD  B MET A 1 41  ? 2.407   6.917   0.376   0.62 15.11 ? 21   MET A SD  1 
ATOM   144  C  CE  A MET A 1 41  ? 4.222   7.909   1.413   0.38 10.75 ? 21   MET A CE  1 
ATOM   145  C  CE  B MET A 1 41  ? 3.181   8.309   1.108   0.62 16.12 ? 21   MET A CE  1 
ATOM   146  N  N   . ILE A 1 42  ? 5.480   3.317   -1.567  1.00 10.69 ? 22   ILE A N   1 
ATOM   147  C  CA  . ILE A 1 42  ? 5.081   1.955   -1.937  1.00 11.06 ? 22   ILE A CA  1 
ATOM   148  C  C   . ILE A 1 42  ? 3.914   1.558   -1.054  1.00 12.21 ? 22   ILE A C   1 
ATOM   149  O  O   . ILE A 1 42  ? 4.088   1.437   0.145   1.00 13.92 ? 22   ILE A O   1 
ATOM   150  C  CB  . ILE A 1 42  ? 6.256   1.030   -1.763  1.00 11.92 ? 22   ILE A CB  1 
ATOM   151  C  CG1 . ILE A 1 42  ? 7.459   1.507   -2.601  1.00 15.91 ? 22   ILE A CG1 1 
ATOM   152  C  CG2 . ILE A 1 42  ? 5.889   -0.389  -2.044  1.00 13.80 ? 22   ILE A CG2 1 
ATOM   153  C  CD1 . ILE A 1 42  ? 8.712   0.985   -2.036  1.00 15.85 ? 22   ILE A CD1 1 
ATOM   154  N  N   . ALA A 1 43  ? 2.728   1.345   -1.627  1.00 10.03 ? 23   ALA A N   1 
ATOM   155  C  CA  . ALA A 1 43  ? 1.527   1.111   -0.855  1.00 10.02 ? 23   ALA A CA  1 
ATOM   156  C  C   . ALA A 1 43  ? 1.040   -0.276  -1.114  1.00 10.54 ? 23   ALA A C   1 
ATOM   157  O  O   . ALA A 1 43  ? 1.017   -0.735  -2.287  1.00 11.55 ? 23   ALA A O   1 
ATOM   158  C  CB  . ALA A 1 43  ? 0.421   2.081   -1.289  1.00 11.57 ? 23   ALA A CB  1 
ATOM   159  N  N   . HIS A 1 44  ? 0.666   -0.975  -0.038  1.00 10.58 ? 24   HIS A N   1 
ATOM   160  C  CA  . HIS A 1 44  ? 0.233   -2.347  -0.164  1.00 10.04 ? 24   HIS A CA  1 
ATOM   161  C  C   . HIS A 1 44  ? -0.781  -2.686  0.909   1.00 10.53 ? 24   HIS A C   1 
ATOM   162  O  O   . HIS A 1 44  ? -0.879  -2.055  1.955   1.00 10.86 ? 24   HIS A O   1 
ATOM   163  C  CB  . HIS A 1 44  ? 1.464   -3.268  -0.179  1.00 10.12 ? 24   HIS A CB  1 
ATOM   164  C  CG  . HIS A 1 44  ? 2.151   -3.329  1.166   1.00 10.68 ? 24   HIS A CG  1 
ATOM   165  N  ND1 . HIS A 1 44  ? 2.236   -4.475  1.924   1.00 11.01 ? 24   HIS A ND1 1 
ATOM   166  C  CD2 . HIS A 1 44  ? 2.728   -2.353  1.909   1.00 10.56 ? 24   HIS A CD2 1 
ATOM   167  C  CE1 . HIS A 1 44  ? 2.813   -4.222  3.075   1.00 11.40 ? 24   HIS A CE1 1 
ATOM   168  N  NE2 . HIS A 1 44  ? 3.107   -2.944  3.111   1.00 10.97 ? 24   HIS A NE2 1 
ATOM   169  N  N   . VAL A 1 45  ? -1.534  -3.752  0.633   1.00 11.38 ? 25   VAL A N   1 
ATOM   170  C  CA  . VAL A 1 45  ? -2.613  -4.185  1.480   1.00 11.59 ? 25   VAL A CA  1 
ATOM   171  C  C   . VAL A 1 45  ? -2.200  -5.173  2.586   1.00 12.00 ? 25   VAL A C   1 
ATOM   172  O  O   . VAL A 1 45  ? -1.785  -6.296  2.266   1.00 14.50 ? 25   VAL A O   1 
ATOM   173  C  CB  . VAL A 1 45  ? -3.797  -4.789  0.705   1.00 13.38 ? 25   VAL A CB  1 
ATOM   174  C  CG1 . VAL A 1 45  ? -4.883  -5.117  1.663   1.00 15.63 ? 25   VAL A CG1 1 
ATOM   175  C  CG2 . VAL A 1 45  ? -4.292  -3.736  -0.286  1.00 13.86 ? 25   VAL A CG2 1 
ATOM   176  N  N   . CYS A 1 46  ? -2.409  -4.801  3.823   1.00 12.68 ? 26   CYS A N   1 
ATOM   177  C  CA  . CYS A 1 46  ? -2.202  -5.700  4.964   1.00 12.71 ? 26   CYS A CA  1 
ATOM   178  C  C   . CYS A 1 46  ? -3.521  -6.118  5.554   1.00 14.58 ? 26   CYS A C   1 
ATOM   179  O  O   . CYS A 1 46  ? -4.569  -5.460  5.379   1.00 12.92 ? 26   CYS A O   1 
ATOM   180  C  CB  . CYS A 1 46  ? -1.361  -4.958  6.001   1.00 12.30 ? 26   CYS A CB  1 
ATOM   181  S  SG  . CYS A 1 46  ? 0.282   -4.426  5.451   1.00 14.51 ? 26   CYS A SG  1 
ATOM   182  N  N   . ASN A 1 47  ? -3.476  -7.197  6.317   1.00 14.64 ? 27   ASN A N   1 
ATOM   183  C  CA  . ASN A 1 47  ? -4.671  -7.639  7.087   1.00 13.98 ? 27   ASN A CA  1 
ATOM   184  C  C   . ASN A 1 47  ? -4.761  -7.025  8.457   1.00 13.37 ? 27   ASN A C   1 
ATOM   185  O  O   . ASN A 1 47  ? -3.822  -6.400  9.000   1.00 13.18 ? 27   ASN A O   1 
ATOM   186  C  CB  . ASN A 1 47  ? -4.719  -9.168  7.138   1.00 15.34 ? 27   ASN A CB  1 
ATOM   187  C  CG  . ASN A 1 47  ? -3.571  -9.743  7.912   1.00 15.20 ? 27   ASN A CG  1 
ATOM   188  O  OD1 . ASN A 1 47  ? -3.538  -9.673  9.152   1.00 15.07 ? 27   ASN A OD1 1 
ATOM   189  N  ND2 . ASN A 1 47  ? -2.614  -10.273 7.195   1.00 15.94 ? 27   ASN A ND2 1 
ATOM   190  N  N   . ASP A 1 48  ? -5.956  -7.131  9.025   1.00 15.40 ? 28   ASP A N   1 
ATOM   191  C  CA  . ASP A 1 48  ? -6.207  -6.563  10.338  1.00 17.20 ? 28   ASP A CA  1 
ATOM   192  C  C   . ASP A 1 48  ? -5.984  -7.509  11.491  1.00 16.52 ? 28   ASP A C   1 
ATOM   193  O  O   . ASP A 1 48  ? -6.384  -7.227  12.634  1.00 16.49 ? 28   ASP A O   1 
ATOM   194  C  CB  . ASP A 1 48  ? -7.654  -6.015  10.403  1.00 18.33 ? 28   ASP A CB  1 
ATOM   195  C  CG  . ASP A 1 48  ? -8.719  -7.085  10.174  1.00 20.34 ? 28   ASP A CG  1 
ATOM   196  O  OD1 . ASP A 1 48  ? -8.414  -8.256  9.874   1.00 18.62 ? 28   ASP A OD1 1 
ATOM   197  O  OD2 . ASP A 1 48  ? -9.930  -6.684  10.239  1.00 23.85 ? 28   ASP A OD2 1 
ATOM   198  N  N   . LEU A 1 49  ? -5.303  -8.596  11.225  1.00 17.42 ? 29   LEU A N   1 
ATOM   199  C  CA  . LEU A 1 49  ? -5.054  -9.613  12.258  1.00 17.37 ? 29   LEU A CA  1 
ATOM   200  C  C   . LEU A 1 49  ? -3.600  -9.748  12.693  1.00 16.64 ? 29   LEU A C   1 
ATOM   201  O  O   . LEU A 1 49  ? -3.280  -10.573 13.562  1.00 17.14 ? 29   LEU A O   1 
ATOM   202  C  CB  . LEU A 1 49  ? -5.560  -10.994 11.773  1.00 18.37 ? 29   LEU A CB  1 
ATOM   203  C  CG  . LEU A 1 49  ? -7.069  -11.210 11.713  1.00 22.30 ? 29   LEU A CG  1 
ATOM   204  C  CD1 . LEU A 1 49  ? -7.270  -12.596 11.154  1.00 23.70 ? 29   LEU A CD1 1 
ATOM   205  C  CD2 . LEU A 1 49  ? -7.675  -11.078 13.111  1.00 24.94 ? 29   LEU A CD2 1 
ATOM   206  N  N   . GLY A 1 50  ? -2.692  -8.927  12.159  1.00 14.41 ? 30   GLY A N   1 
ATOM   207  C  CA  . GLY A 1 50  ? -1.345  -8.978  12.536  1.00 14.28 ? 30   GLY A CA  1 
ATOM   208  C  C   . GLY A 1 50  ? -0.480  -10.020 11.834  1.00 14.87 ? 30   GLY A C   1 
ATOM   209  O  O   . GLY A 1 50  ? 0.618   -10.322 12.256  1.00 15.72 ? 30   GLY A O   1 
ATOM   210  N  N   . GLY A 1 51  ? -0.992  -10.561 10.739  1.00 13.89 ? 31   GLY A N   1 
ATOM   211  C  CA  . GLY A 1 51  ? -0.271  -11.532 9.968   1.00 14.27 ? 31   GLY A CA  1 
ATOM   212  C  C   . GLY A 1 51  ? 0.612   -10.891 8.916   1.00 14.65 ? 31   GLY A C   1 
ATOM   213  O  O   . GLY A 1 51  ? 0.157   -10.063 8.127   1.00 15.07 ? 31   GLY A O   1 
ATOM   214  N  N   . TRP A 1 52  ? 1.879   -11.249 8.901   1.00 13.00 ? 32   TRP A N   1 
ATOM   215  C  CA  . TRP A 1 52  ? 2.845   -10.776 7.935   1.00 12.71 ? 32   TRP A CA  1 
ATOM   216  C  C   . TRP A 1 52  ? 3.775   -11.919 7.579   1.00 13.12 ? 32   TRP A C   1 
ATOM   217  O  O   . TRP A 1 52  ? 4.843   -12.138 8.165   1.00 14.73 ? 32   TRP A O   1 
ATOM   218  C  CB  . TRP A 1 52  ? 3.579   -9.552  8.499   1.00 11.07 ? 32   TRP A CB  1 
ATOM   219  C  CG  . TRP A 1 52  ? 4.641   -8.830  7.692   1.00 10.99 ? 32   TRP A CG  1 
ATOM   220  C  CD1 . TRP A 1 52  ? 5.796   -9.352  7.148   1.00 12.02 ? 32   TRP A CD1 1 
ATOM   221  C  CD2 . TRP A 1 52  ? 4.560   -7.483  7.210   1.00 10.02 ? 32   TRP A CD2 1 
ATOM   222  N  NE1 . TRP A 1 52  ? 6.442   -8.391  6.409   1.00 11.32 ? 32   TRP A NE1 1 
ATOM   223  C  CE2 . TRP A 1 52  ? 5.724   -7.224  6.426   1.00 9.93  ? 32   TRP A CE2 1 
ATOM   224  C  CE3 . TRP A 1 52  ? 3.629   -6.462  7.377   1.00 9.89  ? 32   TRP A CE3 1 
ATOM   225  C  CZ2 . TRP A 1 52  ? 6.031   -5.972  5.863   1.00 9.62  ? 32   TRP A CZ2 1 
ATOM   226  C  CZ3 . TRP A 1 52  ? 3.907   -5.241  6.750   1.00 10.01 ? 32   TRP A CZ3 1 
ATOM   227  C  CH2 . TRP A 1 52  ? 5.089   -4.975  6.056   1.00 9.45  ? 32   TRP A CH2 1 
ATOM   228  N  N   . GLY A 1 53  ? 3.323   -12.681 6.590   1.00 13.72 ? 33   GLY A N   1 
ATOM   229  C  CA  . GLY A 1 53  ? 3.961   -13.997 6.383   1.00 14.53 ? 33   GLY A CA  1 
ATOM   230  C  C   . GLY A 1 53  ? 3.859   -14.604 5.006   1.00 15.68 ? 33   GLY A C   1 
ATOM   231  O  O   . GLY A 1 53  ? 4.507   -15.612 4.818   1.00 17.99 ? 33   GLY A O   1 
ATOM   232  N  N   . LYS A 1 54  ? 3.146   -14.000 4.060   1.00 15.80 ? 34   LYS A N   1 
ATOM   233  C  CA  . LYS A 1 54  ? 3.024   -14.545 2.731   1.00 16.56 ? 34   LYS A CA  1 
ATOM   234  C  C   . LYS A 1 54  ? 2.756   -13.383 1.760   1.00 17.20 ? 34   LYS A C   1 
ATOM   235  O  O   . LYS A 1 54  ? 1.913   -12.527 2.048   1.00 15.56 ? 34   LYS A O   1 
ATOM   236  C  CB  . LYS A 1 54  ? 1.868   -15.557 2.713   1.00 20.00 ? 34   LYS A CB  1 
ATOM   237  C  CG  . LYS A 1 54  ? 1.792   -16.365 1.389   1.00 21.47 ? 34   LYS A CG  1 
ATOM   238  C  CD  . LYS A 1 54  ? 0.845   -17.566 1.467   1.00 27.00 ? 34   LYS A CD  1 
ATOM   239  N  N   . GLY A 1 55  ? 3.374   -13.482 0.623   1.00 16.82 ? 35   GLY A N   1 
ATOM   240  C  CA  . GLY A 1 55  ? 3.107   -12.572 -0.454  1.00 14.62 ? 35   GLY A CA  1 
ATOM   241  C  C   . GLY A 1 55  ? 3.919   -11.339 -0.414  1.00 13.75 ? 35   GLY A C   1 
ATOM   242  O  O   . GLY A 1 55  ? 5.126   -11.383 -0.112  1.00 14.31 ? 35   GLY A O   1 
ATOM   243  N  N   . PHE A 1 56  ? 3.360   -10.209 -0.824  1.00 13.18 ? 36   PHE A N   1 
ATOM   244  C  CA  . PHE A 1 56  ? 4.159   -9.011  -1.020  1.00 12.21 ? 36   PHE A CA  1 
ATOM   245  C  C   . PHE A 1 56  ? 4.900   -8.571  0.282   1.00 11.40 ? 36   PHE A C   1 
ATOM   246  O  O   . PHE A 1 56  ? 5.991   -8.015  0.181   1.00 12.16 ? 36   PHE A O   1 
ATOM   247  C  CB  . PHE A 1 56  ? 3.297   -7.844  -1.478  1.00 14.17 ? 36   PHE A CB  1 
ATOM   248  C  CG  . PHE A 1 56  ? 4.077   -6.651  -1.863  1.00 11.79 ? 36   PHE A CG  1 
ATOM   249  C  CD1 . PHE A 1 56  ? 4.871   -6.622  -3.010  1.00 13.10 ? 36   PHE A CD1 1 
ATOM   250  C  CD2 . PHE A 1 56  ? 3.987   -5.497  -1.124  1.00 13.16 ? 36   PHE A CD2 1 
ATOM   251  C  CE1 . PHE A 1 56  ? 5.551   -5.500  -3.383  1.00 13.49 ? 36   PHE A CE1 1 
ATOM   252  C  CE2 . PHE A 1 56  ? 4.723   -4.402  -1.443  1.00 11.73 ? 36   PHE A CE2 1 
ATOM   253  C  CZ  . PHE A 1 56  ? 5.483   -4.345  -2.602  1.00 13.46 ? 36   PHE A CZ  1 
ATOM   254  N  N   . VAL A 1 57  ? 4.281   -8.848  1.448   1.00 11.73 ? 37   VAL A N   1 
ATOM   255  C  CA  . VAL A 1 57  ? 4.917   -8.476  2.728   1.00 11.99 ? 37   VAL A CA  1 
ATOM   256  C  C   . VAL A 1 57  ? 6.290   -9.139  2.812   1.00 12.12 ? 37   VAL A C   1 
ATOM   257  O  O   . VAL A 1 57  ? 7.225   -8.476  3.316   1.00 12.10 ? 37   VAL A O   1 
ATOM   258  C  CB  . VAL A 1 57  ? 4.085   -8.863  3.933   1.00 12.62 ? 37   VAL A CB  1 
ATOM   259  C  CG1 . VAL A 1 57  ? 2.913   -7.927  4.178   1.00 14.19 ? 37   VAL A CG1 1 
ATOM   260  C  CG2 . VAL A 1 57  ? 3.610   -10.312 3.904   1.00 12.69 ? 37   VAL A CG2 1 
ATOM   261  N  N   . LEU A 1 58  ? 6.467   -10.302 2.160   1.00 13.91 ? 38   LEU A N   1 
ATOM   262  C  CA  . LEU A 1 58  ? 7.806   -10.916 2.175   1.00 13.89 ? 38   LEU A CA  1 
ATOM   263  C  C   . LEU A 1 58  ? 8.800   -10.237 1.280   1.00 13.17 ? 38   LEU A C   1 
ATOM   264  O  O   . LEU A 1 58  ? 10.029  -10.125 1.620   1.00 13.94 ? 38   LEU A O   1 
ATOM   265  C  CB  . LEU A 1 58  ? 7.735   -12.404 1.907   1.00 15.71 ? 38   LEU A CB  1 
ATOM   266  C  CG  . LEU A 1 58  ? 7.031   -13.220 2.973   1.00 16.46 ? 38   LEU A CG  1 
ATOM   267  C  CD1 . LEU A 1 58  ? 7.105   -14.653 2.572   1.00 20.85 ? 38   LEU A CD1 1 
ATOM   268  C  CD2 . LEU A 1 58  ? 7.476   -13.014 4.410   1.00 17.82 ? 38   LEU A CD2 1 
ATOM   269  N  N   . ALA A 1 59  ? 8.305   -9.658  0.168   1.00 13.70 ? 39   ALA A N   1 
ATOM   270  C  CA  . ALA A 1 59  ? 9.116   -8.885  -0.721  1.00 12.39 ? 39   ALA A CA  1 
ATOM   271  C  C   . ALA A 1 59  ? 9.607   -7.594  -0.017  1.00 12.14 ? 39   ALA A C   1 
ATOM   272  O  O   . ALA A 1 59  ? 10.741  -7.196  -0.099  1.00 12.99 ? 39   ALA A O   1 
ATOM   273  C  CB  . ALA A 1 59  ? 8.409   -8.473  -2.004  1.00 15.17 ? 39   ALA A CB  1 
ATOM   274  N  N   . VAL A 1 60  ? 8.691   -6.998  0.762   1.00 12.70 ? 40   VAL A N   1 
ATOM   275  C  CA  . VAL A 1 60  ? 9.081   -5.812  1.555   1.00 11.32 ? 40   VAL A CA  1 
ATOM   276  C  C   . VAL A 1 60  ? 10.196  -6.165  2.581   1.00 10.64 ? 40   VAL A C   1 
ATOM   277  O  O   . VAL A 1 60  ? 11.195  -5.447  2.613   1.00 11.70 ? 40   VAL A O   1 
ATOM   278  C  CB  . VAL A 1 60  ? 7.824   -5.194  2.238   1.00 11.03 ? 40   VAL A CB  1 
ATOM   279  C  CG1 . VAL A 1 60  ? 8.182   -4.074  3.180   1.00 11.70 ? 40   VAL A CG1 1 
ATOM   280  C  CG2 . VAL A 1 60  ? 6.878   -4.735  1.169   1.00 12.82 ? 40   VAL A CG2 1 
ATOM   281  N  N   . SER A 1 61  ? 9.983   -7.246  3.295   1.00 11.41 ? 41   SER A N   1 
ATOM   282  C  CA  . SER A 1 61  ? 10.999  -7.652  4.338   1.00 12.42 ? 41   SER A CA  1 
ATOM   283  C  C   . SER A 1 61  ? 12.308  -8.126  3.714   1.00 14.00 ? 41   SER A C   1 
ATOM   284  O  O   . SER A 1 61  ? 13.371  -7.995  4.342   1.00 14.11 ? 41   SER A O   1 
ATOM   285  C  CB  . SER A 1 61  ? 10.399  -8.603  5.317   1.00 12.45 ? 41   SER A CB  1 
ATOM   286  O  OG  . SER A 1 61  ? 9.393   -8.022  6.103   1.00 10.88 ? 41   SER A OG  1 
ATOM   287  N  N   . ARG A 1 62  ? 12.248  -8.608  2.477   1.00 13.94 ? 42   ARG A N   1 
ATOM   288  C  CA  . ARG A 1 62  ? 13.502  -8.839  1.738   1.00 15.64 ? 42   ARG A CA  1 
ATOM   289  C  C   . ARG A 1 62  ? 14.289  -7.656  1.449   1.00 15.20 ? 42   ARG A C   1 
ATOM   290  O  O   . ARG A 1 62  ? 15.528  -7.835  1.245   1.00 20.49 ? 42   ARG A O   1 
ATOM   291  C  CB  . ARG A 1 62  ? 13.319  -9.677  0.509   1.00 17.38 ? 42   ARG A CB  1 
ATOM   292  C  CG  . ARG A 1 62  ? 13.039  -11.133 0.857   1.00 19.24 ? 42   ARG A CG  1 
ATOM   293  C  CD  . ARG A 1 62  ? 13.016  -11.989 -0.400  1.00 20.87 ? 42   ARG A CD  1 
ATOM   294  N  NE  . ARG A 1 62  ? 11.801  -11.828 -1.234  1.00 24.82 ? 42   ARG A NE  1 
ATOM   295  C  CZ  . ARG A 1 62  ? 10.647  -12.506 -1.066  1.00 25.93 ? 42   ARG A CZ  1 
ATOM   296  N  NH1 . ARG A 1 62  ? 10.479  -13.410 -0.092  1.00 29.91 ? 42   ARG A NH1 1 
ATOM   297  N  NH2 . ARG A 1 62  ? 9.641   -12.277 -1.872  1.00 24.58 ? 42   ARG A NH2 1 
ATOM   298  N  N   . ARG A 1 63  ? 13.722  -6.454  1.502   1.00 13.51 ? 43   ARG A N   1 
ATOM   299  C  CA  . ARG A 1 63  ? 14.488  -5.269  1.269   1.00 14.17 ? 43   ARG A CA  1 
ATOM   300  C  C   . ARG A 1 63  ? 14.790  -4.380  2.497   1.00 13.68 ? 43   ARG A C   1 
ATOM   301  O  O   . ARG A 1 63  ? 15.877  -3.766  2.596   1.00 13.86 ? 43   ARG A O   1 
ATOM   302  C  CB  . ARG A 1 63  ? 13.793  -4.385  0.252   1.00 14.69 ? 43   ARG A CB  1 
ATOM   303  C  CG  . ARG A 1 63  ? 14.656  -3.406  -0.447  1.00 15.65 ? 43   ARG A CG  1 
ATOM   304  C  CD  . ARG A 1 63  ? 14.016  -2.780  -1.681  1.00 19.37 ? 43   ARG A CD  1 
ATOM   305  N  NE  . ARG A 1 63  ? 13.947  -3.671  -2.840  1.00 17.90 ? 43   ARG A NE  1 
ATOM   306  C  CZ  . ARG A 1 63  ? 14.910  -4.034  -3.660  1.00 20.69 ? 43   ARG A CZ  1 
ATOM   307  N  NH1 . ARG A 1 63  ? 16.170  -3.667  -3.500  1.00 22.46 ? 43   ARG A NH1 1 
ATOM   308  N  NH2 . ARG A 1 63  ? 14.586  -4.902  -4.617  1.00 24.43 ? 43   ARG A NH2 1 
ATOM   309  N  N   . TRP A 1 64  ? 13.830  -4.343  3.422   1.00 13.30 ? 44   TRP A N   1 
ATOM   310  C  CA  . TRP A 1 64  ? 13.950  -3.446  4.615   1.00 13.28 ? 44   TRP A CA  1 
ATOM   311  C  C   . TRP A 1 64  ? 13.270  -4.107  5.738   1.00 13.94 ? 44   TRP A C   1 
ATOM   312  O  O   . TRP A 1 64  ? 12.189  -4.693  5.595   1.00 12.24 ? 44   TRP A O   1 
ATOM   313  C  CB  . TRP A 1 64  ? 13.268  -2.129  4.433   1.00 13.42 ? 44   TRP A CB  1 
ATOM   314  C  CG  . TRP A 1 64  ? 13.602  -1.317  3.200   1.00 13.38 ? 44   TRP A CG  1 
ATOM   315  C  CD1 . TRP A 1 64  ? 14.761  -0.606  2.916   1.00 14.46 ? 44   TRP A CD1 1 
ATOM   316  C  CD2 . TRP A 1 64  ? 12.749  -1.134  2.079   1.00 13.41 ? 44   TRP A CD2 1 
ATOM   317  N  NE1 . TRP A 1 64  ? 14.649  -0.004  1.705   1.00 15.49 ? 44   TRP A NE1 1 
ATOM   318  C  CE2 . TRP A 1 64  ? 13.414  -0.289  1.181   1.00 13.34 ? 44   TRP A CE2 1 
ATOM   319  C  CE3 . TRP A 1 64  ? 11.447  -1.580  1.760   1.00 13.17 ? 44   TRP A CE3 1 
ATOM   320  C  CZ2 . TRP A 1 64  ? 12.850  0.121   -0.038  1.00 14.91 ? 44   TRP A CZ2 1 
ATOM   321  C  CZ3 . TRP A 1 64  ? 10.901  -1.185  0.521   1.00 13.48 ? 44   TRP A CZ3 1 
ATOM   322  C  CH2 . TRP A 1 64  ? 11.568  -0.354  -0.313  1.00 13.50 ? 44   TRP A CH2 1 
ATOM   323  N  N   . PRO A 1 65  ? 13.822  -3.965  6.980   1.00 15.52 ? 45   PRO A N   1 
ATOM   324  C  CA  . PRO A 1 65  ? 13.216  -4.544  8.160   1.00 15.50 ? 45   PRO A CA  1 
ATOM   325  C  C   . PRO A 1 65  ? 12.097  -3.637  8.829   1.00 11.33 ? 45   PRO A C   1 
ATOM   326  O  O   . PRO A 1 65  ? 11.224  -4.143  9.550   1.00 15.11 ? 45   PRO A O   1 
ATOM   327  C  CB  . PRO A 1 65  ? 14.477  -4.641  9.093   1.00 17.62 ? 45   PRO A CB  1 
ATOM   328  C  CG  . PRO A 1 65  ? 15.284  -3.486  8.690   1.00 16.75 ? 45   PRO A CG  1 
ATOM   329  C  CD  . PRO A 1 65  ? 15.194  -3.427  7.236   1.00 17.54 ? 45   PRO A CD  1 
ATOM   330  N  N   . GLN A 1 66  ? 12.171  -2.357  8.552   1.00 13.15 ? 46   GLN A N   1 
ATOM   331  C  CA  . GLN A 1 66  ? 11.328  -1.366  9.258   1.00 13.08 ? 46   GLN A CA  1 
ATOM   332  C  C   . GLN A 1 66  ? 9.815   -1.577  9.069   1.00 12.67 ? 46   GLN A C   1 
ATOM   333  O  O   . GLN A 1 66  ? 9.048   -1.460  10.027  1.00 12.30 ? 46   GLN A O   1 
ATOM   334  C  CB  . GLN A 1 66  ? 11.679  0.069   9.044   1.00 15.24 ? 46   GLN A CB  1 
ATOM   335  C  CG  . GLN A 1 66  ? 13.053  0.456   9.559   1.00 18.33 ? 46   GLN A CG  1 
ATOM   336  C  CD  . GLN A 1 66  ? 14.140  0.197   8.500   1.00 23.51 ? 46   GLN A CD  1 
ATOM   337  O  OE1 . GLN A 1 66  ? 13.903  -0.370  7.456   1.00 18.51 ? 46   GLN A OE1 1 
ATOM   338  N  NE2 . GLN A 1 66  ? 15.400  0.556   8.855   1.00 31.50 ? 46   GLN A NE2 1 
ATOM   339  N  N   . PRO A 1 67  ? 9.332   -1.788  7.823   1.00 10.86 ? 47   PRO A N   1 
ATOM   340  C  CA  . PRO A 1 67  ? 7.896   -1.910  7.678   1.00 9.97  ? 47   PRO A CA  1 
ATOM   341  C  C   . PRO A 1 67  ? 7.240   -3.028  8.458   1.00 11.08 ? 47   PRO A C   1 
ATOM   342  O  O   . PRO A 1 67  ? 6.209   -2.832  9.098   1.00 9.33  ? 47   PRO A O   1 
ATOM   343  C  CB  . PRO A 1 67  ? 7.701   -2.025  6.155   1.00 9.47  ? 47   PRO A CB  1 
ATOM   344  C  CG  . PRO A 1 67  ? 8.884   -1.366  5.604   1.00 10.85 ? 47   PRO A CG  1 
ATOM   345  C  CD  . PRO A 1 67  ? 10.006  -1.767  6.529   1.00 10.28 ? 47   PRO A CD  1 
ATOM   346  N  N   . GLU A 1 68  ? 7.854   -4.217  8.425   1.00 11.33 ? 48   GLU A N   1 
ATOM   347  C  CA  . GLU A 1 68  ? 7.360   -5.303  9.193   1.00 10.62 ? 48   GLU A CA  1 
ATOM   348  C  C   . GLU A 1 68  ? 7.389   -5.040  10.756  1.00 10.91 ? 48   GLU A C   1 
ATOM   349  O  O   . GLU A 1 68  ? 6.412   -5.284  11.425  1.00 11.45 ? 48   GLU A O   1 
ATOM   350  C  CB  . GLU A 1 68  ? 8.112   -6.615  8.853   1.00 10.53 ? 48   GLU A CB  1 
ATOM   351  C  CG  . GLU A 1 68  ? 7.684   -7.805  9.683   1.00 11.43 ? 48   GLU A CG  1 
ATOM   352  C  CD  . GLU A 1 68  ? 8.397   -9.123  9.412   1.00 13.05 ? 48   GLU A CD  1 
ATOM   353  O  OE1 . GLU A 1 68  ? 9.260   -9.210  8.504   1.00 13.68 ? 48   GLU A OE1 1 
ATOM   354  O  OE2 . GLU A 1 68  ? 8.103   -10.089 10.164  1.00 14.29 ? 48   GLU A OE2 1 
ATOM   355  N  N   . ALA A 1 69  ? 8.508   -4.537  11.228  1.00 13.08 ? 49   ALA A N   1 
ATOM   356  C  CA  . ALA A 1 69  ? 8.607   -4.188  12.645  1.00 13.25 ? 49   ALA A CA  1 
ATOM   357  C  C   . ALA A 1 69  ? 7.560   -3.206  13.040  1.00 11.22 ? 49   ALA A C   1 
ATOM   358  O  O   . ALA A 1 69  ? 6.864   -3.433  14.087  1.00 12.32 ? 49   ALA A O   1 
ATOM   359  C  CB  . ALA A 1 69  ? 9.981   -3.629  12.924  1.00 14.44 ? 49   ALA A CB  1 
ATOM   360  N  N   . ALA A 1 70  ? 7.387   -2.193  12.215  1.00 12.66 ? 50   ALA A N   1 
ATOM   361  C  CA  . ALA A 1 70  ? 6.347   -1.130  12.480  1.00 11.51 ? 50   ALA A CA  1 
ATOM   362  C  C   . ALA A 1 70  ? 4.970   -1.741  12.551  1.00 12.15 ? 50   ALA A C   1 
ATOM   363  O  O   . ALA A 1 70  ? 4.112   -1.394  13.424  1.00 13.96 ? 50   ALA A O   1 
ATOM   364  C  CB  . ALA A 1 70  ? 6.450   -0.037  11.455  1.00 13.32 ? 50   ALA A CB  1 
ATOM   365  N  N   . TYR A 1 71  ? 4.623   -2.595  11.574  1.00 10.31 ? 51   TYR A N   1 
ATOM   366  C  CA  . TYR A 1 71  ? 3.307   -3.173  11.491  1.00 10.25 ? 51   TYR A CA  1 
ATOM   367  C  C   . TYR A 1 71  ? 3.017   -4.026  12.685  1.00 10.28 ? 51   TYR A C   1 
ATOM   368  O  O   . TYR A 1 71  ? 1.917   -4.008  13.224  1.00 13.38 ? 51   TYR A O   1 
ATOM   369  C  CB  . TYR A 1 71  ? 3.202   -4.016  10.202  1.00 10.87 ? 51   TYR A CB  1 
ATOM   370  C  CG  . TYR A 1 71  ? 1.964   -4.877  10.112  1.00 10.53 ? 51   TYR A CG  1 
ATOM   371  C  CD1 . TYR A 1 71  ? 0.714   -4.366  9.664   1.00 11.03 ? 51   TYR A CD1 1 
ATOM   372  C  CD2 . TYR A 1 71  ? 1.974   -6.214  10.439  1.00 11.55 ? 51   TYR A CD2 1 
ATOM   373  C  CE1 . TYR A 1 71  ? -0.424  -5.140  9.602   1.00 10.97 ? 51   TYR A CE1 1 
ATOM   374  C  CE2 . TYR A 1 71  ? 0.890   -6.997  10.335  1.00 11.25 ? 51   TYR A CE2 1 
ATOM   375  C  CZ  . TYR A 1 71  ? -0.356  -6.495  9.917   1.00 11.90 ? 51   TYR A CZ  1 
ATOM   376  O  OH  . TYR A 1 71  ? -1.429  -7.321  9.809   1.00 14.34 ? 51   TYR A OH  1 
ATOM   377  N  N   . ARG A 1 72  ? 3.963   -4.895  13.044  1.00 11.36 ? 52   ARG A N   1 
ATOM   378  C  CA  . ARG A 1 72  ? 3.718   -5.832  14.194  1.00 12.51 ? 52   ARG A CA  1 
ATOM   379  C  C   . ARG A 1 72  ? 3.528   -5.011  15.455  1.00 11.94 ? 52   ARG A C   1 
ATOM   380  O  O   . ARG A 1 72  ? 2.652   -5.380  16.257  1.00 14.89 ? 52   ARG A O   1 
ATOM   381  C  CB  . ARG A 1 72  ? 4.868   -6.825  14.287  1.00 11.75 ? 52   ARG A CB  1 
ATOM   382  C  CG  . ARG A 1 72  ? 4.970   -7.787  13.130  1.00 12.77 ? 52   ARG A CG  1 
ATOM   383  C  CD  . ARG A 1 72  ? 5.818   -8.957  13.498  1.00 13.74 ? 52   ARG A CD  1 
ATOM   384  N  NE  . ARG A 1 72  ? 6.084   -9.847  12.357  1.00 12.88 ? 52   ARG A NE  1 
ATOM   385  C  CZ  . ARG A 1 72  ? 5.281   -10.827 11.939  1.00 12.16 ? 52   ARG A CZ  1 
ATOM   386  N  NH1 . ARG A 1 72  ? 4.090   -10.996 12.384  1.00 11.88 ? 52   ARG A NH1 1 
ATOM   387  N  NH2 . ARG A 1 72  ? 5.700   -11.502 10.880  1.00 12.78 ? 52   ARG A NH2 1 
ATOM   388  N  N   . ALA A 1 73  ? 4.305   -3.947  15.634  1.00 12.90 ? 53   ALA A N   1 
ATOM   389  C  CA  . ALA A 1 73  ? 4.183   -3.103  16.846  1.00 14.72 ? 53   ALA A CA  1 
ATOM   390  C  C   . ALA A 1 73  ? 2.854   -2.389  16.852  1.00 15.63 ? 53   ALA A C   1 
ATOM   391  O  O   . ALA A 1 73  ? 2.135   -2.335  17.864  1.00 16.59 ? 53   ALA A O   1 
ATOM   392  C  CB  . ALA A 1 73  ? 5.295   -2.137  16.903  1.00 13.80 ? 53   ALA A CB  1 
ATOM   393  N  N   . TRP A 1 74  ? 2.449   -1.847  15.701  1.00 14.41 ? 54   TRP A N   1 
ATOM   394  C  CA  . TRP A 1 74  ? 1.155   -1.198  15.517  1.00 14.75 ? 54   TRP A CA  1 
ATOM   395  C  C   . TRP A 1 74  ? 0.013   -2.106  15.893  1.00 15.41 ? 54   TRP A C   1 
ATOM   396  O  O   . TRP A 1 74  ? -0.827  -1.763  16.703  1.00 15.42 ? 54   TRP A O   1 
ATOM   397  C  CB  . TRP A 1 74  ? 1.114   -0.607  14.122  1.00 14.84 ? 54   TRP A CB  1 
ATOM   398  C  CG  . TRP A 1 74  ? -0.025  0.298   13.717  1.00 15.47 ? 54   TRP A CG  1 
ATOM   399  C  CD1 . TRP A 1 74  ? -0.646  1.243   14.486  1.00 17.76 ? 54   TRP A CD1 1 
ATOM   400  C  CD2 . TRP A 1 74  ? -0.569  0.396   12.406  1.00 15.29 ? 54   TRP A CD2 1 
ATOM   401  N  NE1 . TRP A 1 74  ? -1.589  1.936   13.704  1.00 19.10 ? 54   TRP A NE1 1 
ATOM   402  C  CE2 . TRP A 1 74  ? -1.592  1.415   12.443  1.00 16.39 ? 54   TRP A CE2 1 
ATOM   403  C  CE3 . TRP A 1 74  ? -0.348  -0.301  11.206  1.00 14.38 ? 54   TRP A CE3 1 
ATOM   404  C  CZ2 . TRP A 1 74  ? -2.308  1.762   11.311  1.00 17.33 ? 54   TRP A CZ2 1 
ATOM   405  C  CZ3 . TRP A 1 74  ? -1.103  0.019   10.061  1.00 15.79 ? 54   TRP A CZ3 1 
ATOM   406  C  CH2 . TRP A 1 74  ? -2.077  1.071   10.160  1.00 16.14 ? 54   TRP A CH2 1 
ATOM   407  N  N   . HIS A 1 75  ? -0.018  -3.294  15.340  1.00 12.82 ? 55   HIS A N   1 
ATOM   408  C  CA  . HIS A 1 75  ? -1.025  -4.275  15.690  1.00 14.79 ? 55   HIS A CA  1 
ATOM   409  C  C   . HIS A 1 75  ? -0.936  -4.664  17.231  1.00 15.10 ? 55   HIS A C   1 
ATOM   410  O  O   . HIS A 1 75  ? -1.983  -4.702  17.883  1.00 15.57 ? 55   HIS A O   1 
ATOM   411  C  CB  . HIS A 1 75  ? -0.819  -5.498  14.846  1.00 14.57 ? 55   HIS A CB  1 
ATOM   412  C  CG  . HIS A 1 75  ? -1.695  -6.611  15.247  1.00 15.22 ? 55   HIS A CG  1 
ATOM   413  N  ND1 . HIS A 1 75  ? -1.208  -7.604  16.095  1.00 15.29 ? 55   HIS A ND1 1 
ATOM   414  C  CD2 . HIS A 1 75  ? -2.996  -6.884  15.049  1.00 17.61 ? 55   HIS A CD2 1 
ATOM   415  C  CE1 . HIS A 1 75  ? -2.166  -8.458  16.343  1.00 18.28 ? 55   HIS A CE1 1 
ATOM   416  N  NE2 . HIS A 1 75  ? -3.262  -8.053  15.758  1.00 17.42 ? 55   HIS A NE2 1 
ATOM   417  N  N   . ARG A 1 76  ? 0.274   -4.896  17.730  1.00 15.14 ? 56   ARG A N   1 
ATOM   418  C  CA  . ARG A 1 76  ? 0.405   -5.366  19.117  1.00 16.43 ? 56   ARG A CA  1 
ATOM   419  C  C   . ARG A 1 76  ? -0.193  -4.328  20.070  1.00 18.30 ? 56   ARG A C   1 
ATOM   420  O  O   . ARG A 1 76  ? -0.885  -4.674  21.044  1.00 20.62 ? 56   ARG A O   1 
ATOM   421  C  CB  . ARG A 1 76  ? 1.853   -5.625  19.403  1.00 21.23 ? 56   ARG A CB  1 
ATOM   422  C  CG  . ARG A 1 76  ? 2.174   -6.070  20.811  1.00 25.50 ? 56   ARG A CG  1 
ATOM   423  C  CD  . ARG A 1 76  ? 3.646   -6.512  20.698  1.00 35.23 ? 56   ARG A CD  1 
ATOM   424  N  NE  . ARG A 1 76  ? 4.639   -5.431  20.406  1.00 39.41 ? 56   ARG A NE  1 
ATOM   425  C  CZ  . ARG A 1 76  ? 5.535   -5.307  19.372  1.00 41.12 ? 56   ARG A CZ  1 
ATOM   426  N  NH1 . ARG A 1 76  ? 6.313   -4.239  19.437  1.00 43.72 ? 56   ARG A NH1 1 
ATOM   427  N  NH2 . ARG A 1 76  ? 5.680   -6.114  18.255  1.00 29.88 ? 56   ARG A NH2 1 
ATOM   428  N  N   . ASP A 1 77  ? -0.051  -3.080  19.734  1.00 17.54 ? 57   ASP A N   1 
ATOM   429  C  CA  . ASP A 1 77  ? -0.443  -1.958  20.595  1.00 18.79 ? 57   ASP A CA  1 
ATOM   430  C  C   . ASP A 1 77  ? -1.783  -1.351  20.225  1.00 19.62 ? 57   ASP A C   1 
ATOM   431  O  O   . ASP A 1 77  ? -2.098  -0.217  20.596  1.00 18.60 ? 57   ASP A O   1 
ATOM   432  C  CB  . ASP A 1 77  ? 0.660   -0.907  20.524  1.00 22.27 ? 57   ASP A CB  1 
ATOM   433  C  CG  . ASP A 1 77  ? 2.041   -1.408  21.073  1.00 31.35 ? 57   ASP A CG  1 
ATOM   434  O  OD1 . ASP A 1 77  ? 2.105   -2.421  21.831  1.00 39.19 ? 57   ASP A OD1 1 
ATOM   435  O  OD2 . ASP A 1 77  ? 3.092   -0.800  20.739  1.00 38.56 ? 57   ASP A OD2 1 
ATOM   436  N  N   . ARG A 1 78  ? -2.583  -2.077  19.463  1.00 20.13 ? 58   ARG A N   1 
ATOM   437  C  CA  . ARG A 1 78  ? -3.850  -1.602  18.950  1.00 21.24 ? 58   ARG A CA  1 
ATOM   438  C  C   . ARG A 1 78  ? -4.806  -1.094  20.057  1.00 22.71 ? 58   ARG A C   1 
ATOM   439  O  O   . ARG A 1 78  ? -5.598  -0.235  19.742  1.00 27.53 ? 58   ARG A O   1 
ATOM   440  C  CB  . ARG A 1 78  ? -4.525  -2.721  18.115  1.00 21.08 ? 58   ARG A CB  1 
ATOM   441  C  CG  . ARG A 1 78  ? -4.924  -3.969  18.905  1.00 21.35 ? 58   ARG A CG  1 
ATOM   442  C  CD  . ARG A 1 78  ? -5.272  -5.087  17.905  1.00 24.28 ? 58   ARG A CD  1 
ATOM   443  N  NE  . ARG A 1 78  ? -5.500  -6.425  18.425  1.00 23.79 ? 58   ARG A NE  1 
ATOM   444  C  CZ  . ARG A 1 78  ? -4.579  -7.257  18.899  1.00 25.92 ? 58   ARG A CZ  1 
ATOM   445  N  NH1 . ARG A 1 78  ? -3.287  -6.934  19.035  1.00 24.88 ? 58   ARG A NH1 1 
ATOM   446  N  NH2 . ARG A 1 78  ? -4.942  -8.486  19.321  1.00 32.32 ? 58   ARG A NH2 1 
ATOM   447  N  N   A ALA A 1 79  ? -4.750  -1.578  21.292  0.35 25.11 ? 59   ALA A N   1 
ATOM   448  N  N   B ALA A 1 79  ? -4.630  -1.605  21.293  0.65 24.32 ? 59   ALA A N   1 
ATOM   449  C  CA  A ALA A 1 79  ? -5.612  -0.966  22.347  0.35 26.13 ? 59   ALA A CA  1 
ATOM   450  C  CA  B ALA A 1 79  ? -5.433  -1.184  22.506  0.65 25.69 ? 59   ALA A CA  1 
ATOM   451  C  C   A ALA A 1 79  ? -5.383  0.543   22.303  0.35 25.31 ? 59   ALA A C   1 
ATOM   452  C  C   B ALA A 1 79  ? -5.126  0.228   22.943  0.65 25.44 ? 59   ALA A C   1 
ATOM   453  O  O   A ALA A 1 79  ? -6.300  1.377   22.176  0.35 24.60 ? 59   ALA A O   1 
ATOM   454  O  O   B ALA A 1 79  ? -5.762  0.666   23.930  0.65 18.53 ? 59   ALA A O   1 
ATOM   455  C  CB  A ALA A 1 79  ? -5.256  -1.506  23.712  0.35 26.41 ? 59   ALA A CB  1 
ATOM   456  C  CB  B ALA A 1 79  ? -5.214  -2.128  23.688  0.65 27.96 ? 59   ALA A CB  1 
ATOM   457  N  N   . ALA A 1 80  ? -4.113  0.889   22.309  1.00 23.15 ? 60   ALA A N   1 
ATOM   458  C  CA  . ALA A 1 80  ? -3.735  2.228   22.615  1.00 29.08 ? 60   ALA A CA  1 
ATOM   459  C  C   . ALA A 1 80  ? -3.524  3.079   21.420  1.00 27.08 ? 60   ALA A C   1 
ATOM   460  O  O   . ALA A 1 80  ? -3.011  4.178   21.597  1.00 33.08 ? 60   ALA A O   1 
ATOM   461  C  CB  . ALA A 1 80  ? -2.479  2.228   23.441  1.00 26.44 ? 60   ALA A CB  1 
ATOM   462  N  N   . ASN A 1 81  ? -3.893  2.616   20.223  1.00 26.54 ? 61   ASN A N   1 
ATOM   463  C  CA  . ASN A 1 81  ? -3.620  3.351   19.024  1.00 21.21 ? 61   ASN A CA  1 
ATOM   464  C  C   . ASN A 1 81  ? -4.727  3.285   17.928  1.00 24.22 ? 61   ASN A C   1 
ATOM   465  O  O   . ASN A 1 81  ? -5.825  2.793   18.229  1.00 26.15 ? 61   ASN A O   1 
ATOM   466  C  CB  . ASN A 1 81  ? -2.177  2.978   18.509  1.00 23.05 ? 61   ASN A CB  1 
ATOM   467  C  CG  . ASN A 1 81  ? -2.114  1.604   17.803  1.00 20.59 ? 61   ASN A CG  1 
ATOM   468  O  OD1 . ASN A 1 81  ? -3.072  1.148   17.286  1.00 20.94 ? 61   ASN A OD1 1 
ATOM   469  N  ND2 . ASN A 1 81  ? -0.964  0.979   17.852  1.00 19.11 ? 61   ASN A ND2 1 
ATOM   470  N  N   A ASP A 1 82  ? -4.476  3.809   16.685  0.53 21.82 ? 62   ASP A N   1 
ATOM   471  N  N   B ASP A 1 82  ? -4.402  3.699   16.724  0.47 21.51 ? 62   ASP A N   1 
ATOM   472  C  CA  A ASP A 1 82  ? -5.402  3.827   15.450  0.53 22.30 ? 62   ASP A CA  1 
ATOM   473  C  CA  B ASP A 1 82  ? -5.317  3.826   15.651  0.47 21.04 ? 62   ASP A CA  1 
ATOM   474  C  C   A ASP A 1 82  ? -5.525  2.565   14.576  0.53 19.63 ? 62   ASP A C   1 
ATOM   475  C  C   B ASP A 1 82  ? -5.404  2.654   14.620  0.47 19.19 ? 62   ASP A C   1 
ATOM   476  O  O   A ASP A 1 82  ? -6.300  2.506   13.576  0.53 20.41 ? 62   ASP A O   1 
ATOM   477  O  O   B ASP A 1 82  ? -6.030  2.758   13.575  0.47 20.49 ? 62   ASP A O   1 
ATOM   478  C  CB  A ASP A 1 82  ? -5.246  5.120   14.544  0.53 26.50 ? 62   ASP A CB  1 
ATOM   479  C  CB  B ASP A 1 82  ? -4.991  5.157   15.043  0.47 22.58 ? 62   ASP A CB  1 
ATOM   480  C  CG  A ASP A 1 82  ? -4.430  4.928   13.169  0.53 24.06 ? 62   ASP A CG  1 
ATOM   481  C  CG  B ASP A 1 82  ? -3.602  5.207   14.410  0.47 23.19 ? 62   ASP A CG  1 
ATOM   482  O  OD1 A ASP A 1 82  ? -3.419  4.193   13.131  0.53 22.19 ? 62   ASP A OD1 1 
ATOM   483  O  OD1 B ASP A 1 82  ? -2.687  4.492   14.868  0.47 20.54 ? 62   ASP A OD1 1 
ATOM   484  O  OD2 A ASP A 1 82  ? -4.763  5.615   12.138  0.53 27.88 ? 62   ASP A OD2 1 
ATOM   485  O  OD2 B ASP A 1 82  ? -3.460  6.000   13.447  0.47 21.74 ? 62   ASP A OD2 1 
ATOM   486  N  N   . PHE A 1 83  ? -4.798  1.507   14.957  1.00 19.39 ? 63   PHE A N   1 
ATOM   487  C  CA  . PHE A 1 83  ? -4.846  0.302   14.140  1.00 17.41 ? 63   PHE A CA  1 
ATOM   488  C  C   . PHE A 1 83  ? -6.257  -0.186  13.928  1.00 19.25 ? 63   PHE A C   1 
ATOM   489  O  O   . PHE A 1 83  ? -7.007  -0.349  14.913  1.00 18.28 ? 63   PHE A O   1 
ATOM   490  C  CB  . PHE A 1 83  ? -4.017  -0.820  14.807  1.00 16.54 ? 63   PHE A CB  1 
ATOM   491  C  CG  . PHE A 1 83  ? -3.932  -2.057  13.967  1.00 15.85 ? 63   PHE A CG  1 
ATOM   492  C  CD1 . PHE A 1 83  ? -4.920  -3.030  14.061  1.00 17.39 ? 63   PHE A CD1 1 
ATOM   493  C  CD2 . PHE A 1 83  ? -2.868  -2.271  13.112  1.00 16.60 ? 63   PHE A CD2 1 
ATOM   494  C  CE1 . PHE A 1 83  ? -4.838  -4.192  13.303  1.00 17.89 ? 63   PHE A CE1 1 
ATOM   495  C  CE2 . PHE A 1 83  ? -2.781  -3.395  12.321  1.00 15.25 ? 63   PHE A CE2 1 
ATOM   496  C  CZ  . PHE A 1 83  ? -3.773  -4.356  12.400  1.00 16.85 ? 63   PHE A CZ  1 
ATOM   497  N  N   . GLY A 1 84  ? -6.612  -0.426  12.676  1.00 15.34 ? 64   GLY A N   1 
ATOM   498  C  CA  . GLY A 1 84  ? -7.920  -0.880  12.267  1.00 17.34 ? 64   GLY A CA  1 
ATOM   499  C  C   . GLY A 1 84  ? -8.124  -0.761  10.803  1.00 17.60 ? 64   GLY A C   1 
ATOM   500  O  O   . GLY A 1 84  ? -7.346  -0.111  10.093  1.00 19.81 ? 64   GLY A O   1 
ATOM   501  N  N   . LEU A 1 85  ? -9.222  -1.309  10.336  1.00 18.25 ? 65   LEU A N   1 
ATOM   502  C  CA  . LEU A 1 85  ? -9.596  -1.263  8.903   1.00 18.72 ? 65   LEU A CA  1 
ATOM   503  C  C   . LEU A 1 85  ? -9.671  0.142   8.381   1.00 17.90 ? 65   LEU A C   1 
ATOM   504  O  O   . LEU A 1 85  ? -10.280 1.020   9.067   1.00 19.71 ? 65   LEU A O   1 
ATOM   505  C  CB  . LEU A 1 85  ? -10.892 -2.035  8.611   1.00 20.79 ? 65   LEU A CB  1 
ATOM   506  C  CG  . LEU A 1 85  ? -10.752 -3.586  8.654   1.00 20.58 ? 65   LEU A CG  1 
ATOM   507  C  CD1 . LEU A 1 85  ? -12.135 -4.245  8.727   1.00 22.75 ? 65   LEU A CD1 1 
ATOM   508  C  CD2 . LEU A 1 85  ? -10.017 -4.150  7.476   1.00 21.69 ? 65   LEU A CD2 1 
ATOM   509  N  N   . GLY A 1 86  ? -9.023  0.366   7.246   1.00 16.52 ? 66   GLY A N   1 
ATOM   510  C  CA  . GLY A 1 86  ? -8.908  1.719   6.618   1.00 17.97 ? 66   GLY A CA  1 
ATOM   511  C  C   . GLY A 1 86  ? -7.758  2.617   7.082   1.00 16.16 ? 66   GLY A C   1 
ATOM   512  O  O   . GLY A 1 86  ? -7.419  3.577   6.414   1.00 15.16 ? 66   GLY A O   1 
ATOM   513  N  N   . ALA A 1 87  ? -7.067  2.260   8.165   1.00 14.61 ? 67   ALA A N   1 
ATOM   514  C  CA  . ALA A 1 87  ? -5.927  3.013   8.642   1.00 14.32 ? 67   ALA A CA  1 
ATOM   515  C  C   . ALA A 1 87  ? -4.678  2.640   7.834   1.00 13.84 ? 67   ALA A C   1 
ATOM   516  O  O   . ALA A 1 87  ? -4.615  1.597   7.203   1.00 14.95 ? 67   ALA A O   1 
ATOM   517  C  CB  . ALA A 1 87  ? -5.671  2.823   10.117  1.00 14.34 ? 67   ALA A CB  1 
ATOM   518  N  N   . VAL A 1 88  ? -3.754  3.585   7.846   1.00 13.10 ? 68   VAL A N   1 
ATOM   519  C  CA  . VAL A 1 88  ? -2.521  3.456   7.105   1.00 13.05 ? 68   VAL A CA  1 
ATOM   520  C  C   . VAL A 1 88  ? -1.377  3.950   7.970   1.00 13.37 ? 68   VAL A C   1 
ATOM   521  O  O   . VAL A 1 88  ? -1.477  4.980   8.637   1.00 14.66 ? 68   VAL A O   1 
ATOM   522  C  CB  . VAL A 1 88  ? -2.532  4.241   5.809   1.00 13.89 ? 68   VAL A CB  1 
ATOM   523  C  CG1 . VAL A 1 88  ? -1.219  3.979   5.049   1.00 13.62 ? 68   VAL A CG1 1 
ATOM   524  C  CG2 . VAL A 1 88  ? -3.689  3.884   4.970   1.00 15.59 ? 68   VAL A CG2 1 
ATOM   525  N  N   . GLN A 1 89  ? -0.243  3.209   7.942   1.00 12.69 ? 69   GLN A N   1 
ATOM   526  C  CA  . GLN A 1 89  ? 0.984   3.545   8.679   1.00 13.02 ? 69   GLN A CA  1 
ATOM   527  C  C   . GLN A 1 89  ? 2.039   3.799   7.651   1.00 12.87 ? 69   GLN A C   1 
ATOM   528  O  O   . GLN A 1 89  ? 2.170   2.985   6.727   1.00 13.70 ? 69   GLN A O   1 
ATOM   529  C  CB  . GLN A 1 89  ? 1.378   2.356   9.533   1.00 15.25 ? 69   GLN A CB  1 
ATOM   530  C  CG  . GLN A 1 89  ? 2.758   2.321   10.100  1.00 16.61 ? 69   GLN A CG  1 
ATOM   531  C  CD  . GLN A 1 89  ? 3.058   1.101   10.892  1.00 14.12 ? 69   GLN A CD  1 
ATOM   532  O  OE1 . GLN A 1 89  ? 3.047   -0.024  10.377  1.00 12.64 ? 69   GLN A OE1 1 
ATOM   533  N  NE2 . GLN A 1 89  ? 3.291   1.286   12.164  1.00 14.77 ? 69   GLN A NE2 1 
ATOM   534  N  N   . PHE A 1 90  ? 2.775   4.907   7.736   1.00 11.40 ? 70   PHE A N   1 
ATOM   535  C  CA  . PHE A 1 90  ? 3.756   5.289   6.751   1.00 11.89 ? 70   PHE A CA  1 
ATOM   536  C  C   . PHE A 1 90  ? 5.130   5.077   7.443   1.00 13.13 ? 70   PHE A C   1 
ATOM   537  O  O   . PHE A 1 90  ? 5.382   5.569   8.560   1.00 16.03 ? 70   PHE A O   1 
ATOM   538  C  CB  . PHE A 1 90  ? 3.609   6.765   6.281   1.00 12.69 ? 70   PHE A CB  1 
ATOM   539  C  CG  . PHE A 1 90  ? 2.261   7.006   5.677   1.00 11.64 ? 70   PHE A CG  1 
ATOM   540  C  CD1 . PHE A 1 90  ? 2.009   6.697   4.348   1.00 12.33 ? 70   PHE A CD1 1 
ATOM   541  C  CD2 . PHE A 1 90  ? 1.254   7.542   6.421   1.00 12.01 ? 70   PHE A CD2 1 
ATOM   542  C  CE1 . PHE A 1 90  ? 0.749   6.831   3.817   1.00 12.82 ? 70   PHE A CE1 1 
ATOM   543  C  CE2 . PHE A 1 90  ? -0.016  7.765   5.868   1.00 12.69 ? 70   PHE A CE2 1 
ATOM   544  C  CZ  . PHE A 1 90  ? -0.226  7.466   4.536   1.00 13.00 ? 70   PHE A CZ  1 
ATOM   545  N  N   . VAL A 1 91  ? 6.003   4.325   6.783   1.00 10.09 ? 71   VAL A N   1 
ATOM   546  C  CA  . VAL A 1 91  ? 7.239   3.893   7.325   1.00 10.11 ? 71   VAL A CA  1 
ATOM   547  C  C   . VAL A 1 91  ? 8.393   4.297   6.401   1.00 10.24 ? 71   VAL A C   1 
ATOM   548  O  O   . VAL A 1 91  ? 8.463   3.852   5.253   1.00 9.74  ? 71   VAL A O   1 
ATOM   549  C  CB  . VAL A 1 91  ? 7.330   2.319   7.527   1.00 10.58 ? 71   VAL A CB  1 
ATOM   550  C  CG1 . VAL A 1 91  ? 8.656   1.951   8.179   1.00 10.16 ? 71   VAL A CG1 1 
ATOM   551  C  CG2 . VAL A 1 91  ? 6.131   1.817   8.335   1.00 9.88  ? 71   VAL A CG2 1 
ATOM   552  N  N   . GLN A 1 92  ? 9.294   5.178   6.852   1.00 9.54  ? 72   GLN A N   1 
ATOM   553  C  CA  . GLN A 1 92  ? 10.385  5.686   6.033   1.00 11.06 ? 72   GLN A CA  1 
ATOM   554  C  C   . GLN A 1 92  ? 11.461  4.609   5.976   1.00 10.14 ? 72   GLN A C   1 
ATOM   555  O  O   . GLN A 1 92  ? 11.912  4.093   6.992   1.00 11.07 ? 72   GLN A O   1 
ATOM   556  C  CB  . GLN A 1 92  ? 10.918  7.056   6.538   1.00 11.28 ? 72   GLN A CB  1 
ATOM   557  C  CG  . GLN A 1 92  ? 11.847  7.664   5.507   1.00 10.80 ? 72   GLN A CG  1 
ATOM   558  C  CD  . GLN A 1 92  ? 12.348  9.055   5.901   1.00 12.30 ? 72   GLN A CD  1 
ATOM   559  O  OE1 . GLN A 1 92  ? 12.031  9.521   7.024   1.00 12.81 ? 72   GLN A OE1 1 
ATOM   560  N  NE2 . GLN A 1 92  ? 13.144  9.684   5.024   1.00 13.94 ? 72   GLN A NE2 1 
ATOM   561  N  N   . VAL A 1 93  ? 11.870  4.253   4.732   1.00 10.48 ? 73   VAL A N   1 
ATOM   562  C  CA  . VAL A 1 93  ? 12.848  3.176   4.531   1.00 10.72 ? 73   VAL A CA  1 
ATOM   563  C  C   . VAL A 1 93  ? 14.129  3.639   3.840   1.00 11.93 ? 73   VAL A C   1 
ATOM   564  O  O   . VAL A 1 93  ? 15.145  2.927   3.906   1.00 13.65 ? 73   VAL A O   1 
ATOM   565  C  CB  . VAL A 1 93  ? 12.240  1.951   3.803   1.00 11.88 ? 73   VAL A CB  1 
ATOM   566  C  CG1 . VAL A 1 93  ? 11.269  1.242   4.731   1.00 12.32 ? 73   VAL A CG1 1 
ATOM   567  C  CG2 . VAL A 1 93  ? 11.583  2.326   2.465   1.00 12.47 ? 73   VAL A CG2 1 
ATOM   568  N  N   . GLU A 1 94  ? 14.083  4.747   3.129   1.00 12.15 ? 74   GLU A N   1 
ATOM   569  C  CA  . GLU A 1 94  ? 15.245  5.337   2.483   1.00 13.83 ? 74   GLU A CA  1 
ATOM   570  C  C   . GLU A 1 94  ? 15.082  6.843   2.620   1.00 13.42 ? 74   GLU A C   1 
ATOM   571  O  O   . GLU A 1 94  ? 14.026  7.370   3.050   1.00 14.49 ? 74   GLU A O   1 
ATOM   572  C  CB  . GLU A 1 94  ? 15.325  4.937   0.996   1.00 14.75 ? 74   GLU A CB  1 
ATOM   573  C  CG  . GLU A 1 94  ? 15.410  3.459   0.775   1.00 15.35 ? 74   GLU A CG  1 
ATOM   574  C  CD  . GLU A 1 94  ? 16.725  2.840   1.087   1.00 19.89 ? 74   GLU A CD  1 
ATOM   575  O  OE1 . GLU A 1 94  ? 17.707  3.569   1.398   1.00 19.16 ? 74   GLU A OE1 1 
ATOM   576  O  OE2 . GLU A 1 94  ? 16.842  1.582   1.021   1.00 21.07 ? 74   GLU A OE2 1 
ATOM   577  N  N   . PRO A 1 95  ? 16.109  7.631   2.183   1.00 12.89 ? 75   PRO A N   1 
ATOM   578  C  CA  . PRO A 1 95  ? 15.942  9.076   2.270   1.00 13.45 ? 75   PRO A CA  1 
ATOM   579  C  C   . PRO A 1 95  ? 14.641  9.624   1.665   1.00 13.20 ? 75   PRO A C   1 
ATOM   580  O  O   . PRO A 1 95  ? 14.025  10.494  2.281   1.00 14.92 ? 75   PRO A O   1 
ATOM   581  C  CB  . PRO A 1 95  ? 17.188  9.615   1.486   1.00 14.64 ? 75   PRO A CB  1 
ATOM   582  C  CG  . PRO A 1 95  ? 18.154  8.606   1.756   1.00 16.17 ? 75   PRO A CG  1 
ATOM   583  C  CD  . PRO A 1 95  ? 17.453  7.250   1.737   1.00 15.21 ? 75   PRO A CD  1 
ATOM   584  N  N   . TYR A 1 96  ? 14.252  9.085   0.475   1.00 13.20 ? 76   TYR A N   1 
ATOM   585  C  CA  . TYR A 1 96  ? 13.031  9.557   -0.179  1.00 14.69 ? 76   TYR A CA  1 
ATOM   586  C  C   . TYR A 1 96  ? 12.187  8.369   -0.584  1.00 15.18 ? 76   TYR A C   1 
ATOM   587  O  O   . TYR A 1 96  ? 11.484  8.470   -1.609  1.00 14.89 ? 76   TYR A O   1 
ATOM   588  C  CB  . TYR A 1 96  ? 13.413  10.414  -1.350  1.00 17.22 ? 76   TYR A CB  1 
ATOM   589  C  CG  . TYR A 1 96  ? 14.277  11.613  -0.875  1.00 18.84 ? 76   TYR A CG  1 
ATOM   590  C  CD1 . TYR A 1 96  ? 13.679  12.618  -0.158  1.00 20.00 ? 76   TYR A CD1 1 
ATOM   591  C  CD2 . TYR A 1 96  ? 15.654  11.651  -1.143  1.00 25.75 ? 76   TYR A CD2 1 
ATOM   592  C  CE1 . TYR A 1 96  ? 14.405  13.681  0.380   1.00 21.81 ? 76   TYR A CE1 1 
ATOM   593  C  CE2 . TYR A 1 96  ? 16.433  12.748  -0.685  1.00 24.38 ? 76   TYR A CE2 1 
ATOM   594  C  CZ  . TYR A 1 96  ? 15.788  13.749  0.073   1.00 26.90 ? 76   TYR A CZ  1 
ATOM   595  O  OH  . TYR A 1 96  ? 16.475  14.846  0.567   1.00 27.87 ? 76   TYR A OH  1 
ATOM   596  N  N   . VAL A 1 97  ? 12.133  7.348   0.258   1.00 13.01 ? 77   VAL A N   1 
ATOM   597  C  CA  . VAL A 1 97  ? 11.224  6.226   0.004   1.00 11.67 ? 77   VAL A CA  1 
ATOM   598  C  C   . VAL A 1 97  ? 10.437  5.908   1.331   1.00 12.21 ? 77   VAL A C   1 
ATOM   599  O  O   . VAL A 1 97  ? 11.061  5.754   2.442   1.00 11.09 ? 77   VAL A O   1 
ATOM   600  C  CB  . VAL A 1 97  ? 11.900  4.958   -0.547  1.00 12.06 ? 77   VAL A CB  1 
ATOM   601  C  CG1 . VAL A 1 97  ? 10.859  3.865   -0.784  1.00 12.55 ? 77   VAL A CG1 1 
ATOM   602  C  CG2 . VAL A 1 97  ? 12.716  5.263   -1.855  1.00 14.32 ? 77   VAL A CG2 1 
ATOM   603  N  N   . TRP A 1 98  ? 9.115   5.700   1.201   1.00 11.26 ? 78   TRP A N   1 
ATOM   604  C  CA  . TRP A 1 98  ? 8.238   5.343   2.261   1.00 12.02 ? 78   TRP A CA  1 
ATOM   605  C  C   . TRP A 1 98  ? 7.446   4.094   1.820   1.00 10.89 ? 78   TRP A C   1 
ATOM   606  O  O   . TRP A 1 98  ? 7.204   3.912   0.657   1.00 11.25 ? 78   TRP A O   1 
ATOM   607  C  CB  . TRP A 1 98  ? 7.208   6.426   2.538   1.00 14.00 ? 78   TRP A CB  1 
ATOM   608  C  CG  . TRP A 1 98  ? 7.623   7.465   3.601   1.00 16.77 ? 78   TRP A CG  1 
ATOM   609  C  CD1 . TRP A 1 98  ? 7.289   7.443   4.923   1.00 18.14 ? 78   TRP A CD1 1 
ATOM   610  C  CD2 . TRP A 1 98  ? 8.448   8.555   3.435   1.00 18.41 ? 78   TRP A CD2 1 
ATOM   611  N  NE1 . TRP A 1 98  ? 7.835   8.463   5.602   1.00 17.09 ? 78   TRP A NE1 1 
ATOM   612  C  CE2 . TRP A 1 98  ? 8.556   9.184   4.691   1.00 18.81 ? 78   TRP A CE2 1 
ATOM   613  C  CE3 . TRP A 1 98  ? 9.088   9.093   2.339   1.00 17.17 ? 78   TRP A CE3 1 
ATOM   614  C  CZ2 . TRP A 1 98  ? 9.313   10.348  4.914   1.00 17.69 ? 78   TRP A CZ2 1 
ATOM   615  C  CZ3 . TRP A 1 98  ? 9.840   10.184  2.528   1.00 18.89 ? 78   TRP A CZ3 1 
ATOM   616  C  CH2 . TRP A 1 98  ? 9.962   10.821  3.837   1.00 21.16 ? 78   TRP A CH2 1 
ATOM   617  N  N   . VAL A 1 99  ? 7.159   3.262   2.780   1.00 9.61  ? 79   VAL A N   1 
ATOM   618  C  CA  . VAL A 1 99  ? 6.160   2.152   2.648   1.00 9.25  ? 79   VAL A CA  1 
ATOM   619  C  C   . VAL A 1 99  ? 4.901   2.507   3.408   1.00 10.69 ? 79   VAL A C   1 
ATOM   620  O  O   . VAL A 1 99  ? 4.951   2.851   4.615   1.00 10.92 ? 79   VAL A O   1 
ATOM   621  C  CB  . VAL A 1 99  ? 6.766   0.828   3.120   1.00 10.27 ? 79   VAL A CB  1 
ATOM   622  C  CG1 . VAL A 1 99  ? 5.766   -0.289  3.060   1.00 11.08 ? 79   VAL A CG1 1 
ATOM   623  C  CG2 . VAL A 1 99  ? 7.991   0.517   2.258   1.00 10.22 ? 79   VAL A CG2 1 
ATOM   624  N  N   . ALA A 1 100 ? 3.736   2.324   2.756   1.00 9.39  ? 80   ALA A N   1 
ATOM   625  C  CA  . ALA A 1 100 ? 2.459   2.581   3.359   1.00 10.45 ? 80   ALA A CA  1 
ATOM   626  C  C   . ALA A 1 100 ? 1.795   1.237   3.591   1.00 10.11 ? 80   ALA A C   1 
ATOM   627  O  O   . ALA A 1 100 ? 1.395   0.534   2.652   1.00 9.95  ? 80   ALA A O   1 
ATOM   628  C  CB  . ALA A 1 100 ? 1.536   3.432   2.411   1.00 10.47 ? 80   ALA A CB  1 
ATOM   629  N  N   . ASN A 1 101 ? 1.751   0.832   4.851   1.00 10.17 ? 81   ASN A N   1 
ATOM   630  C  CA  . ASN A 1 101 ? 1.076   -0.363  5.250   1.00 10.17 ? 81   ASN A CA  1 
ATOM   631  C  C   . ASN A 1 101 ? -0.430  -0.036  5.471   1.00 10.34 ? 81   ASN A C   1 
ATOM   632  O  O   . ASN A 1 101 ? -0.799  0.648   6.432   1.00 11.74 ? 81   ASN A O   1 
ATOM   633  C  CB  . ASN A 1 101 ? 1.622   -0.918  6.564   1.00 10.28 ? 81   ASN A CB  1 
ATOM   634  C  CG  . ASN A 1 101 ? 3.086   -1.357  6.553   1.00 10.74 ? 81   ASN A CG  1 
ATOM   635  O  OD1 . ASN A 1 101 ? 3.678   -1.745  5.562   1.00 11.16 ? 81   ASN A OD1 1 
ATOM   636  N  ND2 . ASN A 1 101 ? 3.693   -1.229  7.746   1.00 11.33 ? 81   ASN A ND2 1 
ATOM   637  N  N   . MET A 1 102 ? -1.249  -0.442  4.514   1.00 11.10 ? 82   MET A N   1 
ATOM   638  C  CA  . MET A 1 102 ? -2.692  -0.124  4.470   1.00 11.66 ? 82   MET A CA  1 
ATOM   639  C  C   . MET A 1 102 ? -3.462  -1.294  5.096   1.00 13.28 ? 82   MET A C   1 
ATOM   640  O  O   . MET A 1 102 ? -3.346  -2.402  4.592   1.00 13.97 ? 82   MET A O   1 
ATOM   641  C  CB  . MET A 1 102 ? -3.209  0.045   3.076   1.00 12.02 ? 82   MET A CB  1 
ATOM   642  C  CG  . MET A 1 102 ? -2.510  1.156   2.306   1.00 11.14 ? 82   MET A CG  1 
ATOM   643  S  SD  . MET A 1 102 ? -3.262  1.522   0.672   1.00 13.05 ? 82   MET A SD  1 
ATOM   644  C  CE  . MET A 1 102 ? -2.817  0.082   -0.192  1.00 12.47 ? 82   MET A CE  1 
ATOM   645  N  N   . ILE A 1 103 ? -4.300  -1.026  6.071   1.00 11.88 ? 83   ILE A N   1 
ATOM   646  C  CA  . ILE A 1 103 ? -5.104  -2.134  6.641   1.00 13.73 ? 83   ILE A CA  1 
ATOM   647  C  C   . ILE A 1 103 ? -6.354  -2.251  5.796   1.00 15.44 ? 83   ILE A C   1 
ATOM   648  O  O   . ILE A 1 103 ? -7.357  -1.505  6.029   1.00 15.38 ? 83   ILE A O   1 
ATOM   649  C  CB  . ILE A 1 103 ? -5.408  -1.888  8.137   1.00 14.01 ? 83   ILE A CB  1 
ATOM   650  C  CG1 . ILE A 1 103 ? -4.157  -1.635  8.986   1.00 13.46 ? 83   ILE A CG1 1 
ATOM   651  C  CG2 . ILE A 1 103 ? -6.176  -3.114  8.645   1.00 15.81 ? 83   ILE A CG2 1 
ATOM   652  C  CD1 . ILE A 1 103 ? -3.032  -2.650  8.819   1.00 14.00 ? 83   ILE A CD1 1 
ATOM   653  N  N   . GLY A 1 104 ? -6.287  -3.147  4.823   1.00 15.38 ? 84   GLY A N   1 
ATOM   654  C  CA  . GLY A 1 104 ? -7.333  -3.210  3.828   1.00 16.49 ? 84   GLY A CA  1 
ATOM   655  C  C   . GLY A 1 104 ? -8.028  -4.501  3.748   1.00 21.58 ? 84   GLY A C   1 
ATOM   656  O  O   . GLY A 1 104 ? -9.075  -4.569  3.070   1.00 24.50 ? 84   GLY A O   1 
ATOM   657  N  N   . GLN A 1 105 ? -7.480  -5.543  4.370   1.00 18.94 ? 85   GLN A N   1 
ATOM   658  C  CA  . GLN A 1 105 ? -7.964  -6.919  4.221   1.00 19.49 ? 85   GLN A CA  1 
ATOM   659  C  C   . GLN A 1 105 ? -8.465  -7.379  5.584   1.00 20.67 ? 85   GLN A C   1 
ATOM   660  O  O   . GLN A 1 105 ? -7.787  -7.252  6.602   1.00 19.81 ? 85   GLN A O   1 
ATOM   661  C  CB  . GLN A 1 105 ? -6.846  -7.823  3.719   1.00 22.86 ? 85   GLN A CB  1 
ATOM   662  C  CG  . GLN A 1 105 ? -7.187  -9.270  3.772   1.00 26.76 ? 85   GLN A CG  1 
ATOM   663  C  CD  . GLN A 1 105 ? -6.001  -10.090 3.462   1.00 30.53 ? 85   GLN A CD  1 
ATOM   664  O  OE1 . GLN A 1 105 ? -4.961  -9.553  3.067   1.00 32.61 ? 85   GLN A OE1 1 
ATOM   665  N  NE2 . GLN A 1 105 ? -6.084  -11.372 3.737   1.00 33.81 ? 85   GLN A NE2 1 
ATOM   666  N  N   . HIS A 1 106 ? -9.708  -7.836  5.599   1.00 21.58 ? 86   HIS A N   1 
ATOM   667  C  CA  . HIS A 1 106 ? -10.317 -8.323  6.824   1.00 23.70 ? 86   HIS A CA  1 
ATOM   668  C  C   . HIS A 1 106 ? -10.106 -9.833  6.976   1.00 25.70 ? 86   HIS A C   1 
ATOM   669  O  O   . HIS A 1 106 ? -10.528 -10.602 6.123   1.00 22.66 ? 86   HIS A O   1 
ATOM   670  C  CB  . HIS A 1 106 ? -11.837 -8.048  6.854   1.00 25.76 ? 86   HIS A CB  1 
ATOM   671  C  CG  . HIS A 1 106 ? -12.493 -8.590  8.084   1.00 27.46 ? 86   HIS A CG  1 
ATOM   672  N  ND1 . HIS A 1 106 ? -12.114 -8.229  9.354   1.00 26.10 ? 86   HIS A ND1 1 
ATOM   673  C  CD2 . HIS A 1 106 ? -13.572 -9.405  8.227   1.00 32.57 ? 86   HIS A CD2 1 
ATOM   674  C  CE1 . HIS A 1 106 ? -12.887 -8.832  10.239  1.00 34.92 ? 86   HIS A CE1 1 
ATOM   675  N  NE2 . HIS A 1 106 ? -13.770 -9.565  9.578   1.00 37.58 ? 86   HIS A NE2 1 
ATOM   676  N  N   . GLY A 1 107 ? -9.450  -10.238 8.065   1.00 23.88 ? 87   GLY A N   1 
ATOM   677  C  CA  . GLY A 1 107 ? -9.018  -11.657 8.199   1.00 27.18 ? 87   GLY A CA  1 
ATOM   678  C  C   . GLY A 1 107 ? -7.892  -12.093 7.255   1.00 26.90 ? 87   GLY A C   1 
ATOM   679  O  O   . GLY A 1 107 ? -7.282  -11.248 6.587   1.00 24.46 ? 87   GLY A O   1 
ATOM   680  N  N   . MET A 1 108 ? -7.606  -13.412 7.233   1.00 26.37 ? 88   MET A N   1 
ATOM   681  C  CA  . MET A 1 108 ? -6.597  -14.030 6.329   1.00 28.84 ? 88   MET A CA  1 
ATOM   682  C  C   . MET A 1 108 ? -7.232  -15.191 5.563   1.00 35.76 ? 88   MET A C   1 
ATOM   683  O  O   . MET A 1 108 ? -8.317  -15.612 5.972   1.00 31.42 ? 88   MET A O   1 
ATOM   684  C  CB  . MET A 1 108 ? -5.411  -14.547 7.160   1.00 30.75 ? 88   MET A CB  1 
ATOM   685  C  CG  . MET A 1 108 ? -4.551  -13.420 7.778   1.00 31.26 ? 88   MET A CG  1 
ATOM   686  S  SD  . MET A 1 108 ? -3.077  -14.057 8.642   1.00 30.68 ? 88   MET A SD  1 
ATOM   687  C  CE  . MET A 1 108 ? -3.975  -15.024 9.856   1.00 32.17 ? 88   MET A CE  1 
ATOM   688  N  N   . LYS A 1 109 ? -6.567  -15.697 4.500   1.00 38.38 ? 89   LYS A N   1 
ATOM   689  C  CA  . LYS A 1 109 ? -7.053  -16.875 3.668   1.00 44.59 ? 89   LYS A CA  1 
ATOM   690  C  C   . LYS A 1 109 ? -7.749  -18.009 4.431   1.00 53.07 ? 89   LYS A C   1 
ATOM   691  O  O   . LYS A 1 109 ? -7.132  -18.721 5.246   1.00 58.46 ? 89   LYS A O   1 
ATOM   692  C  CB  . LYS A 1 109 ? -5.911  -17.514 2.875   1.00 42.61 ? 89   LYS A CB  1 
ATOM   693  N  N   . PRO A 1 116 ? -9.886  -11.669 1.264   1.00 40.39 ? 96   PRO A N   1 
ATOM   694  C  CA  . PRO A 1 116 ? -11.103 -10.933 1.700   1.00 44.33 ? 96   PRO A CA  1 
ATOM   695  C  C   . PRO A 1 116 ? -10.857 -9.393  1.935   1.00 43.02 ? 96   PRO A C   1 
ATOM   696  O  O   . PRO A 1 116 ? -10.752 -8.879  3.066   1.00 33.47 ? 96   PRO A O   1 
ATOM   697  C  CB  . PRO A 1 116 ? -11.540 -11.688 2.963   1.00 49.87 ? 96   PRO A CB  1 
ATOM   698  C  CG  . PRO A 1 116 ? -10.334 -12.539 3.367   1.00 52.88 ? 96   PRO A CG  1 
ATOM   699  C  CD  . PRO A 1 116 ? -9.675  -12.891 2.065   1.00 51.38 ? 96   PRO A CD  1 
ATOM   700  N  N   . VAL A 1 117 ? -10.792 -8.663  0.832   1.00 46.07 ? 97   VAL A N   1 
ATOM   701  C  CA  . VAL A 1 117 ? -10.386 -7.256  0.853   1.00 45.03 ? 97   VAL A CA  1 
ATOM   702  C  C   . VAL A 1 117 ? -11.653 -6.414  0.905   1.00 42.92 ? 97   VAL A C   1 
ATOM   703  O  O   . VAL A 1 117 ? -12.599 -6.619  0.135   1.00 46.42 ? 97   VAL A O   1 
ATOM   704  C  CB  . VAL A 1 117 ? -9.553  -6.899  -0.388  1.00 43.62 ? 97   VAL A CB  1 
ATOM   705  C  CG1 . VAL A 1 117 ? -9.225  -5.434  -0.368  1.00 44.42 ? 97   VAL A CG1 1 
ATOM   706  C  CG2 . VAL A 1 117 ? -8.265  -7.734  -0.483  1.00 49.33 ? 97   VAL A CG2 1 
ATOM   707  N  N   . ARG A 1 118 ? -11.662 -5.482  1.828   1.00 34.80 ? 98   ARG A N   1 
ATOM   708  C  CA  . ARG A 1 118 ? -12.846 -4.720  2.135   1.00 35.31 ? 98   ARG A CA  1 
ATOM   709  C  C   . ARG A 1 118 ? -12.870 -3.394  1.378   1.00 32.42 ? 98   ARG A C   1 
ATOM   710  O  O   . ARG A 1 118 ? -12.030 -2.535  1.617   1.00 28.96 ? 98   ARG A O   1 
ATOM   711  C  CB  . ARG A 1 118 ? -12.916 -4.498  3.618   1.00 34.28 ? 98   ARG A CB  1 
ATOM   712  C  CG  . ARG A 1 118 ? -13.214 -5.800  4.345   1.00 45.20 ? 98   ARG A CG  1 
ATOM   713  C  CD  . ARG A 1 118 ? -14.713 -6.038  4.565   1.00 53.22 ? 98   ARG A CD  1 
ATOM   714  N  NE  . ARG A 1 118 ? -15.098 -5.458  5.861   1.00 54.40 ? 98   ARG A NE  1 
ATOM   715  C  CZ  . ARG A 1 118 ? -15.494 -6.128  6.943   1.00 61.35 ? 98   ARG A CZ  1 
ATOM   716  N  NH1 . ARG A 1 118 ? -15.776 -5.446  8.054   1.00 65.74 ? 98   ARG A NH1 1 
ATOM   717  N  NH2 . ARG A 1 118 ? -15.638 -7.455  6.939   1.00 63.03 ? 98   ARG A NH2 1 
ATOM   718  N  N   . TYR A 1 119 ? -13.870 -3.234  0.505   1.00 33.25 ? 99   TYR A N   1 
ATOM   719  C  CA  . TYR A 1 119 ? -13.969 -2.091  -0.420  1.00 28.16 ? 99   TYR A CA  1 
ATOM   720  C  C   . TYR A 1 119 ? -13.896 -0.780  0.359   1.00 24.24 ? 99   TYR A C   1 
ATOM   721  O  O   . TYR A 1 119 ? -13.169 0.111   -0.055  1.00 25.34 ? 99   TYR A O   1 
ATOM   722  C  CB  . TYR A 1 119 ? -15.307 -2.178  -1.175  1.00 30.39 ? 99   TYR A CB  1 
ATOM   723  C  CG  . TYR A 1 119 ? -15.551 -1.082  -2.190  1.00 28.44 ? 99   TYR A CG  1 
ATOM   724  C  CD1 . TYR A 1 119 ? -15.099 -1.224  -3.492  1.00 28.55 ? 99   TYR A CD1 1 
ATOM   725  C  CD2 . TYR A 1 119 ? -16.188 0.128   -1.837  1.00 26.28 ? 99   TYR A CD2 1 
ATOM   726  C  CE1 . TYR A 1 119 ? -15.294 -0.241  -4.452  1.00 29.63 ? 99   TYR A CE1 1 
ATOM   727  C  CE2 . TYR A 1 119 ? -16.406 1.096   -2.834  1.00 27.33 ? 99   TYR A CE2 1 
ATOM   728  C  CZ  . TYR A 1 119 ? -15.940 0.888   -4.113  1.00 28.52 ? 99   TYR A CZ  1 
ATOM   729  O  OH  . TYR A 1 119 ? -16.101 1.802   -5.121  1.00 28.96 ? 99   TYR A OH  1 
ATOM   730  N  N   . GLU A 1 120 ? -14.640 -0.639  1.464   1.00 23.06 ? 100  GLU A N   1 
ATOM   731  C  CA  . GLU A 1 120 ? -14.672 0.633   2.191   1.00 24.64 ? 100  GLU A CA  1 
ATOM   732  C  C   . GLU A 1 120 ? -13.297 0.874   2.818   1.00 22.26 ? 100  GLU A C   1 
ATOM   733  O  O   . GLU A 1 120 ? -12.848 2.011   2.911   1.00 21.56 ? 100  GLU A O   1 
ATOM   734  C  CB  . GLU A 1 120 ? -15.764 0.693   3.287   1.00 31.83 ? 100  GLU A CB  1 
ATOM   735  C  CG  . GLU A 1 120 ? -17.208 0.508   2.755   1.00 35.74 ? 100  GLU A CG  1 
ATOM   736  N  N   . ALA A 1 121 ? -12.695 -0.199  3.355   1.00 19.23 ? 101  ALA A N   1 
ATOM   737  C  CA  . ALA A 1 121 ? -11.375 -0.108  4.003   1.00 19.88 ? 101  ALA A CA  1 
ATOM   738  C  C   . ALA A 1 121 ? -10.302 0.303   3.029   1.00 18.79 ? 101  ALA A C   1 
ATOM   739  O  O   . ALA A 1 121 ? -9.528  1.177   3.299   1.00 16.49 ? 101  ALA A O   1 
ATOM   740  C  CB  . ALA A 1 121 ? -11.000 -1.461  4.579   1.00 20.21 ? 101  ALA A CB  1 
ATOM   741  N  N   . ILE A 1 122 ? -10.278 -0.346  1.876   1.00 17.50 ? 102  ILE A N   1 
ATOM   742  C  CA  . ILE A 1 122 ? -9.296  -0.010  0.842   1.00 19.17 ? 102  ILE A CA  1 
ATOM   743  C  C   . ILE A 1 122 ? -9.489  1.428   0.326   1.00 16.58 ? 102  ILE A C   1 
ATOM   744  O  O   . ILE A 1 122 ? -8.514  2.111   0.074   1.00 14.09 ? 102  ILE A O   1 
ATOM   745  C  CB  . ILE A 1 122 ? -9.340  -0.993  -0.327  1.00 25.02 ? 102  ILE A CB  1 
ATOM   746  C  CG1 . ILE A 1 122 ? -8.794  -2.296  0.111   1.00 31.42 ? 102  ILE A CG1 1 
ATOM   747  C  CG2 . ILE A 1 122 ? -8.605  -0.446  -1.558  1.00 27.82 ? 102  ILE A CG2 1 
ATOM   748  C  CD1 . ILE A 1 122 ? -7.276  -2.343  0.050   1.00 40.87 ? 102  ILE A CD1 1 
ATOM   749  N  N   . GLY A 1 123 ? -10.746 1.825   0.117   1.00 15.41 ? 103  GLY A N   1 
ATOM   750  C  CA  . GLY A 1 123 ? -11.039 3.196   -0.323  1.00 15.13 ? 103  GLY A CA  1 
ATOM   751  C  C   . GLY A 1 123 ? -10.481 4.231   0.620   1.00 12.97 ? 103  GLY A C   1 
ATOM   752  O  O   . GLY A 1 123 ? -9.770  5.162   0.255   1.00 13.56 ? 103  GLY A O   1 
ATOM   753  N  N   . THR A 1 124 ? -10.786 4.069   1.904   1.00 12.62 ? 104  THR A N   1 
ATOM   754  C  CA  . THR A 1 124 ? -10.360 4.954   2.959   1.00 13.05 ? 104  THR A CA  1 
ATOM   755  C  C   . THR A 1 124 ? -8.813  5.028   3.017   1.00 11.75 ? 104  THR A C   1 
ATOM   756  O  O   . THR A 1 124 ? -8.183  6.095   3.073   1.00 12.97 ? 104  THR A O   1 
ATOM   757  C  CB  . THR A 1 124 ? -10.932 4.515   4.295   1.00 14.01 ? 104  THR A CB  1 
ATOM   758  O  OG1 . THR A 1 124 ? -12.395 4.668   4.172   1.00 17.07 ? 104  THR A OG1 1 
ATOM   759  C  CG2 . THR A 1 124 ? -10.447 5.340   5.409   1.00 15.54 ? 104  THR A CG2 1 
ATOM   760  N  N   . ALA A 1 125 ? -8.222  3.855   2.961   1.00 11.79 ? 105  ALA A N   1 
ATOM   761  C  CA  . ALA A 1 125 ? -6.762  3.767   3.064   1.00 12.11 ? 105  ALA A CA  1 
ATOM   762  C  C   . ALA A 1 125 ? -6.072  4.393   1.918   1.00 12.70 ? 105  ALA A C   1 
ATOM   763  O  O   . ALA A 1 125 ? -5.072  5.113   2.048   1.00 11.61 ? 105  ALA A O   1 
ATOM   764  C  CB  . ALA A 1 125 ? -6.295  2.295   3.178   1.00 13.05 ? 105  ALA A CB  1 
ATOM   765  N  N   . LEU A 1 126 ? -6.569  4.120   0.726   1.00 12.01 ? 106  LEU A N   1 
ATOM   766  C  CA  . LEU A 1 126 ? -6.029  4.790   -0.428  1.00 12.34 ? 106  LEU A CA  1 
ATOM   767  C  C   . LEU A 1 126 ? -6.192  6.283   -0.443  1.00 12.84 ? 106  LEU A C   1 
ATOM   768  O  O   . LEU A 1 126 ? -5.313  7.013   -0.941  1.00 12.43 ? 106  LEU A O   1 
ATOM   769  C  CB  . LEU A 1 126 ? -6.592  4.224   -1.749  1.00 12.61 ? 106  LEU A CB  1 
ATOM   770  C  CG  . LEU A 1 126 ? -6.218  2.770   -2.141  1.00 13.03 ? 106  LEU A CG  1 
ATOM   771  C  CD1 . LEU A 1 126 ? -7.114  2.257   -3.248  1.00 14.45 ? 106  LEU A CD1 1 
ATOM   772  C  CD2 . LEU A 1 126 ? -4.779  2.744   -2.650  1.00 13.80 ? 106  LEU A CD2 1 
ATOM   773  N  N   . GLY A 1 127 ? -7.301  6.777   0.090   1.00 12.91 ? 107  GLY A N   1 
ATOM   774  C  CA  . GLY A 1 127 ? -7.434  8.191   0.277   1.00 12.21 ? 107  GLY A CA  1 
ATOM   775  C  C   . GLY A 1 127 ? -6.433  8.795   1.216   1.00 13.57 ? 107  GLY A C   1 
ATOM   776  O  O   . GLY A 1 127 ? -5.861  9.882   0.985   1.00 13.36 ? 107  GLY A O   1 
ATOM   777  N  N   . ARG A 1 128 ? -6.170  8.062   2.300   1.00 13.47 ? 108  ARG A N   1 
ATOM   778  C  CA  . ARG A 1 128 ? -5.115  8.481   3.195   1.00 13.89 ? 108  ARG A CA  1 
ATOM   779  C  C   . ARG A 1 128 ? -3.703  8.467   2.605   1.00 12.19 ? 108  ARG A C   1 
ATOM   780  O  O   . ARG A 1 128 ? -2.878  9.345   2.908   1.00 13.34 ? 108  ARG A O   1 
ATOM   781  C  CB  . ARG A 1 128 ? -5.155  7.665   4.474   1.00 14.02 ? 108  ARG A CB  1 
ATOM   782  C  CG  . ARG A 1 128 ? -6.431  7.922   5.199   1.00 15.92 ? 108  ARG A CG  1 
ATOM   783  C  CD  . ARG A 1 128 ? -6.548  7.214   6.522   1.00 18.94 ? 108  ARG A CD  1 
ATOM   784  N  NE  . ARG A 1 128 ? -7.855  7.540   7.114   1.00 21.81 ? 108  ARG A NE  1 
ATOM   785  C  CZ  . ARG A 1 128 ? -8.290  7.080   8.298   1.00 22.57 ? 108  ARG A CZ  1 
ATOM   786  N  NH1 . ARG A 1 128 ? -7.489  6.332   9.060   1.00 25.97 ? 108  ARG A NH1 1 
ATOM   787  N  NH2 . ARG A 1 128 ? -9.539  7.384   8.728   1.00 20.24 ? 108  ARG A NH2 1 
ATOM   788  N  N   . VAL A 1 129 ? -3.408  7.459   1.785   1.00 11.23 ? 109  VAL A N   1 
ATOM   789  C  CA  . VAL A 1 129 ? -2.188  7.436   1.000   1.00 10.77 ? 109  VAL A CA  1 
ATOM   790  C  C   . VAL A 1 129 ? -2.101  8.663   0.121   1.00 10.58 ? 109  VAL A C   1 
ATOM   791  O  O   . VAL A 1 129 ? -1.061  9.271   -0.003  1.00 10.31 ? 109  VAL A O   1 
ATOM   792  C  CB  . VAL A 1 129 ? -2.102  6.115   0.189   1.00 11.47 ? 109  VAL A CB  1 
ATOM   793  C  CG1 . VAL A 1 129 ? -1.007  6.151   -0.838  1.00 13.17 ? 109  VAL A CG1 1 
ATOM   794  C  CG2 . VAL A 1 129 ? -1.865  4.934   1.136   1.00 12.10 ? 109  VAL A CG2 1 
ATOM   795  N  N   . ALA A 1 130 ? -3.218  8.969   -0.572  1.00 11.23 ? 110  ALA A N   1 
ATOM   796  C  CA  . ALA A 1 130 ? -3.261  10.117  -1.432  1.00 12.27 ? 110  ALA A CA  1 
ATOM   797  C  C   . ALA A 1 130 ? -2.969  11.391  -0.659  1.00 12.19 ? 110  ALA A C   1 
ATOM   798  O  O   . ALA A 1 130 ? -2.209  12.204  -1.141  1.00 13.15 ? 110  ALA A O   1 
ATOM   799  C  CB  . ALA A 1 130 ? -4.535  10.221  -2.159  1.00 12.93 ? 110  ALA A CB  1 
ATOM   800  N  N   . ASP A 1 131 ? -3.591  11.568  0.509   1.00 13.75 ? 111  ASP A N   1 
ATOM   801  C  CA  . ASP A 1 131 ? -3.294  12.797  1.323   1.00 14.46 ? 111  ASP A CA  1 
ATOM   802  C  C   . ASP A 1 131 ? -1.806  12.920  1.560   1.00 13.11 ? 111  ASP A C   1 
ATOM   803  O  O   . ASP A 1 131 ? -1.178  13.989  1.478   1.00 14.45 ? 111  ASP A O   1 
ATOM   804  C  CB  . ASP A 1 131 ? -4.071  12.808  2.614   1.00 14.66 ? 111  ASP A CB  1 
ATOM   805  C  CG  . ASP A 1 131 ? -5.625  12.777  2.400   1.00 18.69 ? 111  ASP A CG  1 
ATOM   806  O  OD1 . ASP A 1 131 ? -6.117  13.273  1.359   1.00 20.26 ? 111  ASP A OD1 1 
ATOM   807  O  OD2 . ASP A 1 131 ? -6.340  12.175  3.234   1.00 20.67 ? 111  ASP A OD2 1 
ATOM   808  N  N   . ARG A 1 132 ? -1.191  11.813  2.013   1.00 11.69 ? 112  ARG A N   1 
ATOM   809  C  CA  . ARG A 1 132 ? 0.263   11.846  2.376   1.00 11.40 ? 112  ARG A CA  1 
ATOM   810  C  C   . ARG A 1 132 ? 1.157   11.993  1.187   1.00 12.56 ? 112  ARG A C   1 
ATOM   811  O  O   . ARG A 1 132 ? 2.146   12.752  1.177   1.00 12.37 ? 112  ARG A O   1 
ATOM   812  C  CB  . ARG A 1 132 ? 0.535   10.606  3.221   1.00 12.70 ? 112  ARG A CB  1 
ATOM   813  C  CG  . ARG A 1 132 ? 1.910   10.453  3.870   1.00 14.93 ? 112  ARG A CG  1 
ATOM   814  C  CD  . ARG A 1 132 ? 2.095   11.485  4.967   1.00 16.54 ? 112  ARG A CD  1 
ATOM   815  N  NE  . ARG A 1 132 ? 3.423   11.263  5.581   1.00 17.70 ? 112  ARG A NE  1 
ATOM   816  C  CZ  . ARG A 1 132 ? 4.358   12.216  5.750   1.00 18.34 ? 112  ARG A CZ  1 
ATOM   817  N  NH1 . ARG A 1 132 ? 4.191   13.458  5.392   1.00 17.70 ? 112  ARG A NH1 1 
ATOM   818  N  NH2 . ARG A 1 132 ? 5.517   11.848  6.320   1.00 15.91 ? 112  ARG A NH2 1 
ATOM   819  N  N   . ALA A 1 133 ? 0.819   11.318  0.060   1.00 12.99 ? 113  ALA A N   1 
ATOM   820  C  CA  . ALA A 1 133 ? 1.588   11.438  -1.161  1.00 13.14 ? 113  ALA A CA  1 
ATOM   821  C  C   . ALA A 1 133 ? 1.471   12.814  -1.721  1.00 13.27 ? 113  ALA A C   1 
ATOM   822  O  O   . ALA A 1 133 ? 2.506   13.367  -2.164  1.00 14.03 ? 113  ALA A O   1 
ATOM   823  C  CB  . ALA A 1 133 ? 1.148   10.357  -2.187  1.00 13.64 ? 113  ALA A CB  1 
ATOM   824  N  N   . ALA A 1 134 ? 0.340   13.462  -1.568  1.00 13.63 ? 114  ALA A N   1 
ATOM   825  C  CA  . ALA A 1 134 ? 0.240   14.844  -2.100  1.00 14.39 ? 114  ALA A CA  1 
ATOM   826  C  C   . ALA A 1 134 ? 1.162   15.775  -1.328  1.00 17.13 ? 114  ALA A C   1 
ATOM   827  O  O   . ALA A 1 134 ? 1.931   16.506  -1.926  1.00 19.48 ? 114  ALA A O   1 
ATOM   828  C  CB  . ALA A 1 134 ? -1.158  15.297  -2.064  1.00 15.48 ? 114  ALA A CB  1 
ATOM   829  N  N   . GLU A 1 135 ? 1.150   15.664  0.011   1.00 16.12 ? 115  GLU A N   1 
ATOM   830  C  CA  . GLU A 1 135 ? 2.065   16.546  0.739   1.00 20.91 ? 115  GLU A CA  1 
ATOM   831  C  C   . GLU A 1 135 ? 3.510   16.267  0.567   1.00 17.97 ? 115  GLU A C   1 
ATOM   832  O  O   . GLU A 1 135 ? 4.301   17.206  0.585   1.00 17.61 ? 115  GLU A O   1 
ATOM   833  C  CB  . GLU A 1 135 ? 1.703   16.697  2.168   1.00 22.02 ? 115  GLU A CB  1 
ATOM   834  C  CG  . GLU A 1 135 ? 1.896   15.522  2.988   1.00 22.24 ? 115  GLU A CG  1 
ATOM   835  C  CD  . GLU A 1 135 ? 1.433   15.742  4.428   1.00 26.19 ? 115  GLU A CD  1 
ATOM   836  O  OE1 . GLU A 1 135 ? 0.947   16.832  4.806   1.00 29.21 ? 115  GLU A OE1 1 
ATOM   837  O  OE2 . GLU A 1 135 ? 1.612   14.800  5.176   1.00 20.79 ? 115  GLU A OE2 1 
ATOM   838  N  N   . LEU A 1 136 ? 3.891   15.003  0.340   1.00 17.25 ? 116  LEU A N   1 
ATOM   839  C  CA  . LEU A 1 136 ? 5.264   14.625  0.055   1.00 15.20 ? 116  LEU A CA  1 
ATOM   840  C  C   . LEU A 1 136 ? 5.705   14.845  -1.412  1.00 16.22 ? 116  LEU A C   1 
ATOM   841  O  O   . LEU A 1 136 ? 6.847   14.598  -1.731  1.00 16.47 ? 116  LEU A O   1 
ATOM   842  C  CB  . LEU A 1 136 ? 5.478   13.149  0.363   1.00 15.64 ? 116  LEU A CB  1 
ATOM   843  C  CG  . LEU A 1 136 ? 5.542   12.809  1.863   1.00 15.78 ? 116  LEU A CG  1 
ATOM   844  C  CD1 . LEU A 1 136 ? 5.557   11.295  1.991   1.00 16.83 ? 116  LEU A CD1 1 
ATOM   845  C  CD2 . LEU A 1 136 ? 6.808   13.296  2.557   1.00 17.59 ? 116  LEU A CD2 1 
ATOM   846  N  N   . GLU A 1 137 ? 4.758   15.203  -2.256  1.00 18.30 ? 117  GLU A N   1 
ATOM   847  C  CA  . GLU A 1 137 ? 4.942   15.264  -3.722  1.00 19.17 ? 117  GLU A CA  1 
ATOM   848  C  C   . GLU A 1 137 ? 5.484   13.920  -4.214  1.00 17.54 ? 117  GLU A C   1 
ATOM   849  O  O   . GLU A 1 137 ? 6.405   13.819  -5.022  1.00 18.71 ? 117  GLU A O   1 
ATOM   850  C  CB  . GLU A 1 137 ? 5.883   16.431  -4.082  1.00 24.48 ? 117  GLU A CB  1 
ATOM   851  C  CG  . GLU A 1 137 ? 5.193   17.754  -3.787  1.00 28.32 ? 117  GLU A CG  1 
ATOM   852  C  CD  . GLU A 1 137 ? 5.963   18.977  -4.312  1.00 43.62 ? 117  GLU A CD  1 
ATOM   853  O  OE1 . GLU A 1 137 ? 7.028   18.819  -4.959  1.00 47.87 ? 117  GLU A OE1 1 
ATOM   854  O  OE2 . GLU A 1 137 ? 5.476   20.096  -4.053  1.00 49.92 ? 117  GLU A OE2 1 
ATOM   855  N  N   . ALA A 1 138 ? 4.871   12.839  -3.755  1.00 15.67 ? 118  ALA A N   1 
ATOM   856  C  CA  . ALA A 1 138 ? 5.360   11.528  -4.062  1.00 14.25 ? 118  ALA A CA  1 
ATOM   857  C  C   . ALA A 1 138 ? 4.610   10.890  -5.229  1.00 15.02 ? 118  ALA A C   1 
ATOM   858  O  O   . ALA A 1 138 ? 3.426   11.095  -5.393  1.00 17.27 ? 118  ALA A O   1 
ATOM   859  C  CB  . ALA A 1 138 ? 5.260   10.646  -2.842  1.00 16.37 ? 118  ALA A CB  1 
ATOM   860  N  N   . SER A 1 139 ? 5.326   9.997   -5.916  1.00 13.76 ? 119  SER A N   1 
ATOM   861  C  CA  . SER A 1 139 ? 4.610   9.019   -6.756  1.00 13.54 ? 119  SER A CA  1 
ATOM   862  C  C   . SER A 1 139 ? 4.302   7.766   -5.957  1.00 13.50 ? 119  SER A C   1 
ATOM   863  O  O   . SER A 1 139 ? 5.015   7.468   -4.956  1.00 13.05 ? 119  SER A O   1 
ATOM   864  C  CB  . SER A 1 139 ? 5.482   8.662   -7.951  1.00 13.68 ? 119  SER A CB  1 
ATOM   865  O  OG  . SER A 1 139 ? 6.742   8.149   -7.599  1.00 15.42 ? 119  SER A OG  1 
ATOM   866  N  N   . VAL A 1 140 ? 3.267   7.024   -6.377  1.00 11.81 ? 120  VAL A N   1 
ATOM   867  C  CA  . VAL A 1 140 ? 2.787   5.859   -5.629  1.00 12.43 ? 120  VAL A CA  1 
ATOM   868  C  C   . VAL A 1 140 ? 3.001   4.590   -6.465  1.00 12.70 ? 120  VAL A C   1 
ATOM   869  O  O   . VAL A 1 140 ? 2.839   4.643   -7.694  1.00 14.05 ? 120  VAL A O   1 
ATOM   870  C  CB  . VAL A 1 140 ? 1.341   6.049   -5.185  1.00 12.86 ? 120  VAL A CB  1 
ATOM   871  C  CG1 . VAL A 1 140 ? 0.811   4.802   -4.580  1.00 14.40 ? 120  VAL A CG1 1 
ATOM   872  C  CG2 . VAL A 1 140 ? 1.281   7.226   -4.192  1.00 14.60 ? 120  VAL A CG2 1 
ATOM   873  N  N   . HIS A 1 141 ? 3.435   3.519   -5.814  1.00 11.51 ? 121  HIS A N   1 
ATOM   874  C  CA  . HIS A 1 141 ? 3.916   2.260   -6.431  1.00 11.70 ? 121  HIS A CA  1 
ATOM   875  C  C   . HIS A 1 141 ? 3.249   1.138   -5.705  1.00 13.35 ? 121  HIS A C   1 
ATOM   876  O  O   . HIS A 1 141 ? 3.374   0.981   -4.463  1.00 12.32 ? 121  HIS A O   1 
ATOM   877  C  CB  . HIS A 1 141 ? 5.445   2.238   -6.305  1.00 12.64 ? 121  HIS A CB  1 
ATOM   878  C  CG  . HIS A 1 141 ? 6.071   3.391   -7.005  1.00 12.77 ? 121  HIS A CG  1 
ATOM   879  N  ND1 . HIS A 1 141 ? 6.398   3.362   -8.347  1.00 13.38 ? 121  HIS A ND1 1 
ATOM   880  C  CD2 . HIS A 1 141 ? 6.313   4.655   -6.597  1.00 12.26 ? 121  HIS A CD2 1 
ATOM   881  C  CE1 . HIS A 1 141 ? 6.890   4.516   -8.708  1.00 12.95 ? 121  HIS A CE1 1 
ATOM   882  N  NE2 . HIS A 1 141 ? 6.803   5.347   -7.683  1.00 13.77 ? 121  HIS A NE2 1 
ATOM   883  N  N   . LEU A 1 142 ? 2.416   0.351   -6.456  1.00 11.31 ? 122  LEU A N   1 
ATOM   884  C  CA  . LEU A 1 142 ? 1.616   -0.654  -5.857  1.00 13.41 ? 122  LEU A CA  1 
ATOM   885  C  C   . LEU A 1 142 ? 1.766   -1.999  -6.574  1.00 12.70 ? 122  LEU A C   1 
ATOM   886  O  O   . LEU A 1 142 ? 1.828   -2.040  -7.783  1.00 16.00 ? 122  LEU A O   1 
ATOM   887  C  CB  . LEU A 1 142 ? 0.113   -0.328  -5.837  1.00 17.96 ? 122  LEU A CB  1 
ATOM   888  C  CG  . LEU A 1 142 ? -0.447  0.977   -5.217  1.00 18.05 ? 122  LEU A CG  1 
ATOM   889  C  CD1 . LEU A 1 142 ? -0.654  1.903   -6.333  1.00 20.77 ? 122  LEU A CD1 1 
ATOM   890  C  CD2 . LEU A 1 142 ? -1.690  0.728   -4.374  1.00 23.40 ? 122  LEU A CD2 1 
ATOM   891  N  N   . PRO A 1 143 ? 1.830   -3.064  -5.813  1.00 11.96 ? 123  PRO A N   1 
ATOM   892  C  CA  . PRO A 1 143 ? 1.756   -4.337  -6.493  1.00 13.43 ? 123  PRO A CA  1 
ATOM   893  C  C   . PRO A 1 143 ? 0.310   -4.620  -6.855  1.00 13.51 ? 123  PRO A C   1 
ATOM   894  O  O   . PRO A 1 143 ? -0.620  -4.257  -6.204  1.00 15.73 ? 123  PRO A O   1 
ATOM   895  C  CB  . PRO A 1 143 ? 2.165   -5.297  -5.414  1.00 13.08 ? 123  PRO A CB  1 
ATOM   896  C  CG  . PRO A 1 143 ? 1.722   -4.657  -4.133  1.00 14.23 ? 123  PRO A CG  1 
ATOM   897  C  CD  . PRO A 1 143 ? 1.947   -3.238  -4.348  1.00 14.76 ? 123  PRO A CD  1 
ATOM   898  N  N   . ARG A 1 144 ? 0.236   -5.339  -7.970  1.00 18.22 ? 124  ARG A N   1 
ATOM   899  C  CA  . ARG A 1 144 ? -0.984  -5.731  -8.525  1.00 21.40 ? 124  ARG A CA  1 
ATOM   900  C  C   . ARG A 1 144 ? -1.350  -6.860  -7.686  1.00 32.24 ? 124  ARG A C   1 
ATOM   901  O  O   . ARG A 1 144 ? -0.475  -7.726  -7.296  1.00 35.04 ? 124  ARG A O   1 
ATOM   902  C  CB  . ARG A 1 144 ? -0.724  -6.149  -10.019 1.00 21.02 ? 124  ARG A CB  1 
ATOM   903  C  CG  . ARG A 1 144 ? -1.898  -6.724  -10.669 1.00 23.57 ? 124  ARG A CG  1 
ATOM   904  C  CD  . ARG A 1 144 ? -1.439  -7.354  -11.974 1.00 19.37 ? 124  ARG A CD  1 
ATOM   905  N  NE  . ARG A 1 144 ? -1.271  -6.334  -12.981 1.00 19.76 ? 124  ARG A NE  1 
ATOM   906  C  CZ  . ARG A 1 144 ? -2.257  -5.773  -13.670 1.00 18.98 ? 124  ARG A CZ  1 
ATOM   907  N  NH1 . ARG A 1 144 ? -1.943  -4.831  -14.536 1.00 24.01 ? 124  ARG A NH1 1 
ATOM   908  N  NH2 . ARG A 1 144 ? -3.544  -6.109  -13.511 1.00 19.38 ? 124  ARG A NH2 1 
ATOM   909  N  N   . ILE A 1 145 ? -2.580  -6.763  -7.233  1.00 31.65 ? 125  ILE A N   1 
ATOM   910  C  CA  . ILE A 1 145 ? -3.305  -7.889  -6.752  1.00 32.82 ? 125  ILE A CA  1 
ATOM   911  C  C   . ILE A 1 145 ? -4.527  -8.183  -7.703  1.00 29.69 ? 125  ILE A C   1 
ATOM   912  O  O   . ILE A 1 145 ? -4.765  -9.367  -7.923  1.00 51.55 ? 125  ILE A O   1 
ATOM   913  C  CB  . ILE A 1 145 ? -3.676  -7.669  -5.254  1.00 28.29 ? 125  ILE A CB  1 
ATOM   914  C  CG1 . ILE A 1 145 ? -4.420  -6.365  -4.985  1.00 25.16 ? 125  ILE A CG1 1 
ATOM   915  C  CG2 . ILE A 1 145 ? -2.349  -7.678  -4.450  1.00 30.14 ? 125  ILE A CG2 1 
ATOM   916  C  CD1 . ILE A 1 145 ? -5.113  -6.234  -3.637  1.00 25.33 ? 125  ILE A CD1 1 
ATOM   917  N  N   . GLY A 1 148 ? -7.032  -9.918  -12.346 1.00 33.07 ? 128  GLY A N   1 
ATOM   918  C  CA  . GLY A 1 148 ? -7.214  -8.766  -13.265 1.00 29.84 ? 128  GLY A CA  1 
ATOM   919  C  C   . GLY A 1 148 ? -8.575  -8.085  -13.033 1.00 30.02 ? 128  GLY A C   1 
ATOM   920  O  O   . GLY A 1 148 ? -9.367  -8.435  -12.122 1.00 30.55 ? 128  GLY A O   1 
ATOM   921  N  N   . LEU A 1 149 ? -8.854  -7.074  -13.857 1.00 28.67 ? 129  LEU A N   1 
ATOM   922  C  CA  . LEU A 1 149 ? -10.093 -6.315  -13.758 1.00 26.35 ? 129  LEU A CA  1 
ATOM   923  C  C   . LEU A 1 149 ? -11.330 -7.218  -14.018 1.00 31.03 ? 129  LEU A C   1 
ATOM   924  O  O   . LEU A 1 149 ? -12.444 -6.827  -13.607 1.00 34.22 ? 129  LEU A O   1 
ATOM   925  C  CB  . LEU A 1 149 ? -10.056 -5.212  -14.824 1.00 27.24 ? 129  LEU A CB  1 
ATOM   926  C  CG  . LEU A 1 149 ? -9.177  -4.012  -14.572 1.00 28.52 ? 129  LEU A CG  1 
ATOM   927  C  CD1 . LEU A 1 149 ? -9.108  -3.196  -15.864 1.00 27.18 ? 129  LEU A CD1 1 
ATOM   928  C  CD2 . LEU A 1 149 ? -9.756  -3.251  -13.340 1.00 28.23 ? 129  LEU A CD2 1 
ATOM   929  N  N   . ALA A 1 150 ? -11.148 -8.406  -14.644 1.00 29.56 ? 130  ALA A N   1 
ATOM   930  C  CA  . ALA A 1 150 ? -12.257 -9.418  -14.720 1.00 37.42 ? 130  ALA A CA  1 
ATOM   931  C  C   . ALA A 1 150 ? -12.566 -10.212 -13.391 1.00 42.63 ? 130  ALA A C   1 
ATOM   932  O  O   . ALA A 1 150 ? -13.475 -11.043 -13.358 1.00 44.14 ? 130  ALA A O   1 
ATOM   933  C  CB  . ALA A 1 150 ? -12.032 -10.390 -15.907 1.00 33.99 ? 130  ALA A CB  1 
ATOM   934  N  N   . GLY A 1 151 ? -11.840 -9.953  -12.301 1.00 42.54 ? 131  GLY A N   1 
ATOM   935  C  CA  . GLY A 1 151 ? -12.003 -10.715 -11.050 1.00 43.74 ? 131  GLY A CA  1 
ATOM   936  C  C   . GLY A 1 151 ? -12.355 -9.840  -9.847  1.00 44.68 ? 131  GLY A C   1 
ATOM   937  O  O   . GLY A 1 151 ? -11.970 -8.654  -9.791  1.00 41.30 ? 131  GLY A O   1 
ATOM   938  N  N   . GLY A 1 152 ? -12.999 -10.484 -8.849  1.00 40.15 ? 132  GLY A N   1 
ATOM   939  C  CA  . GLY A 1 152 ? -13.585 -9.860  -7.649  1.00 33.29 ? 132  GLY A CA  1 
ATOM   940  C  C   . GLY A 1 152 ? -12.720 -8.804  -7.000  1.00 33.46 ? 132  GLY A C   1 
ATOM   941  O  O   . GLY A 1 152 ? -13.199 -7.687  -6.770  1.00 34.25 ? 132  GLY A O   1 
ATOM   942  N  N   . THR A 1 153 ? -11.432 -9.117  -6.806  1.00 30.29 ? 133  THR A N   1 
ATOM   943  C  CA  . THR A 1 153 ? -10.488 -8.196  -6.083  1.00 33.51 ? 133  THR A CA  1 
ATOM   944  C  C   . THR A 1 153 ? -10.070 -6.935  -6.853  1.00 25.45 ? 133  THR A C   1 
ATOM   945  O  O   . THR A 1 153 ? -10.444 -5.793  -6.438  1.00 24.91 ? 133  THR A O   1 
ATOM   946  C  CB  . THR A 1 153 ? -9.199  -8.944  -5.653  1.00 35.62 ? 133  THR A CB  1 
ATOM   947  O  OG1 . THR A 1 153 ? -9.567  -10.053 -4.849  1.00 41.69 ? 133  THR A OG1 1 
ATOM   948  C  CG2 . THR A 1 153 ? -8.145  -7.992  -4.880  1.00 37.74 ? 133  THR A CG2 1 
ATOM   949  N  N   . TRP A 1 154 ? -9.333  -7.119  -7.933  1.00 26.49 ? 134  TRP A N   1 
ATOM   950  C  CA  . TRP A 1 154 ? -8.708  -6.014  -8.667  1.00 23.89 ? 134  TRP A CA  1 
ATOM   951  C  C   . TRP A 1 154 ? -9.797  -5.109  -9.295  1.00 23.29 ? 134  TRP A C   1 
ATOM   952  O  O   . TRP A 1 154 ? -9.557  -3.962  -9.566  1.00 20.81 ? 134  TRP A O   1 
ATOM   953  C  CB  . TRP A 1 154 ? -7.684  -6.502  -9.710  1.00 23.45 ? 134  TRP A CB  1 
ATOM   954  C  CG  . TRP A 1 154 ? -6.819  -5.467  -10.290 1.00 24.71 ? 134  TRP A CG  1 
ATOM   955  C  CD1 . TRP A 1 154 ? -6.747  -5.027  -11.620 1.00 23.05 ? 134  TRP A CD1 1 
ATOM   956  C  CD2 . TRP A 1 154 ? -5.873  -4.698  -9.585  1.00 24.31 ? 134  TRP A CD2 1 
ATOM   957  N  NE1 . TRP A 1 154 ? -5.884  -3.978  -11.723 1.00 26.81 ? 134  TRP A NE1 1 
ATOM   958  C  CE2 . TRP A 1 154 ? -5.260  -3.809  -10.517 1.00 22.72 ? 134  TRP A CE2 1 
ATOM   959  C  CE3 . TRP A 1 154 ? -5.499  -4.642  -8.241  1.00 23.66 ? 134  TRP A CE3 1 
ATOM   960  C  CZ2 . TRP A 1 154 ? -4.357  -2.889  -10.161 1.00 21.52 ? 134  TRP A CZ2 1 
ATOM   961  C  CZ3 . TRP A 1 154 ? -4.495  -3.719  -7.896  1.00 25.68 ? 134  TRP A CZ3 1 
ATOM   962  C  CH2 . TRP A 1 154 ? -3.931  -2.872  -8.874  1.00 23.08 ? 134  TRP A CH2 1 
ATOM   963  N  N   . SER A 1 155 ? -10.966 -5.687  -9.586  1.00 21.73 ? 135  SER A N   1 
ATOM   964  C  CA  . SER A 1 155 ? -12.039 -4.921  -10.173 1.00 20.82 ? 135  SER A CA  1 
ATOM   965  C  C   . SER A 1 155 ? -12.627 -3.930  -9.213  1.00 22.76 ? 135  SER A C   1 
ATOM   966  O  O   . SER A 1 155 ? -13.274 -2.962  -9.636  1.00 19.58 ? 135  SER A O   1 
ATOM   967  C  CB  . SER A 1 155 ? -13.136 -5.928  -10.607 1.00 24.41 ? 135  SER A CB  1 
ATOM   968  O  OG  . SER A 1 155 ? -13.841 -6.415  -9.513  1.00 28.56 ? 135  SER A OG  1 
ATOM   969  N  N   . ARG A 1 156 ? -12.528 -4.214  -7.927  1.00 23.68 ? 136  ARG A N   1 
ATOM   970  C  CA  . ARG A 1 156 ? -12.760 -3.181  -6.879  1.00 27.64 ? 136  ARG A CA  1 
ATOM   971  C  C   . ARG A 1 156 ? -11.598 -2.228  -6.664  1.00 27.46 ? 136  ARG A C   1 
ATOM   972  O  O   . ARG A 1 156 ? -11.726 -0.949  -6.544  1.00 27.65 ? 136  ARG A O   1 
ATOM   973  C  CB  . ARG A 1 156 ? -13.058 -3.898  -5.547  1.00 27.91 ? 136  ARG A CB  1 
ATOM   974  C  CG  . ARG A 1 156 ? -14.527 -4.141  -5.354  1.00 33.76 ? 136  ARG A CG  1 
ATOM   975  C  CD  . ARG A 1 156 ? -15.028 -5.298  -6.163  1.00 42.56 ? 136  ARG A CD  1 
ATOM   976  N  NE  . ARG A 1 156 ? -16.477 -5.528  -6.067  1.00 45.48 ? 136  ARG A NE  1 
ATOM   977  C  CZ  . ARG A 1 156 ? -17.143 -6.357  -6.884  1.00 52.62 ? 136  ARG A CZ  1 
ATOM   978  N  NH1 . ARG A 1 156 ? -16.504 -7.010  -7.869  1.00 52.77 ? 136  ARG A NH1 1 
ATOM   979  N  NH2 . ARG A 1 156 ? -18.463 -6.517  -6.757  1.00 53.54 ? 136  ARG A NH2 1 
ATOM   980  N  N   . VAL A 1 157 ? -10.421 -2.815  -6.514  1.00 22.87 ? 137  VAL A N   1 
ATOM   981  C  CA  . VAL A 1 157 ? -9.273  -2.009  -6.184  1.00 25.05 ? 137  VAL A CA  1 
ATOM   982  C  C   . VAL A 1 157 ? -8.866  -0.994  -7.261  1.00 23.23 ? 137  VAL A C   1 
ATOM   983  O  O   . VAL A 1 157 ? -8.628  0.159   -6.913  1.00 19.45 ? 137  VAL A O   1 
ATOM   984  C  CB  . VAL A 1 157 ? -8.067  -2.920  -5.694  1.00 25.94 ? 137  VAL A CB  1 
ATOM   985  C  CG1 . VAL A 1 157 ? -6.808  -2.079  -5.487  1.00 28.76 ? 137  VAL A CG1 1 
ATOM   986  C  CG2 . VAL A 1 157 ? -8.527  -3.692  -4.426  1.00 26.55 ? 137  VAL A CG2 1 
ATOM   987  N  N   . GLU A 1 158 ? -8.740  -1.368  -8.557  1.00 17.49 ? 138  GLU A N   1 
ATOM   988  C  CA  . GLU A 1 158 ? -8.159  -0.487  -9.516  1.00 15.52 ? 138  GLU A CA  1 
ATOM   989  C  C   . GLU A 1 158 ? -9.074  0.787   -9.580  1.00 13.55 ? 138  GLU A C   1 
ATOM   990  O  O   . GLU A 1 158 ? -8.575  1.880   -9.643  1.00 15.22 ? 138  GLU A O   1 
ATOM   991  C  CB  . GLU A 1 158 ? -7.769  -1.063  -10.928 1.00 18.06 ? 138  GLU A CB  1 
ATOM   992  C  CG  . GLU A 1 158 ? -7.182  -0.021  -11.810 1.00 20.08 ? 138  GLU A CG  1 
ATOM   993  C  CD  . GLU A 1 158 ? -6.376  -0.376  -13.087 1.00 20.48 ? 138  GLU A CD  1 
ATOM   994  O  OE1 . GLU A 1 158 ? -5.751  -1.376  -13.178 1.00 24.50 ? 138  GLU A OE1 1 
ATOM   995  O  OE2 . GLU A 1 158 ? -6.198  0.523   -13.952 1.00 24.53 ? 138  GLU A OE2 1 
ATOM   996  N  N   . PRO A 1 159 ? -10.421 0.625   -9.633  1.00 14.77 ? 139  PRO A N   1 
ATOM   997  C  CA  . PRO A 1 159 ? -11.186 1.866   -9.656  1.00 13.70 ? 139  PRO A CA  1 
ATOM   998  C  C   . PRO A 1 159 ? -11.033 2.783   -8.482  1.00 13.26 ? 139  PRO A C   1 
ATOM   999  O  O   . PRO A 1 159 ? -11.061 4.010   -8.593  1.00 13.04 ? 139  PRO A O   1 
ATOM   1000 C  CB  . PRO A 1 159 ? -12.634 1.397   -9.713  1.00 14.73 ? 139  PRO A CB  1 
ATOM   1001 C  CG  . PRO A 1 159 ? -12.573 0.105   -10.413 1.00 15.85 ? 139  PRO A CG  1 
ATOM   1002 C  CD  . PRO A 1 159 ? -11.289 -0.543  -9.893  1.00 16.30 ? 139  PRO A CD  1 
ATOM   1003 N  N   . LEU A 1 160 ? -10.749 2.192   -7.315  1.00 13.17 ? 140  LEU A N   1 
ATOM   1004 C  CA  . LEU A 1 160 ? -10.405 3.072   -6.160  1.00 12.99 ? 140  LEU A CA  1 
ATOM   1005 C  C   . LEU A 1 160 ? -9.029  3.744   -6.304  1.00 12.22 ? 140  LEU A C   1 
ATOM   1006 O  O   . LEU A 1 160 ? -8.823  4.844   -5.796  1.00 12.55 ? 140  LEU A O   1 
ATOM   1007 C  CB  . LEU A 1 160 ? -10.539 2.235   -4.857  1.00 13.92 ? 140  LEU A CB  1 
ATOM   1008 C  CG  . LEU A 1 160 ? -11.964 1.740   -4.449  1.00 14.96 ? 140  LEU A CG  1 
ATOM   1009 C  CD1 . LEU A 1 160 ? -11.922 0.738   -3.293  1.00 18.56 ? 140  LEU A CD1 1 
ATOM   1010 C  CD2 . LEU A 1 160 ? -12.808 2.952   -4.053  1.00 17.21 ? 140  LEU A CD2 1 
ATOM   1011 N  N   . ILE A 1 161 ? -8.075  3.126   -7.007  1.00 12.26 ? 141  ILE A N   1 
ATOM   1012 C  CA  . ILE A 1 161 ? -6.799  3.775   -7.337  1.00 11.74 ? 141  ILE A CA  1 
ATOM   1013 C  C   . ILE A 1 161 ? -7.083  4.979   -8.198  1.00 12.28 ? 141  ILE A C   1 
ATOM   1014 O  O   . ILE A 1 161 ? -6.575  6.095   -8.032  1.00 12.35 ? 141  ILE A O   1 
ATOM   1015 C  CB  . ILE A 1 161 ? -5.810  2.790   -7.977  1.00 14.41 ? 141  ILE A CB  1 
ATOM   1016 C  CG1 . ILE A 1 161 ? -5.499  1.655   -6.946  1.00 13.83 ? 141  ILE A CG1 1 
ATOM   1017 C  CG2 . ILE A 1 161 ? -4.599  3.500   -8.534  1.00 14.18 ? 141  ILE A CG2 1 
ATOM   1018 C  CD1 . ILE A 1 161 ? -4.697  0.528   -7.490  1.00 15.38 ? 141  ILE A CD1 1 
ATOM   1019 N  N   . SER A 1 162 ? -7.918  4.738   -9.232  1.00 11.95 ? 142  SER A N   1 
ATOM   1020 C  CA  . SER A 1 162 ? -8.281  5.849   -10.140 1.00 13.11 ? 142  SER A CA  1 
ATOM   1021 C  C   . SER A 1 162 ? -8.961  6.987   -9.354  1.00 12.72 ? 142  SER A C   1 
ATOM   1022 O  O   . SER A 1 162 ? -8.600  8.180   -9.585  1.00 14.06 ? 142  SER A O   1 
ATOM   1023 C  CB  . SER A 1 162 ? -9.261  5.360   -11.231 1.00 12.84 ? 142  SER A CB  1 
ATOM   1024 O  OG  . SER A 1 162 ? -8.561  4.460   -12.124 1.00 13.79 ? 142  SER A OG  1 
ATOM   1025 N  N   . ASP A 1 163 ? -9.924  6.632   -8.514  1.00 12.28 ? 143  ASP A N   1 
ATOM   1026 C  CA  . ASP A 1 163 ? -10.750 7.641   -7.841  1.00 13.62 ? 143  ASP A CA  1 
ATOM   1027 C  C   . ASP A 1 163 ? -9.983  8.388   -6.722  1.00 14.15 ? 143  ASP A C   1 
ATOM   1028 O  O   . ASP A 1 163 ? -10.219 9.548   -6.468  1.00 15.20 ? 143  ASP A O   1 
ATOM   1029 C  CB  . ASP A 1 163 ? -11.983 6.996   -7.310  1.00 14.28 ? 143  ASP A CB  1 
ATOM   1030 C  CG  . ASP A 1 163 ? -12.953 7.968   -6.760  1.00 16.82 ? 143  ASP A CG  1 
ATOM   1031 O  OD1 . ASP A 1 163 ? -13.494 8.806   -7.517  1.00 15.30 ? 143  ASP A OD1 1 
ATOM   1032 O  OD2 . ASP A 1 163 ? -13.170 7.970   -5.518  1.00 19.57 ? 143  ASP A OD2 1 
ATOM   1033 N  N   . ARG A 1 164 ? -9.112  7.636   -5.997  1.00 12.31 ? 144  ARG A N   1 
ATOM   1034 C  CA  . ARG A 1 164 ? -8.468  8.239   -4.844  1.00 13.65 ? 144  ARG A CA  1 
ATOM   1035 C  C   . ARG A 1 164 ? -7.085  8.825   -5.132  1.00 13.01 ? 144  ARG A C   1 
ATOM   1036 O  O   . ARG A 1 164 ? -6.636  9.790   -4.442  1.00 14.11 ? 144  ARG A O   1 
ATOM   1037 C  CB  . ARG A 1 164 ? -8.295  7.233   -3.669  1.00 12.24 ? 144  ARG A CB  1 
ATOM   1038 C  CG  . ARG A 1 164 ? -9.597  6.607   -3.171  1.00 14.55 ? 144  ARG A CG  1 
ATOM   1039 C  CD  . ARG A 1 164 ? -10.476 7.731   -2.608  1.00 16.87 ? 144  ARG A CD  1 
ATOM   1040 N  NE  . ARG A 1 164 ? -11.438 7.220   -1.688  1.00 16.76 ? 144  ARG A NE  1 
ATOM   1041 C  CZ  . ARG A 1 164 ? -12.550 6.576   -1.965  1.00 22.93 ? 144  ARG A CZ  1 
ATOM   1042 N  NH1 . ARG A 1 164 ? -13.256 6.140   -0.886  1.00 27.08 ? 144  ARG A NH1 1 
ATOM   1043 N  NH2 . ARG A 1 164 ? -13.102 6.494   -3.214  1.00 19.50 ? 144  ARG A NH2 1 
ATOM   1044 N  N   . LEU A 1 165 ? -6.378  8.242   -6.113  1.00 12.27 ? 145  LEU A N   1 
ATOM   1045 C  CA  . LEU A 1 165 ? -5.032  8.647   -6.450  1.00 12.66 ? 145  LEU A CA  1 
ATOM   1046 C  C   . LEU A 1 165 ? -4.966  9.367   -7.750  1.00 13.00 ? 145  LEU A C   1 
ATOM   1047 O  O   . LEU A 1 165 ? -4.598  10.528  -7.744  1.00 13.01 ? 145  LEU A O   1 
ATOM   1048 C  CB  . LEU A 1 165 ? -4.077  7.470   -6.439  1.00 13.16 ? 145  LEU A CB  1 
ATOM   1049 C  CG  . LEU A 1 165 ? -3.907  6.813   -5.055  1.00 14.46 ? 145  LEU A CG  1 
ATOM   1050 C  CD1 . LEU A 1 165 ? -3.284  5.434   -5.090  1.00 14.47 ? 145  LEU A CD1 1 
ATOM   1051 C  CD2 . LEU A 1 165 ? -3.035  7.745   -4.209  1.00 15.83 ? 145  LEU A CD2 1 
ATOM   1052 N  N   . THR A 1 166 ? -5.216  8.720   -8.889  1.00 13.67 ? 146  THR A N   1 
ATOM   1053 C  CA  . THR A 1 166 ? -5.163  9.394   -10.182 1.00 15.17 ? 146  THR A CA  1 
ATOM   1054 C  C   . THR A 1 166 ? -5.964  10.690  -10.238 1.00 16.74 ? 146  THR A C   1 
ATOM   1055 O  O   . THR A 1 166 ? -5.421  11.727  -10.726 1.00 16.95 ? 146  THR A O   1 
ATOM   1056 C  CB  . THR A 1 166 ? -5.635  8.393   -11.304 1.00 17.18 ? 146  THR A CB  1 
ATOM   1057 O  OG1 . THR A 1 166 ? -4.780  7.261   -11.175 1.00 22.82 ? 146  THR A OG1 1 
ATOM   1058 C  CG2 . THR A 1 166 ? -5.393  9.072   -12.635 1.00 21.62 ? 146  THR A CG2 1 
ATOM   1059 N  N   . ARG A 1 167 ? -7.139  10.671  -9.640  1.00 16.94 ? 147  ARG A N   1 
ATOM   1060 C  CA  A ARG A 1 167 ? -8.049  11.805  -9.611  0.45 17.57 ? 147  ARG A CA  1 
ATOM   1061 C  CA  B ARG A 1 167 ? -8.055  11.810  -9.616  0.55 18.26 ? 147  ARG A CA  1 
ATOM   1062 C  C   . ARG A 1 167 ? -7.381  13.029  -8.980  1.00 19.39 ? 147  ARG A C   1 
ATOM   1063 O  O   . ARG A 1 167 ? -7.675  14.165  -9.315  1.00 23.28 ? 147  ARG A O   1 
ATOM   1064 C  CB  A ARG A 1 167 ? -9.276  11.434  -8.819  0.45 17.14 ? 147  ARG A CB  1 
ATOM   1065 C  CB  B ARG A 1 167 ? -9.305  11.467  -8.838  0.55 18.97 ? 147  ARG A CB  1 
ATOM   1066 C  CG  A ARG A 1 167 ? -10.341 12.506  -8.719  0.45 16.30 ? 147  ARG A CG  1 
ATOM   1067 C  CG  B ARG A 1 167 ? -10.448 12.483  -8.909  0.55 19.17 ? 147  ARG A CG  1 
ATOM   1068 C  CD  A ARG A 1 167 ? -11.667 11.947  -8.252  0.45 16.39 ? 147  ARG A CD  1 
ATOM   1069 C  CD  B ARG A 1 167 ? -11.602 12.127  -7.994  0.55 20.45 ? 147  ARG A CD  1 
ATOM   1070 N  NE  A ARG A 1 167 ? -12.670 13.002  -8.209  0.45 15.15 ? 147  ARG A NE  1 
ATOM   1071 N  NE  B ARG A 1 167 ? -11.143 12.010  -6.615  0.55 20.77 ? 147  ARG A NE  1 
ATOM   1072 C  CZ  A ARG A 1 167 ? -13.959 12.847  -7.958  0.45 14.57 ? 147  ARG A CZ  1 
ATOM   1073 C  CZ  B ARG A 1 167 ? -10.979 13.009  -5.762  0.55 21.64 ? 147  ARG A CZ  1 
ATOM   1074 N  NH1 A ARG A 1 167 ? -14.479 11.674  -7.740  0.45 17.90 ? 147  ARG A NH1 1 
ATOM   1075 N  NH1 B ARG A 1 167 ? -10.471 12.742  -4.583  0.55 22.57 ? 147  ARG A NH1 1 
ATOM   1076 N  NH2 A ARG A 1 167 ? -14.763 13.882  -7.944  0.45 14.43 ? 147  ARG A NH2 1 
ATOM   1077 N  NH2 B ARG A 1 167 ? -11.252 14.277  -6.092  0.55 22.85 ? 147  ARG A NH2 1 
ATOM   1078 N  N   . ARG A 1 168 ? -6.489  12.777  -8.072  1.00 19.48 ? 148  ARG A N   1 
ATOM   1079 C  CA  . ARG A 1 168 ? -5.741  13.872  -7.446  1.00 21.11 ? 148  ARG A CA  1 
ATOM   1080 C  C   . ARG A 1 168 ? -4.456  14.240  -8.069  1.00 21.33 ? 148  ARG A C   1 
ATOM   1081 O  O   . ARG A 1 168 ? -3.743  15.084  -7.505  1.00 25.27 ? 148  ARG A O   1 
ATOM   1082 C  CB  . ARG A 1 168 ? -5.584  13.498  -6.010  1.00 24.60 ? 148  ARG A CB  1 
ATOM   1083 C  CG  . ARG A 1 168 ? -6.937  13.788  -5.428  1.00 29.52 ? 148  ARG A CG  1 
ATOM   1084 C  CD  . ARG A 1 168 ? -6.959  13.585  -4.026  1.00 26.35 ? 148  ARG A CD  1 
ATOM   1085 N  NE  . ARG A 1 168 ? -6.128  14.510  -3.215  1.00 23.75 ? 148  ARG A NE  1 
ATOM   1086 C  CZ  . ARG A 1 168 ? -6.027  14.236  -1.918  1.00 22.31 ? 148  ARG A CZ  1 
ATOM   1087 N  NH1 . ARG A 1 168 ? -6.716  13.224  -1.413  1.00 20.78 ? 148  ARG A NH1 1 
ATOM   1088 N  NH2 . ARG A 1 168 ? -5.313  14.970  -1.138  1.00 25.18 ? 148  ARG A NH2 1 
ATOM   1089 N  N   . GLY A 1 169 ? -4.170  13.742  -9.256  1.00 18.99 ? 149  GLY A N   1 
ATOM   1090 C  CA  . GLY A 1 169 ? -2.972  14.035  -9.950  1.00 19.99 ? 149  GLY A CA  1 
ATOM   1091 C  C   . GLY A 1 169 ? -1.728  13.328  -9.416  1.00 20.88 ? 149  GLY A C   1 
ATOM   1092 O  O   . GLY A 1 169 ? -0.635  13.686  -9.832  1.00 23.75 ? 149  GLY A O   1 
ATOM   1093 N  N   . ILE A 1 170 ? -1.913  12.283  -8.640  1.00 15.70 ? 150  ILE A N   1 
ATOM   1094 C  CA  . ILE A 1 170 ? -0.785  11.538  -8.084  1.00 15.23 ? 150  ILE A CA  1 
ATOM   1095 C  C   . ILE A 1 170 ? -0.366  10.463  -9.109  1.00 15.75 ? 150  ILE A C   1 
ATOM   1096 O  O   . ILE A 1 170 ? -1.174  9.603   -9.475  1.00 15.33 ? 150  ILE A O   1 
ATOM   1097 C  CB  . ILE A 1 170 ? -1.122  10.931  -6.752  1.00 16.59 ? 150  ILE A CB  1 
ATOM   1098 C  CG1 . ILE A 1 170 ? -1.443  12.063  -5.723  1.00 20.80 ? 150  ILE A CG1 1 
ATOM   1099 C  CG2 . ILE A 1 170 ? -0.008  10.016  -6.259  1.00 15.18 ? 150  ILE A CG2 1 
ATOM   1100 C  CD1 . ILE A 1 170 ? -2.156  11.475  -4.589  1.00 22.02 ? 150  ILE A CD1 1 
ATOM   1101 N  N   . PRO A 1 171 ? 0.919   10.460  -9.511  1.00 15.09 ? 151  PRO A N   1 
ATOM   1102 C  CA  . PRO A 1 171 ? 1.351   9.389   -10.417 1.00 16.41 ? 151  PRO A CA  1 
ATOM   1103 C  C   . PRO A 1 171 ? 1.259   7.999   -9.734  1.00 15.67 ? 151  PRO A C   1 
ATOM   1104 O  O   . PRO A 1 171 ? 1.664   7.842   -8.589  1.00 15.37 ? 151  PRO A O   1 
ATOM   1105 C  CB  . PRO A 1 171 ? 2.808   9.700   -10.689 1.00 18.18 ? 151  PRO A CB  1 
ATOM   1106 C  CG  . PRO A 1 171 ? 3.028   11.152  -10.225 1.00 17.78 ? 151  PRO A CG  1 
ATOM   1107 C  CD  . PRO A 1 171 ? 2.021   11.391  -9.164  1.00 16.71 ? 151  PRO A CD  1 
ATOM   1108 N  N   . VAL A 1 172 ? 0.774   6.993   -10.465 1.00 13.17 ? 152  VAL A N   1 
ATOM   1109 C  CA  . VAL A 1 172 ? 0.687   5.681   -9.958  1.00 13.75 ? 152  VAL A CA  1 
ATOM   1110 C  C   . VAL A 1 172 ? 1.292   4.676   -10.928 1.00 14.24 ? 152  VAL A C   1 
ATOM   1111 O  O   . VAL A 1 172 ? 1.060   4.739   -12.159 1.00 13.66 ? 152  VAL A O   1 
ATOM   1112 C  CB  . VAL A 1 172 ? -0.782  5.299   -9.730  1.00 13.01 ? 152  VAL A CB  1 
ATOM   1113 C  CG1 . VAL A 1 172 ? -0.886  3.825   -9.389  1.00 14.92 ? 152  VAL A CG1 1 
ATOM   1114 C  CG2 . VAL A 1 172 ? -1.399  6.115   -8.615  1.00 14.15 ? 152  VAL A CG2 1 
ATOM   1115 N  N   . THR A 1 173 ? 2.059   3.773   -10.399 1.00 11.93 ? 153  THR A N   1 
ATOM   1116 C  CA  . THR A 1 173 ? 2.522   2.622   -11.162 1.00 13.33 ? 153  THR A CA  1 
ATOM   1117 C  C   . THR A 1 173 ? 2.140   1.340   -10.456 1.00 14.57 ? 153  THR A C   1 
ATOM   1118 O  O   . THR A 1 173 ? 2.303   1.152   -9.250  1.00 13.23 ? 153  THR A O   1 
ATOM   1119 C  CB  . THR A 1 173 ? 4.041   2.687   -11.319 1.00 13.87 ? 153  THR A CB  1 
ATOM   1120 O  OG1 . THR A 1 173 ? 4.509   3.944   -11.839 1.00 14.64 ? 153  THR A OG1 1 
ATOM   1121 C  CG2 . THR A 1 173 ? 4.623   1.497   -12.099 1.00 16.05 ? 153  THR A CG2 1 
ATOM   1122 N  N   . VAL A 1 174 ? 1.555   0.383   -11.231 1.00 13.78 ? 154  VAL A N   1 
ATOM   1123 C  CA  . VAL A 1 174 ? 1.078   -0.895  -10.759 1.00 14.42 ? 154  VAL A CA  1 
ATOM   1124 C  C   . VAL A 1 174 ? 1.990   -1.991  -11.312 1.00 15.36 ? 154  VAL A C   1 
ATOM   1125 O  O   . VAL A 1 174 ? 2.235   -2.051  -12.515 1.00 15.42 ? 154  VAL A O   1 
ATOM   1126 C  CB  . VAL A 1 174 ? -0.378  -1.154  -11.221 1.00 14.88 ? 154  VAL A CB  1 
ATOM   1127 C  CG1 . VAL A 1 174 ? -0.888  -2.559  -11.005 1.00 16.22 ? 154  VAL A CG1 1 
ATOM   1128 C  CG2 . VAL A 1 174 ? -1.309  -0.115  -10.622 1.00 15.33 ? 154  VAL A CG2 1 
ATOM   1129 N  N   . TYR A 1 175 ? 2.519   -2.789  -10.387 1.00 14.80 ? 155  TYR A N   1 
ATOM   1130 C  CA  . TYR A 1 175 ? 3.570   -3.789  -10.743 1.00 14.76 ? 155  TYR A CA  1 
ATOM   1131 C  C   . TYR A 1 175 ? 3.045   -5.214  -10.685 1.00 14.90 ? 155  TYR A C   1 
ATOM   1132 O  O   . TYR A 1 175 ? 2.375   -5.670  -9.779  1.00 16.27 ? 155  TYR A O   1 
ATOM   1133 C  CB  . TYR A 1 175 ? 4.713   -3.657  -9.703  1.00 17.26 ? 155  TYR A CB  1 
ATOM   1134 C  CG  . TYR A 1 175 ? 5.436   -2.394  -9.719  1.00 15.75 ? 155  TYR A CG  1 
ATOM   1135 C  CD1 . TYR A 1 175 ? 4.882   -1.233  -9.121  1.00 15.71 ? 155  TYR A CD1 1 
ATOM   1136 C  CD2 . TYR A 1 175 ? 6.714   -2.249  -10.297 1.00 14.35 ? 155  TYR A CD2 1 
ATOM   1137 C  CE1 . TYR A 1 175 ? 5.548   -0.039  -9.151  1.00 14.10 ? 155  TYR A CE1 1 
ATOM   1138 C  CE2 . TYR A 1 175 ? 7.393   -1.022  -10.304 1.00 17.60 ? 155  TYR A CE2 1 
ATOM   1139 C  CZ  . TYR A 1 175 ? 6.815   0.096   -9.682  1.00 14.86 ? 155  TYR A CZ  1 
ATOM   1140 O  OH  . TYR A 1 175 ? 7.522   1.283   -9.719  1.00 14.91 ? 155  TYR A OH  1 
ATOM   1141 N  N   . ASP A 1 176 ? 3.386   -5.937  -11.754 1.00 19.00 ? 156  ASP A N   1 
ATOM   1142 C  CA  A ASP A 1 176 ? 3.212   -7.400  -11.753 0.61 18.72 ? 156  ASP A CA  1 
ATOM   1143 C  CA  B ASP A 1 176 ? 3.259   -7.374  -11.853 0.39 17.86 ? 156  ASP A CA  1 
ATOM   1144 C  C   . ASP A 1 176 ? 4.553   -8.121  -11.487 1.00 17.28 ? 156  ASP A C   1 
ATOM   1145 O  O   . ASP A 1 176 ? 5.525   -7.809  -12.043 1.00 19.81 ? 156  ASP A O   1 
ATOM   1146 C  CB  A ASP A 1 176 ? 2.644   -7.898  -13.094 0.61 20.74 ? 156  ASP A CB  1 
ATOM   1147 C  CB  B ASP A 1 176 ? 3.023   -7.713  -13.313 0.39 17.74 ? 156  ASP A CB  1 
ATOM   1148 C  CG  A ASP A 1 176 ? 1.866   -9.263  -13.008 0.61 21.24 ? 156  ASP A CG  1 
ATOM   1149 C  CG  B ASP A 1 176 ? 1.703   -7.148  -13.863 0.39 17.20 ? 156  ASP A CG  1 
ATOM   1150 O  OD1 A ASP A 1 176 ? 1.561   -9.818  -11.888 0.61 17.36 ? 156  ASP A OD1 1 
ATOM   1151 O  OD1 B ASP A 1 176 ? 1.309   -6.019  -13.511 0.39 18.67 ? 156  ASP A OD1 1 
ATOM   1152 O  OD2 A ASP A 1 176 ? 1.507   -9.768  -14.127 0.61 20.32 ? 156  ASP A OD2 1 
ATOM   1153 O  OD2 B ASP A 1 176 ? 1.133   -7.774  -14.743 0.39 16.03 ? 156  ASP A OD2 1 
ATOM   1154 N  N   . HIS A 1 177 ? 4.448   -9.099  -10.592 1.00 24.83 ? 157  HIS A N   1 
ATOM   1155 C  CA  . HIS A 1 177 ? 5.572   -9.991  -10.108 1.00 29.58 ? 157  HIS A CA  1 
ATOM   1156 C  C   . HIS A 1 177 ? 4.950   -11.216 -9.331  1.00 30.71 ? 157  HIS A C   1 
ATOM   1157 O  O   . HIS A 1 177 ? 3.807   -11.148 -8.825  1.00 36.92 ? 157  HIS A O   1 
ATOM   1158 C  CB  . HIS A 1 177 ? 6.487   -9.234  -9.183  1.00 27.23 ? 157  HIS A CB  1 
ATOM   1159 C  CG  . HIS A 1 177 ? 7.904   -9.775  -9.082  1.00 31.47 ? 157  HIS A CG  1 
ATOM   1160 N  ND1 . HIS A 1 177 ? 8.224   -10.913 -8.370  1.00 34.48 ? 157  HIS A ND1 1 
ATOM   1161 C  CD2 . HIS A 1 177 ? 9.100   -9.238  -9.467  1.00 29.91 ? 157  HIS A CD2 1 
ATOM   1162 C  CE1 . HIS A 1 177 ? 9.533   -11.127 -8.438  1.00 30.85 ? 157  HIS A CE1 1 
ATOM   1163 N  NE2 . HIS A 1 177 ? 10.095  -10.113 -9.069  1.00 28.38 ? 157  HIS A NE2 1 
ATOM   1164 N  N   . GLY A 1 178 ? 5.692   -12.322 -9.255  1.00 32.46 ? 158  GLY A N   1 
ATOM   1165 C  CA  . GLY A 1 178 ? 5.209   -13.491 -8.551  1.00 31.06 ? 158  GLY A CA  1 
ATOM   1166 C  C   . GLY A 1 178 ? 5.150   -13.323 -7.061  1.00 31.75 ? 158  GLY A C   1 
ATOM   1167 O  O   . GLY A 1 178 ? 4.457   -14.111 -6.462  1.00 28.54 ? 158  GLY A O   1 
HETATM 1168 NA NA  . NA  B 2 .   ? 1.115   -4.330  -14.134 1.00 30.46 ? 1000 NA  A NA  1 
HETATM 1169 NA NA  . NA  C 2 .   ? 2.469   -8.768  -16.317 1.00 35.89 ? 1001 NA  A NA  1 
HETATM 1170 C  C1  . EDO D 3 .   ? -0.260  -12.840 5.856   1.00 17.97 ? 1002 EDO A C1  1 
HETATM 1171 O  O1  . EDO D 3 .   ? 0.910   -12.277 5.294   1.00 14.54 ? 1002 EDO A O1  1 
HETATM 1172 C  C2  . EDO D 3 .   ? -0.092  -14.333 6.083   1.00 19.27 ? 1002 EDO A C2  1 
HETATM 1173 O  O2  . EDO D 3 .   ? 0.906   -14.647 7.059   1.00 17.05 ? 1002 EDO A O2  1 
HETATM 1174 O  O   . HOH E 4 .   ? -2.564  7.723   -11.310 1.00 25.81 ? 1101 HOH A O   1 
HETATM 1175 O  O   . HOH E 4 .   ? -8.369  3.468   12.933  1.00 29.95 ? 1102 HOH A O   1 
HETATM 1176 O  O   . HOH E 4 .   ? -8.505  0.820   21.442  1.00 31.54 ? 1103 HOH A O   1 
HETATM 1177 O  O   . HOH E 4 .   ? -10.894 -5.298  12.072  1.00 30.37 ? 1104 HOH A O   1 
HETATM 1178 O  O   . HOH E 4 .   ? 14.504  -7.174  6.491   1.00 21.77 ? 1105 HOH A O   1 
HETATM 1179 O  O   . HOH E 4 .   ? -1.684  7.523   9.109   1.00 31.48 ? 1106 HOH A O   1 
HETATM 1180 O  O   . HOH E 4 .   ? 17.947  -3.515  1.043   1.00 29.74 ? 1107 HOH A O   1 
HETATM 1181 O  O   . HOH E 4 .   ? 1.211   7.936   -13.403 1.00 36.97 ? 1108 HOH A O   1 
HETATM 1182 O  O   . HOH E 4 .   ? 14.771  0.100   -9.651  1.00 36.19 ? 1109 HOH A O   1 
HETATM 1183 O  O   . HOH E 4 .   ? -2.123  16.115  -5.693  1.00 42.17 ? 1110 HOH A O   1 
HETATM 1184 O  O   . HOH E 4 .   ? 6.481   3.886   -13.612 1.00 40.15 ? 1111 HOH A O   1 
HETATM 1185 O  O   . HOH E 4 .   ? 9.470   1.839   -11.458 1.00 40.54 ? 1112 HOH A O   1 
HETATM 1186 O  O   . HOH E 4 .   ? 1.784   7.010   -17.174 1.00 49.74 ? 1113 HOH A O   1 
HETATM 1187 O  O   . HOH E 4 .   ? -3.024  -3.806  22.394  1.00 23.62 ? 1114 HOH A O   1 
HETATM 1188 O  O   . HOH E 4 .   ? -1.368  5.056   11.626  1.00 34.36 ? 1115 HOH A O   1 
HETATM 1189 O  O   . HOH E 4 .   ? -3.080  -8.465  1.336   1.00 28.69 ? 1116 HOH A O   1 
HETATM 1190 O  O   . HOH E 4 .   ? -5.286  11.701  5.669   1.00 25.49 ? 1117 HOH A O   1 
HETATM 1191 O  O   . HOH E 4 .   ? 2.254   -9.710  14.312  1.00 17.49 ? 1118 HOH A O   1 
HETATM 1192 O  O   . HOH E 4 .   ? 8.357   10.332  -7.445  1.00 20.70 ? 1119 HOH A O   1 
HETATM 1193 O  O   . HOH E 4 .   ? 11.635  -6.487  10.864  1.00 20.18 ? 1120 HOH A O   1 
HETATM 1194 O  O   . HOH E 4 .   ? 6.381   -16.671 6.485   1.00 27.69 ? 1121 HOH A O   1 
HETATM 1195 O  O   . HOH E 4 .   ? -2.378  16.433  1.514   1.00 22.84 ? 1122 HOH A O   1 
HETATM 1196 O  O   . HOH E 4 .   ? 11.864  -8.697  9.118   1.00 36.76 ? 1123 HOH A O   1 
HETATM 1197 O  O   . HOH E 4 .   ? 13.785  0.886   -3.178  1.00 32.45 ? 1124 HOH A O   1 
HETATM 1198 O  O   . HOH E 4 .   ? 7.683   -4.907  16.228  1.00 17.96 ? 1125 HOH A O   1 
HETATM 1199 O  O   . HOH E 4 .   ? 8.993   16.238  -1.364  1.00 32.38 ? 1126 HOH A O   1 
HETATM 1200 O  O   . HOH E 4 .   ? 9.416   -12.141 11.392  1.00 21.57 ? 1127 HOH A O   1 
HETATM 1201 O  O   . HOH E 4 .   ? 15.819  0.983   5.704   1.00 24.00 ? 1128 HOH A O   1 
HETATM 1202 O  O   . HOH E 4 .   ? 0.059   -9.928  4.186   1.00 14.79 ? 1129 HOH A O   1 
HETATM 1203 O  O   . HOH E 4 .   ? 9.103   14.270  -5.079  1.00 26.71 ? 1130 HOH A O   1 
HETATM 1204 O  O   . HOH E 4 .   ? 1.653   -7.927  16.342  1.00 17.09 ? 1131 HOH A O   1 
HETATM 1205 O  O   . HOH E 4 .   ? 6.915   12.530  -7.388  1.00 33.97 ? 1132 HOH A O   1 
HETATM 1206 O  O   . HOH E 4 .   ? -2.670  -10.525 4.229   1.00 21.72 ? 1133 HOH A O   1 
HETATM 1207 O  O   . HOH E 4 .   ? -7.328  0.440   17.526  1.00 27.99 ? 1134 HOH A O   1 
HETATM 1208 O  O   . HOH E 4 .   ? -7.612  -7.092  15.090  1.00 32.50 ? 1135 HOH A O   1 
HETATM 1209 O  O   . HOH E 4 .   ? -11.414 8.174   0.892   1.00 26.25 ? 1136 HOH A O   1 
HETATM 1210 O  O   . HOH E 4 .   ? 19.337  0.432   0.844   1.00 44.69 ? 1137 HOH A O   1 
HETATM 1211 O  O   . HOH E 4 .   ? 15.416  8.694   -4.514  1.00 32.51 ? 1138 HOH A O   1 
HETATM 1212 O  O   . HOH E 4 .   ? -8.631  14.353  1.694   1.00 23.53 ? 1139 HOH A O   1 
HETATM 1213 O  O   . HOH E 4 .   ? 9.576   -5.130  6.354   1.00 12.11 ? 1140 HOH A O   1 
HETATM 1214 O  O   . HOH E 4 .   ? 11.769  -9.901  -3.208  1.00 28.97 ? 1141 HOH A O   1 
HETATM 1215 O  O   . HOH E 4 .   ? 4.221   -8.426  17.865  1.00 32.35 ? 1142 HOH A O   1 
HETATM 1216 O  O   . HOH E 4 .   ? -8.308  11.088  -2.669  1.00 18.76 ? 1143 HOH A O   1 
HETATM 1217 O  O   . HOH E 4 .   ? 11.682  4.342   9.733   1.00 16.76 ? 1144 HOH A O   1 
HETATM 1218 O  O   . HOH E 4 .   ? -3.043  10.348  5.479   1.00 20.52 ? 1145 HOH A O   1 
HETATM 1219 O  O   . HOH E 4 .   ? 11.164  -11.728 3.585   1.00 25.58 ? 1146 HOH A O   1 
HETATM 1220 O  O   . HOH E 4 .   ? 4.164   1.676   -18.601 1.00 42.78 ? 1147 HOH A O   1 
HETATM 1221 O  O   . HOH E 4 .   ? 7.810   -7.630  -5.466  1.00 34.51 ? 1148 HOH A O   1 
HETATM 1222 O  O   . HOH E 4 .   ? 4.199   6.105   -10.110 1.00 17.29 ? 1149 HOH A O   1 
HETATM 1223 O  O   . HOH E 4 .   ? 4.497   9.636   7.669   1.00 29.04 ? 1150 HOH A O   1 
HETATM 1224 O  O   . HOH E 4 .   ? -13.533 -4.367  -14.330 1.00 37.56 ? 1151 HOH A O   1 
HETATM 1225 O  O   . HOH E 4 .   ? 0.690   -6.692  1.048   1.00 12.45 ? 1152 HOH A O   1 
HETATM 1226 O  O   . HOH E 4 .   ? -9.578  8.508   3.147   1.00 16.36 ? 1153 HOH A O   1 
HETATM 1227 O  O   . HOH E 4 .   ? -8.993  -9.088  -16.278 1.00 36.10 ? 1154 HOH A O   1 
HETATM 1228 O  O   . HOH E 4 .   ? 2.865   -5.888  -15.851 1.00 29.52 ? 1155 HOH A O   1 
HETATM 1229 O  O   . HOH E 4 .   ? -0.508  -8.041  6.322   1.00 14.51 ? 1156 HOH A O   1 
HETATM 1230 O  O   . HOH E 4 .   ? -11.044 -2.520  12.072  1.00 23.79 ? 1157 HOH A O   1 
HETATM 1231 O  O   . HOH E 4 .   ? -6.681  6.103   -13.382 1.00 23.39 ? 1158 HOH A O   1 
HETATM 1232 O  O   . HOH E 4 .   ? -14.406 -2.575  -12.167 1.00 27.42 ? 1159 HOH A O   1 
HETATM 1233 O  O   . HOH E 4 .   ? 1.292   1.077   -18.799 1.00 26.90 ? 1160 HOH A O   1 
HETATM 1234 O  O   . HOH E 4 .   ? 2.335   13.553  -6.201  1.00 24.27 ? 1161 HOH A O   1 
HETATM 1235 O  O   . HOH E 4 .   ? -13.679 2.924   5.968   1.00 38.91 ? 1162 HOH A O   1 
HETATM 1236 O  O   . HOH E 4 .   ? -7.767  -8.068  18.771  1.00 37.38 ? 1163 HOH A O   1 
HETATM 1237 O  O   . HOH E 4 .   ? 10.000  0.044   12.218  1.00 20.50 ? 1164 HOH A O   1 
HETATM 1238 O  O   . HOH E 4 .   ? 3.247   16.207  7.000   1.00 25.17 ? 1165 HOH A O   1 
HETATM 1239 O  O   . HOH E 4 .   ? 4.349   0.984   14.940  1.00 32.57 ? 1166 HOH A O   1 
HETATM 1240 O  O   . HOH E 4 .   ? 12.253  -7.194  -2.491  1.00 18.28 ? 1167 HOH A O   1 
HETATM 1241 O  O   . HOH E 4 .   ? 1.160   2.396   19.091  1.00 30.89 ? 1168 HOH A O   1 
HETATM 1242 O  O   . HOH E 4 .   ? 11.443  -14.232 2.449   1.00 32.04 ? 1169 HOH A O   1 
HETATM 1243 O  O   . HOH E 4 .   ? 8.695   -11.638 7.145   1.00 34.63 ? 1170 HOH A O   1 
HETATM 1244 O  O   . HOH E 4 .   ? 0.894   -2.883  24.365  1.00 40.17 ? 1171 HOH A O   1 
HETATM 1245 O  O   . HOH E 4 .   ? -8.789  11.036  2.297   1.00 21.43 ? 1172 HOH A O   1 
HETATM 1246 O  O   . HOH E 4 .   ? 17.913  3.047   4.654   1.00 29.03 ? 1173 HOH A O   1 
HETATM 1247 O  O   . HOH E 4 .   ? 3.111   6.546   -13.513 1.00 28.50 ? 1174 HOH A O   1 
HETATM 1248 O  O   . HOH E 4 .   ? 3.399   0.946   18.480  1.00 37.46 ? 1175 HOH A O   1 
HETATM 1249 O  O   . HOH E 4 .   ? 11.126  -2.525  -10.347 1.00 44.75 ? 1176 HOH A O   1 
HETATM 1250 O  O   . HOH E 4 .   ? -4.333  16.618  -4.037  1.00 43.81 ? 1177 HOH A O   1 
HETATM 1251 O  O   . HOH E 4 .   ? 0.597   19.505  3.765   1.00 40.97 ? 1178 HOH A O   1 
HETATM 1252 O  O   . HOH E 4 .   ? -16.681 -2.593  2.124   1.00 35.72 ? 1179 HOH A O   1 
HETATM 1253 O  O   . HOH E 4 .   ? -10.288 -9.823  11.445  1.00 37.01 ? 1180 HOH A O   1 
HETATM 1254 O  O   . HOH E 4 .   ? -4.589  6.140   9.108   1.00 16.39 ? 1181 HOH A O   1 
HETATM 1255 O  O   . HOH E 4 .   ? 6.201   -6.236  -7.189  1.00 28.20 ? 1182 HOH A O   1 
HETATM 1256 O  O   . HOH E 4 .   ? -1.426  -4.883  -2.058  1.00 22.95 ? 1183 HOH A O   1 
HETATM 1257 O  O   . HOH E 4 .   ? -0.970  -13.044 2.093   1.00 31.48 ? 1184 HOH A O   1 
HETATM 1258 O  O   . HOH E 4 .   ? 8.312   -15.265 -0.774  1.00 34.62 ? 1185 HOH A O   1 
HETATM 1259 O  O   . HOH E 4 .   ? 12.570  10.022  -13.056 1.00 49.56 ? 1186 HOH A O   1 
HETATM 1260 O  O   . HOH E 4 .   ? -12.278 7.130   7.684   1.00 34.94 ? 1187 HOH A O   1 
HETATM 1261 O  O   . HOH E 4 .   ? -2.341  -3.079  -4.119  1.00 41.40 ? 1188 HOH A O   1 
HETATM 1262 O  O   . HOH E 4 .   ? 7.138   8.294   8.467   1.00 33.32 ? 1189 HOH A O   1 
HETATM 1263 O  O   . HOH E 4 .   ? 17.562  -1.950  -1.532  1.00 28.25 ? 1190 HOH A O   1 
HETATM 1264 O  O   . HOH E 4 .   ? 0.724   13.802  -12.465 1.00 56.20 ? 1191 HOH A O   1 
HETATM 1265 O  O   . HOH E 4 .   ? 9.150   5.836   9.755   1.00 12.75 ? 1192 HOH A O   1 
HETATM 1266 O  O   . HOH E 4 .   ? 16.198  0.578   -1.714  1.00 34.31 ? 1193 HOH A O   1 
HETATM 1267 O  O   . HOH E 4 .   ? 7.331   -3.503  -17.776 1.00 30.00 ? 1194 HOH A O   1 
HETATM 1268 O  O   . HOH E 4 .   ? -1.106  13.576  5.358   1.00 28.43 ? 1195 HOH A O   1 
HETATM 1269 O  O   . HOH E 4 .   ? -5.056  6.149   -15.626 1.00 23.55 ? 1196 HOH A O   1 
HETATM 1270 O  O   . HOH E 4 .   ? -14.324 3.361   -0.581  1.00 36.68 ? 1197 HOH A O   1 
HETATM 1271 O  O   . HOH E 4 .   ? -9.213  -15.143 9.086   1.00 31.03 ? 1198 HOH A O   1 
HETATM 1272 O  O   . HOH E 4 .   ? 16.340  -6.679  -6.286  1.00 35.01 ? 1199 HOH A O   1 
HETATM 1273 O  O   . HOH E 4 .   ? 16.969  -6.570  -1.080  1.00 46.36 ? 1200 HOH A O   1 
HETATM 1274 O  O   . HOH E 4 .   ? 15.718  2.624   11.029  1.00 35.55 ? 1201 HOH A O   1 
HETATM 1275 O  O   . HOH E 4 .   ? -4.638  -8.106  -11.532 1.00 25.88 ? 1202 HOH A O   1 
HETATM 1276 O  O   . HOH E 4 .   ? -10.019 9.077   5.674   1.00 22.58 ? 1203 HOH A O   1 
HETATM 1277 O  O   . HOH E 4 .   ? -16.265 -5.070  0.976   1.00 40.01 ? 1204 HOH A O   1 
HETATM 1278 O  O   . HOH E 4 .   ? 15.857  7.546   -1.621  1.00 13.11 ? 1205 HOH A O   1 
HETATM 1279 O  O   . HOH E 4 .   ? -11.049 14.245  -1.974  1.00 37.41 ? 1206 HOH A O   1 
HETATM 1280 O  O   . HOH E 4 .   ? 2.337   6.788   10.121  1.00 15.54 ? 1207 HOH A O   1 
HETATM 1281 O  O   . HOH E 4 .   ? 1.250   -9.368  1.524   1.00 12.91 ? 1208 HOH A O   1 
HETATM 1282 O  O   . HOH E 4 .   ? 18.282  0.047   3.288   1.00 32.51 ? 1209 HOH A O   1 
HETATM 1283 O  O   . HOH E 4 .   ? 13.573  2.976   -4.706  1.00 30.02 ? 1210 HOH A O   1 
HETATM 1284 O  O   . HOH E 4 .   ? 9.220   -11.565 -12.328 1.00 30.37 ? 1211 HOH A O   1 
HETATM 1285 O  O   . HOH E 4 .   ? 5.204   -15.851 -0.335  1.00 27.86 ? 1212 HOH A O   1 
HETATM 1286 O  O   . HOH E 4 .   ? -2.847  5.886   24.237  1.00 44.06 ? 1213 HOH A O   1 
HETATM 1287 O  O   . HOH E 4 .   ? -8.315  -1.640  18.988  1.00 28.68 ? 1214 HOH A O   1 
HETATM 1288 O  O   . HOH E 4 .   ? -2.148  -9.875  19.858  1.00 22.52 ? 1215 HOH A O   1 
HETATM 1289 O  O   . HOH E 4 .   ? -14.514 -2.352  5.608   1.00 33.33 ? 1216 HOH A O   1 
HETATM 1290 O  O   . HOH E 4 .   ? 2.779   3.957   13.843  1.00 37.49 ? 1217 HOH A O   1 
HETATM 1291 O  O   . HOH E 4 .   ? -8.249  10.740  6.980   1.00 42.63 ? 1218 HOH A O   1 
HETATM 1292 O  O   . HOH E 4 .   ? -12.958 7.809   3.596   1.00 37.23 ? 1219 HOH A O   1 
HETATM 1293 O  O   . HOH E 4 .   ? 15.287  17.202  2.482   1.00 25.21 ? 1220 HOH A O   1 
HETATM 1294 O  O   . HOH E 4 .   ? -9.103  2.546   17.466  1.00 39.59 ? 1221 HOH A O   1 
HETATM 1295 O  O   . HOH E 4 .   ? 0.713   1.283   22.008  1.00 37.65 ? 1222 HOH A O   1 
HETATM 1296 O  O   . HOH E 4 .   ? 13.768  -11.425 4.470   1.00 38.47 ? 1223 HOH A O   1 
HETATM 1297 O  O   . HOH E 4 .   ? -4.407  -11.006 21.624  1.00 32.22 ? 1224 HOH A O   1 
HETATM 1298 O  O   . HOH E 4 .   ? 6.298   7.463   -10.997 1.00 33.32 ? 1225 HOH A O   1 
HETATM 1299 O  O   . HOH E 4 .   ? 6.735   -14.871 9.262   1.00 36.41 ? 1226 HOH A O   1 
HETATM 1300 O  O   . HOH E 4 .   ? 11.842  -12.065 -11.392 1.00 21.49 ? 1227 HOH A O   1 
HETATM 1301 O  O   . HOH E 4 .   ? -13.733 0.020   6.714   1.00 47.13 ? 1228 HOH A O   1 
HETATM 1302 O  O   . HOH E 4 .   ? -6.053  9.917   9.050   1.00 43.41 ? 1229 HOH A O   1 
HETATM 1303 O  O   . HOH E 4 .   ? 14.970  -7.805  -2.488  1.00 31.58 ? 1230 HOH A O   1 
HETATM 1304 O  O   . HOH E 4 .   ? 9.662   -9.844  -5.222  1.00 41.97 ? 1231 HOH A O   1 
HETATM 1305 O  O   . HOH E 4 .   ? -1.068  18.548  -0.019  1.00 37.79 ? 1232 HOH A O   1 
HETATM 1306 O  O   . HOH E 4 .   ? 9.403   -7.790  12.700  1.00 22.38 ? 1233 HOH A O   1 
HETATM 1307 O  O   . HOH E 4 .   ? 13.686  -2.541  11.904  1.00 26.43 ? 1234 HOH A O   1 
HETATM 1308 O  O   . HOH E 4 .   ? 8.967   -0.146  14.860  1.00 28.43 ? 1235 HOH A O   1 
HETATM 1309 O  O   . HOH E 4 .   ? -9.429  15.718  -0.592  1.00 41.85 ? 1236 HOH A O   1 
HETATM 1310 O  O   . HOH E 4 .   ? 9.232   -2.420  16.884  1.00 40.66 ? 1237 HOH A O   1 
HETATM 1311 O  O   . HOH E 4 .   ? 3.790   5.803   12.050  1.00 37.77 ? 1238 HOH A O   1 
HETATM 1312 O  O   . HOH E 4 .   ? -9.335  -6.028  18.954  1.00 46.81 ? 1239 HOH A O   1 
HETATM 1313 O  O   . HOH E 4 .   ? -6.397  17.444  -5.895  1.00 43.24 ? 1240 HOH A O   1 
HETATM 1314 O  O   . HOH E 4 .   ? 10.366  -10.367 13.348  1.00 32.77 ? 1241 HOH A O   1 
HETATM 1315 O  O   . HOH E 4 .   ? 4.181   13.963  -8.312  1.00 43.84 ? 1242 HOH A O   1 
HETATM 1316 O  O   . HOH E 4 .   ? -4.427  12.323  -14.560 1.00 48.83 ? 1243 HOH A O   1 
HETATM 1317 O  O   . HOH E 4 .   ? -2.821  15.384  4.987   1.00 47.88 ? 1244 HOH A O   1 
HETATM 1318 O  O   . HOH E 4 .   ? 16.586  -8.403  -4.310  1.00 41.11 ? 1245 HOH A O   1 
HETATM 1319 O  O   . HOH E 4 .   ? 0.468   15.583  -5.585  1.00 34.14 ? 1246 HOH A O   1 
HETATM 1320 O  O   . HOH E 4 .   ? -4.576  14.795  -13.288 1.00 47.37 ? 1247 HOH A O   1 
HETATM 1321 O  O   . HOH E 4 .   ? 13.515  -5.553  12.668  1.00 27.81 ? 1248 HOH A O   1 
HETATM 1322 O  O   . HOH E 4 .   ? 18.300  0.680   5.539   1.00 33.98 ? 1249 HOH A O   1 
HETATM 1323 O  O   . HOH E 4 .   ? 6.652   10.471  -11.286 1.00 37.03 ? 1250 HOH A O   1 
HETATM 1324 O  O   . HOH E 4 .   ? 8.680   2.677   -14.095 1.00 36.63 ? 1251 HOH A O   1 
HETATM 1325 O  O   . HOH E 4 .   ? -7.512  11.884  -14.579 0.50 34.39 ? 1252 HOH A O   1 
HETATM 1326 O  O   . HOH E 4 .   ? -3.412  8.823   7.748   1.00 23.64 ? 1253 HOH A O   1 
HETATM 1327 O  O   . HOH E 4 .   ? -2.857  -8.862  -1.201  1.00 33.31 ? 1254 HOH A O   1 
HETATM 1328 O  O   . HOH E 4 .   ? 9.467   -6.926  15.207  1.00 25.05 ? 1255 HOH A O   1 
HETATM 1329 O  O   . HOH E 4 .   ? 7.206   1.668   15.059  1.00 47.55 ? 1256 HOH A O   1 
HETATM 1330 O  O   . HOH E 4 .   ? 10.302  2.736   11.671  1.00 26.26 ? 1257 HOH A O   1 
HETATM 1331 O  O   . HOH E 4 .   ? 12.287  -1.003  13.476  1.00 29.94 ? 1258 HOH A O   1 
HETATM 1332 O  O   . HOH E 4 .   ? -1.817  4.157   26.341  1.00 37.99 ? 1259 HOH A O   1 
HETATM 1333 O  O   . HOH E 4 .   ? 13.730  1.472   14.102  1.00 42.17 ? 1260 HOH A O   1 
HETATM 1334 O  O   . HOH E 4 .   ? 11.935  -6.037  15.897  1.00 51.68 ? 1261 HOH A O   1 
# 
